data_3HKF
# 
_entry.id   3HKF 
# 
_audit_conform.dict_name       mmcif_pdbx.dic 
_audit_conform.dict_version    5.398 
_audit_conform.dict_location   http://mmcif.pdb.org/dictionaries/ascii/mmcif_pdbx.dic 
# 
loop_
_database_2.database_id 
_database_2.database_code 
_database_2.pdbx_database_accession 
_database_2.pdbx_DOI 
PDB   3HKF         pdb_00003hkf 10.2210/pdb3hkf/pdb 
RCSB  RCSB053242   ?            ?                   
WWPDB D_1000053242 ?            ?                   
# 
loop_
_pdbx_audit_revision_history.ordinal 
_pdbx_audit_revision_history.data_content_type 
_pdbx_audit_revision_history.major_revision 
_pdbx_audit_revision_history.minor_revision 
_pdbx_audit_revision_history.revision_date 
1 'Structure model' 1 0 2009-11-10 
2 'Structure model' 1 1 2011-07-13 
3 'Structure model' 1 2 2021-11-10 
4 'Structure model' 1 3 2023-11-01 
5 'Structure model' 1 4 2024-10-30 
# 
_pdbx_audit_revision_details.ordinal             1 
_pdbx_audit_revision_details.revision_ordinal    1 
_pdbx_audit_revision_details.data_content_type   'Structure model' 
_pdbx_audit_revision_details.provider            repository 
_pdbx_audit_revision_details.type                'Initial release' 
_pdbx_audit_revision_details.description         ? 
_pdbx_audit_revision_details.details             ? 
# 
loop_
_pdbx_audit_revision_group.ordinal 
_pdbx_audit_revision_group.revision_ordinal 
_pdbx_audit_revision_group.data_content_type 
_pdbx_audit_revision_group.group 
1 2 'Structure model' 'Version format compliance' 
2 3 'Structure model' 'Database references'       
3 3 'Structure model' 'Derived calculations'      
4 4 'Structure model' 'Data collection'           
5 4 'Structure model' 'Refinement description'    
6 5 'Structure model' 'Structure summary'         
# 
loop_
_pdbx_audit_revision_category.ordinal 
_pdbx_audit_revision_category.revision_ordinal 
_pdbx_audit_revision_category.data_content_type 
_pdbx_audit_revision_category.category 
1 3 'Structure model' database_2                    
2 3 'Structure model' struct_conn                   
3 3 'Structure model' struct_ref_seq_dif            
4 3 'Structure model' struct_site                   
5 4 'Structure model' chem_comp_atom                
6 4 'Structure model' chem_comp_bond                
7 4 'Structure model' pdbx_initial_refinement_model 
8 5 'Structure model' pdbx_entry_details            
9 5 'Structure model' pdbx_modification_feature     
# 
loop_
_pdbx_audit_revision_item.ordinal 
_pdbx_audit_revision_item.revision_ordinal 
_pdbx_audit_revision_item.data_content_type 
_pdbx_audit_revision_item.item 
1  3 'Structure model' '_database_2.pdbx_DOI'                
2  3 'Structure model' '_database_2.pdbx_database_accession' 
3  3 'Structure model' '_struct_conn.ptnr1_auth_comp_id'     
4  3 'Structure model' '_struct_conn.ptnr1_auth_seq_id'      
5  3 'Structure model' '_struct_conn.ptnr1_label_asym_id'    
6  3 'Structure model' '_struct_conn.ptnr1_label_atom_id'    
7  3 'Structure model' '_struct_conn.ptnr1_label_comp_id'    
8  3 'Structure model' '_struct_conn.ptnr1_label_seq_id'     
9  3 'Structure model' '_struct_conn.ptnr2_auth_comp_id'     
10 3 'Structure model' '_struct_conn.ptnr2_auth_seq_id'      
11 3 'Structure model' '_struct_conn.ptnr2_label_asym_id'    
12 3 'Structure model' '_struct_conn.ptnr2_label_atom_id'    
13 3 'Structure model' '_struct_conn.ptnr2_label_comp_id'    
14 3 'Structure model' '_struct_conn.ptnr2_label_seq_id'     
15 3 'Structure model' '_struct_ref_seq_dif.details'         
16 3 'Structure model' '_struct_site.pdbx_auth_asym_id'      
17 3 'Structure model' '_struct_site.pdbx_auth_comp_id'      
18 3 'Structure model' '_struct_site.pdbx_auth_seq_id'       
# 
_pdbx_database_status.status_code                     REL 
_pdbx_database_status.entry_id                        3HKF 
_pdbx_database_status.recvd_initial_deposition_date   2009-05-23 
_pdbx_database_status.deposit_site                    RCSB 
_pdbx_database_status.process_site                    PDBJ 
_pdbx_database_status.status_code_sf                  REL 
_pdbx_database_status.status_code_mr                  ? 
_pdbx_database_status.SG_entry                        ? 
_pdbx_database_status.pdb_format_compatible           Y 
_pdbx_database_status.status_code_cs                  ? 
_pdbx_database_status.status_code_nmr_data            ? 
_pdbx_database_status.methods_development_category    ? 
# 
loop_
_audit_author.name 
_audit_author.pdbx_ordinal 
'Feige, M.J.'     1 
'Nath, S.'        2 
'Catharino, S.R.' 3 
'Weinfurtner, D.' 4 
'Steinbacher, S.' 5 
'Buchner, J.'     6 
# 
_citation.id                        primary 
_citation.title                     'Structure of the murine unglycosylated IgG1 Fc fragment' 
_citation.journal_abbrev            J.Mol.Biol. 
_citation.journal_volume            391 
_citation.page_first                599 
_citation.page_last                 608 
_citation.year                      2009 
_citation.journal_id_ASTM           JMOBAK 
_citation.country                   UK 
_citation.journal_id_ISSN           0022-2836 
_citation.journal_id_CSD            0070 
_citation.book_publisher            ? 
_citation.pdbx_database_id_PubMed   19559712 
_citation.pdbx_database_id_DOI      10.1016/j.jmb.2009.06.048 
# 
loop_
_citation_author.citation_id 
_citation_author.name 
_citation_author.ordinal 
_citation_author.identifier_ORCID 
primary 'Feige, M.J.'     1 ? 
primary 'Nath, S.'        2 ? 
primary 'Catharino, S.R.' 3 ? 
primary 'Weinfurtner, D.' 4 ? 
primary 'Steinbacher, S.' 5 ? 
primary 'Buchner, J.'     6 ? 
# 
loop_
_entity.id 
_entity.type 
_entity.src_method 
_entity.pdbx_description 
_entity.formula_weight 
_entity.pdbx_number_of_molecules 
_entity.pdbx_ec 
_entity.pdbx_mutation 
_entity.pdbx_fragment 
_entity.details 
1 polymer     man 'Igh protein'   24404.500 1  ? ? 'UNP residues 252-463' ? 
2 non-polymer syn 'MAGNESIUM ION' 24.305    1  ? ? ?                      ? 
3 non-polymer syn 'CHLORIDE ION'  35.453    1  ? ? ?                      ? 
4 water       nat water           18.015    62 ? ? ?                      ? 
# 
_entity_poly.entity_id                      1 
_entity_poly.type                           'polypeptide(L)' 
_entity_poly.nstd_linkage                   no 
_entity_poly.nstd_monomer                   no 
_entity_poly.pdbx_seq_one_letter_code       
;MEVSSVFIFPPKPKDVLTITLTPKVTCVVVDISKDDPEVQFSWFVDDVEVHTAQTQPREEQFNSTFRSVSELPIMHQDWL
NGKEFKCRVNSAAFPAPIEKTISKTKGRPKAPQVYTIPPPKEQMAKDKVSLTCMITDFFPEDITVEWQWNGQPAENYKNT
QPIMDTDGSYFVYSKLNVQKSNWEAGNTFTCSVLHEGLHNHHTEKSLSHSPGKE
;
_entity_poly.pdbx_seq_one_letter_code_can   
;MEVSSVFIFPPKPKDVLTITLTPKVTCVVVDISKDDPEVQFSWFVDDVEVHTAQTQPREEQFNSTFRSVSELPIMHQDWL
NGKEFKCRVNSAAFPAPIEKTISKTKGRPKAPQVYTIPPPKEQMAKDKVSLTCMITDFFPEDITVEWQWNGQPAENYKNT
QPIMDTDGSYFVYSKLNVQKSNWEAGNTFTCSVLHEGLHNHHTEKSLSHSPGKE
;
_entity_poly.pdbx_strand_id                 A 
_entity_poly.pdbx_target_identifier         ? 
# 
loop_
_pdbx_entity_nonpoly.entity_id 
_pdbx_entity_nonpoly.name 
_pdbx_entity_nonpoly.comp_id 
2 'MAGNESIUM ION' MG  
3 'CHLORIDE ION'  CL  
4 water           HOH 
# 
loop_
_entity_poly_seq.entity_id 
_entity_poly_seq.num 
_entity_poly_seq.mon_id 
_entity_poly_seq.hetero 
1 1   MET n 
1 2   GLU n 
1 3   VAL n 
1 4   SER n 
1 5   SER n 
1 6   VAL n 
1 7   PHE n 
1 8   ILE n 
1 9   PHE n 
1 10  PRO n 
1 11  PRO n 
1 12  LYS n 
1 13  PRO n 
1 14  LYS n 
1 15  ASP n 
1 16  VAL n 
1 17  LEU n 
1 18  THR n 
1 19  ILE n 
1 20  THR n 
1 21  LEU n 
1 22  THR n 
1 23  PRO n 
1 24  LYS n 
1 25  VAL n 
1 26  THR n 
1 27  CYS n 
1 28  VAL n 
1 29  VAL n 
1 30  VAL n 
1 31  ASP n 
1 32  ILE n 
1 33  SER n 
1 34  LYS n 
1 35  ASP n 
1 36  ASP n 
1 37  PRO n 
1 38  GLU n 
1 39  VAL n 
1 40  GLN n 
1 41  PHE n 
1 42  SER n 
1 43  TRP n 
1 44  PHE n 
1 45  VAL n 
1 46  ASP n 
1 47  ASP n 
1 48  VAL n 
1 49  GLU n 
1 50  VAL n 
1 51  HIS n 
1 52  THR n 
1 53  ALA n 
1 54  GLN n 
1 55  THR n 
1 56  GLN n 
1 57  PRO n 
1 58  ARG n 
1 59  GLU n 
1 60  GLU n 
1 61  GLN n 
1 62  PHE n 
1 63  ASN n 
1 64  SER n 
1 65  THR n 
1 66  PHE n 
1 67  ARG n 
1 68  SER n 
1 69  VAL n 
1 70  SER n 
1 71  GLU n 
1 72  LEU n 
1 73  PRO n 
1 74  ILE n 
1 75  MET n 
1 76  HIS n 
1 77  GLN n 
1 78  ASP n 
1 79  TRP n 
1 80  LEU n 
1 81  ASN n 
1 82  GLY n 
1 83  LYS n 
1 84  GLU n 
1 85  PHE n 
1 86  LYS n 
1 87  CYS n 
1 88  ARG n 
1 89  VAL n 
1 90  ASN n 
1 91  SER n 
1 92  ALA n 
1 93  ALA n 
1 94  PHE n 
1 95  PRO n 
1 96  ALA n 
1 97  PRO n 
1 98  ILE n 
1 99  GLU n 
1 100 LYS n 
1 101 THR n 
1 102 ILE n 
1 103 SER n 
1 104 LYS n 
1 105 THR n 
1 106 LYS n 
1 107 GLY n 
1 108 ARG n 
1 109 PRO n 
1 110 LYS n 
1 111 ALA n 
1 112 PRO n 
1 113 GLN n 
1 114 VAL n 
1 115 TYR n 
1 116 THR n 
1 117 ILE n 
1 118 PRO n 
1 119 PRO n 
1 120 PRO n 
1 121 LYS n 
1 122 GLU n 
1 123 GLN n 
1 124 MET n 
1 125 ALA n 
1 126 LYS n 
1 127 ASP n 
1 128 LYS n 
1 129 VAL n 
1 130 SER n 
1 131 LEU n 
1 132 THR n 
1 133 CYS n 
1 134 MET n 
1 135 ILE n 
1 136 THR n 
1 137 ASP n 
1 138 PHE n 
1 139 PHE n 
1 140 PRO n 
1 141 GLU n 
1 142 ASP n 
1 143 ILE n 
1 144 THR n 
1 145 VAL n 
1 146 GLU n 
1 147 TRP n 
1 148 GLN n 
1 149 TRP n 
1 150 ASN n 
1 151 GLY n 
1 152 GLN n 
1 153 PRO n 
1 154 ALA n 
1 155 GLU n 
1 156 ASN n 
1 157 TYR n 
1 158 LYS n 
1 159 ASN n 
1 160 THR n 
1 161 GLN n 
1 162 PRO n 
1 163 ILE n 
1 164 MET n 
1 165 ASP n 
1 166 THR n 
1 167 ASP n 
1 168 GLY n 
1 169 SER n 
1 170 TYR n 
1 171 PHE n 
1 172 VAL n 
1 173 TYR n 
1 174 SER n 
1 175 LYS n 
1 176 LEU n 
1 177 ASN n 
1 178 VAL n 
1 179 GLN n 
1 180 LYS n 
1 181 SER n 
1 182 ASN n 
1 183 TRP n 
1 184 GLU n 
1 185 ALA n 
1 186 GLY n 
1 187 ASN n 
1 188 THR n 
1 189 PHE n 
1 190 THR n 
1 191 CYS n 
1 192 SER n 
1 193 VAL n 
1 194 LEU n 
1 195 HIS n 
1 196 GLU n 
1 197 GLY n 
1 198 LEU n 
1 199 HIS n 
1 200 ASN n 
1 201 HIS n 
1 202 HIS n 
1 203 THR n 
1 204 GLU n 
1 205 LYS n 
1 206 SER n 
1 207 LEU n 
1 208 SER n 
1 209 HIS n 
1 210 SER n 
1 211 PRO n 
1 212 GLY n 
1 213 LYS n 
1 214 GLU n 
# 
_entity_src_gen.entity_id                          1 
_entity_src_gen.pdbx_src_id                        1 
_entity_src_gen.pdbx_alt_source_flag               sample 
_entity_src_gen.pdbx_seq_type                      ? 
_entity_src_gen.pdbx_beg_seq_num                   ? 
_entity_src_gen.pdbx_end_seq_num                   ? 
_entity_src_gen.gene_src_common_name               mouse 
_entity_src_gen.gene_src_genus                     ? 
_entity_src_gen.pdbx_gene_src_gene                 'Igh-4, Igh' 
_entity_src_gen.gene_src_species                   ? 
_entity_src_gen.gene_src_strain                    ? 
_entity_src_gen.gene_src_tissue                    ? 
_entity_src_gen.gene_src_tissue_fraction           ? 
_entity_src_gen.gene_src_details                   refolding 
_entity_src_gen.pdbx_gene_src_fragment             ? 
_entity_src_gen.pdbx_gene_src_scientific_name      'Mus musculus' 
_entity_src_gen.pdbx_gene_src_ncbi_taxonomy_id     10090 
_entity_src_gen.pdbx_gene_src_variant              ? 
_entity_src_gen.pdbx_gene_src_cell_line            ? 
_entity_src_gen.pdbx_gene_src_atcc                 ? 
_entity_src_gen.pdbx_gene_src_organ                ? 
_entity_src_gen.pdbx_gene_src_organelle            ? 
_entity_src_gen.pdbx_gene_src_cell                 ? 
_entity_src_gen.pdbx_gene_src_cellular_location    ? 
_entity_src_gen.host_org_common_name               ? 
_entity_src_gen.pdbx_host_org_scientific_name      'Escherichia coli' 
_entity_src_gen.pdbx_host_org_ncbi_taxonomy_id     562 
_entity_src_gen.host_org_genus                     ? 
_entity_src_gen.pdbx_host_org_gene                 ? 
_entity_src_gen.pdbx_host_org_organ                ? 
_entity_src_gen.host_org_species                   ? 
_entity_src_gen.pdbx_host_org_tissue               ? 
_entity_src_gen.pdbx_host_org_tissue_fraction      ? 
_entity_src_gen.pdbx_host_org_strain               ? 
_entity_src_gen.pdbx_host_org_variant              ? 
_entity_src_gen.pdbx_host_org_cell_line            ? 
_entity_src_gen.pdbx_host_org_atcc                 ? 
_entity_src_gen.pdbx_host_org_culture_collection   ? 
_entity_src_gen.pdbx_host_org_cell                 ? 
_entity_src_gen.pdbx_host_org_organelle            ? 
_entity_src_gen.pdbx_host_org_cellular_location    ? 
_entity_src_gen.pdbx_host_org_vector_type          plasmid 
_entity_src_gen.pdbx_host_org_vector               ? 
_entity_src_gen.host_org_details                   ? 
_entity_src_gen.expression_system_id               ? 
_entity_src_gen.plasmid_name                       pET 
_entity_src_gen.plasmid_details                    ? 
_entity_src_gen.pdbx_description                   ? 
# 
loop_
_chem_comp.id 
_chem_comp.type 
_chem_comp.mon_nstd_flag 
_chem_comp.name 
_chem_comp.pdbx_synonyms 
_chem_comp.formula 
_chem_comp.formula_weight 
ALA 'L-peptide linking' y ALANINE         ? 'C3 H7 N O2'     89.093  
ARG 'L-peptide linking' y ARGININE        ? 'C6 H15 N4 O2 1' 175.209 
ASN 'L-peptide linking' y ASPARAGINE      ? 'C4 H8 N2 O3'    132.118 
ASP 'L-peptide linking' y 'ASPARTIC ACID' ? 'C4 H7 N O4'     133.103 
CL  non-polymer         . 'CHLORIDE ION'  ? 'Cl -1'          35.453  
CYS 'L-peptide linking' y CYSTEINE        ? 'C3 H7 N O2 S'   121.158 
GLN 'L-peptide linking' y GLUTAMINE       ? 'C5 H10 N2 O3'   146.144 
GLU 'L-peptide linking' y 'GLUTAMIC ACID' ? 'C5 H9 N O4'     147.129 
GLY 'peptide linking'   y GLYCINE         ? 'C2 H5 N O2'     75.067  
HIS 'L-peptide linking' y HISTIDINE       ? 'C6 H10 N3 O2 1' 156.162 
HOH non-polymer         . WATER           ? 'H2 O'           18.015  
ILE 'L-peptide linking' y ISOLEUCINE      ? 'C6 H13 N O2'    131.173 
LEU 'L-peptide linking' y LEUCINE         ? 'C6 H13 N O2'    131.173 
LYS 'L-peptide linking' y LYSINE          ? 'C6 H15 N2 O2 1' 147.195 
MET 'L-peptide linking' y METHIONINE      ? 'C5 H11 N O2 S'  149.211 
MG  non-polymer         . 'MAGNESIUM ION' ? 'Mg 2'           24.305  
PHE 'L-peptide linking' y PHENYLALANINE   ? 'C9 H11 N O2'    165.189 
PRO 'L-peptide linking' y PROLINE         ? 'C5 H9 N O2'     115.130 
SER 'L-peptide linking' y SERINE          ? 'C3 H7 N O3'     105.093 
THR 'L-peptide linking' y THREONINE       ? 'C4 H9 N O3'     119.119 
TRP 'L-peptide linking' y TRYPTOPHAN      ? 'C11 H12 N2 O2'  204.225 
TYR 'L-peptide linking' y TYROSINE        ? 'C9 H11 N O3'    181.189 
VAL 'L-peptide linking' y VALINE          ? 'C5 H11 N O2'    117.146 
# 
loop_
_pdbx_poly_seq_scheme.asym_id 
_pdbx_poly_seq_scheme.entity_id 
_pdbx_poly_seq_scheme.seq_id 
_pdbx_poly_seq_scheme.mon_id 
_pdbx_poly_seq_scheme.ndb_seq_num 
_pdbx_poly_seq_scheme.pdb_seq_num 
_pdbx_poly_seq_scheme.auth_seq_num 
_pdbx_poly_seq_scheme.pdb_mon_id 
_pdbx_poly_seq_scheme.auth_mon_id 
_pdbx_poly_seq_scheme.pdb_strand_id 
_pdbx_poly_seq_scheme.pdb_ins_code 
_pdbx_poly_seq_scheme.hetero 
A 1 1   MET 1   238 ?   ?   ?   A . n 
A 1 2   GLU 2   239 ?   ?   ?   A . n 
A 1 3   VAL 3   240 ?   ?   ?   A . n 
A 1 4   SER 4   241 241 SER SER A . n 
A 1 5   SER 5   242 242 SER SER A . n 
A 1 6   VAL 6   243 243 VAL VAL A . n 
A 1 7   PHE 7   244 244 PHE PHE A . n 
A 1 8   ILE 8   245 245 ILE ILE A . n 
A 1 9   PHE 9   246 246 PHE PHE A . n 
A 1 10  PRO 10  247 247 PRO PRO A . n 
A 1 11  PRO 11  248 248 PRO PRO A . n 
A 1 12  LYS 12  249 249 LYS LYS A . n 
A 1 13  PRO 13  250 250 PRO PRO A . n 
A 1 14  LYS 14  251 251 LYS LYS A . n 
A 1 15  ASP 15  252 252 ASP ASP A . n 
A 1 16  VAL 16  253 253 VAL VAL A . n 
A 1 17  LEU 17  254 254 LEU LEU A . n 
A 1 18  THR 18  255 255 THR THR A . n 
A 1 19  ILE 19  256 256 ILE ILE A . n 
A 1 20  THR 20  257 257 THR THR A . n 
A 1 21  LEU 21  258 258 LEU LEU A . n 
A 1 22  THR 22  259 259 THR THR A . n 
A 1 23  PRO 23  260 260 PRO PRO A . n 
A 1 24  LYS 24  261 261 LYS LYS A . n 
A 1 25  VAL 25  262 262 VAL VAL A . n 
A 1 26  THR 26  263 263 THR THR A . n 
A 1 27  CYS 27  264 264 CYS CYS A . n 
A 1 28  VAL 28  265 265 VAL VAL A . n 
A 1 29  VAL 29  266 266 VAL VAL A . n 
A 1 30  VAL 30  267 267 VAL VAL A . n 
A 1 31  ASP 31  268 268 ASP ASP A . n 
A 1 32  ILE 32  269 269 ILE ILE A . n 
A 1 33  SER 33  270 270 SER SER A . n 
A 1 34  LYS 34  271 271 LYS LYS A . n 
A 1 35  ASP 35  272 272 ASP ASP A . n 
A 1 36  ASP 36  273 273 ASP ASP A . n 
A 1 37  PRO 37  274 274 PRO PRO A . n 
A 1 38  GLU 38  275 275 GLU GLU A . n 
A 1 39  VAL 39  276 276 VAL VAL A . n 
A 1 40  GLN 40  277 277 GLN GLN A . n 
A 1 41  PHE 41  278 278 PHE PHE A . n 
A 1 42  SER 42  279 279 SER SER A . n 
A 1 43  TRP 43  280 280 TRP TRP A . n 
A 1 44  PHE 44  281 281 PHE PHE A . n 
A 1 45  VAL 45  282 282 VAL VAL A . n 
A 1 46  ASP 46  283 283 ASP ASP A . n 
A 1 47  ASP 47  284 284 ASP ASP A . n 
A 1 48  VAL 48  285 285 VAL VAL A . n 
A 1 49  GLU 49  286 286 GLU GLU A . n 
A 1 50  VAL 50  287 287 VAL VAL A . n 
A 1 51  HIS 51  288 288 HIS HIS A . n 
A 1 52  THR 52  289 289 THR THR A . n 
A 1 53  ALA 53  290 290 ALA ALA A . n 
A 1 54  GLN 54  291 291 GLN GLN A . n 
A 1 55  THR 55  292 292 THR THR A . n 
A 1 56  GLN 56  293 293 GLN GLN A . n 
A 1 57  PRO 57  294 294 PRO PRO A . n 
A 1 58  ARG 58  295 295 ARG ARG A . n 
A 1 59  GLU 59  296 296 GLU GLU A . n 
A 1 60  GLU 60  297 297 GLU GLU A . n 
A 1 61  GLN 61  298 298 GLN GLN A . n 
A 1 62  PHE 62  299 299 PHE PHE A . n 
A 1 63  ASN 63  300 300 ASN ASN A . n 
A 1 64  SER 64  301 301 SER SER A . n 
A 1 65  THR 65  302 302 THR THR A . n 
A 1 66  PHE 66  303 303 PHE PHE A . n 
A 1 67  ARG 67  304 304 ARG ARG A . n 
A 1 68  SER 68  305 305 SER SER A . n 
A 1 69  VAL 69  306 306 VAL VAL A . n 
A 1 70  SER 70  307 307 SER SER A . n 
A 1 71  GLU 71  308 308 GLU GLU A . n 
A 1 72  LEU 72  309 309 LEU LEU A . n 
A 1 73  PRO 73  310 310 PRO PRO A . n 
A 1 74  ILE 74  311 311 ILE ILE A . n 
A 1 75  MET 75  312 312 MET MET A . n 
A 1 76  HIS 76  313 313 HIS HIS A . n 
A 1 77  GLN 77  314 314 GLN GLN A . n 
A 1 78  ASP 78  315 315 ASP ASP A . n 
A 1 79  TRP 79  316 316 TRP TRP A . n 
A 1 80  LEU 80  317 317 LEU LEU A . n 
A 1 81  ASN 81  318 318 ASN ASN A . n 
A 1 82  GLY 82  319 319 GLY GLY A . n 
A 1 83  LYS 83  320 320 LYS LYS A . n 
A 1 84  GLU 84  321 321 GLU GLU A . n 
A 1 85  PHE 85  322 322 PHE PHE A . n 
A 1 86  LYS 86  323 323 LYS LYS A . n 
A 1 87  CYS 87  324 324 CYS CYS A . n 
A 1 88  ARG 88  325 325 ARG ARG A . n 
A 1 89  VAL 89  326 326 VAL VAL A . n 
A 1 90  ASN 90  327 327 ASN ASN A . n 
A 1 91  SER 91  328 328 SER SER A . n 
A 1 92  ALA 92  329 329 ALA ALA A . n 
A 1 93  ALA 93  330 330 ALA ALA A . n 
A 1 94  PHE 94  331 331 PHE PHE A . n 
A 1 95  PRO 95  332 332 PRO PRO A . n 
A 1 96  ALA 96  333 333 ALA ALA A . n 
A 1 97  PRO 97  334 334 PRO PRO A . n 
A 1 98  ILE 98  335 335 ILE ILE A . n 
A 1 99  GLU 99  336 336 GLU GLU A . n 
A 1 100 LYS 100 337 337 LYS LYS A . n 
A 1 101 THR 101 338 338 THR THR A . n 
A 1 102 ILE 102 339 339 ILE ILE A . n 
A 1 103 SER 103 340 340 SER SER A . n 
A 1 104 LYS 104 341 341 LYS LYS A . n 
A 1 105 THR 105 342 342 THR THR A . n 
A 1 106 LYS 106 343 343 LYS LYS A . n 
A 1 107 GLY 107 344 344 GLY GLY A . n 
A 1 108 ARG 108 345 345 ARG ARG A . n 
A 1 109 PRO 109 346 346 PRO PRO A . n 
A 1 110 LYS 110 347 347 LYS LYS A . n 
A 1 111 ALA 111 348 348 ALA ALA A . n 
A 1 112 PRO 112 349 349 PRO PRO A . n 
A 1 113 GLN 113 350 350 GLN GLN A . n 
A 1 114 VAL 114 351 351 VAL VAL A . n 
A 1 115 TYR 115 352 352 TYR TYR A . n 
A 1 116 THR 116 353 353 THR THR A . n 
A 1 117 ILE 117 354 354 ILE ILE A . n 
A 1 118 PRO 118 355 355 PRO PRO A . n 
A 1 119 PRO 119 356 356 PRO PRO A . n 
A 1 120 PRO 120 357 357 PRO PRO A . n 
A 1 121 LYS 121 358 358 LYS LYS A . n 
A 1 122 GLU 122 359 359 GLU GLU A . n 
A 1 123 GLN 123 360 360 GLN GLN A . n 
A 1 124 MET 124 361 361 MET MET A . n 
A 1 125 ALA 125 362 362 ALA ALA A . n 
A 1 126 LYS 126 363 363 LYS LYS A . n 
A 1 127 ASP 127 364 364 ASP ASP A . n 
A 1 128 LYS 128 365 365 LYS LYS A . n 
A 1 129 VAL 129 366 366 VAL VAL A . n 
A 1 130 SER 130 367 367 SER SER A . n 
A 1 131 LEU 131 368 368 LEU LEU A . n 
A 1 132 THR 132 369 369 THR THR A . n 
A 1 133 CYS 133 370 370 CYS CYS A . n 
A 1 134 MET 134 371 371 MET MET A . n 
A 1 135 ILE 135 372 372 ILE ILE A . n 
A 1 136 THR 136 373 373 THR THR A . n 
A 1 137 ASP 137 374 374 ASP ASP A . n 
A 1 138 PHE 138 375 375 PHE PHE A . n 
A 1 139 PHE 139 376 376 PHE PHE A . n 
A 1 140 PRO 140 377 377 PRO PRO A . n 
A 1 141 GLU 141 378 378 GLU GLU A . n 
A 1 142 ASP 142 379 379 ASP ASP A . n 
A 1 143 ILE 143 380 380 ILE ILE A . n 
A 1 144 THR 144 381 381 THR THR A . n 
A 1 145 VAL 145 382 382 VAL VAL A . n 
A 1 146 GLU 146 383 383 GLU GLU A . n 
A 1 147 TRP 147 384 384 TRP TRP A . n 
A 1 148 GLN 148 385 385 GLN GLN A . n 
A 1 149 TRP 149 386 386 TRP TRP A . n 
A 1 150 ASN 150 387 387 ASN ASN A . n 
A 1 151 GLY 151 388 388 GLY GLY A . n 
A 1 152 GLN 152 389 389 GLN GLN A . n 
A 1 153 PRO 153 390 390 PRO PRO A . n 
A 1 154 ALA 154 391 391 ALA ALA A . n 
A 1 155 GLU 155 392 392 GLU GLU A . n 
A 1 156 ASN 156 393 393 ASN ASN A . n 
A 1 157 TYR 157 394 394 TYR TYR A . n 
A 1 158 LYS 158 395 395 LYS LYS A . n 
A 1 159 ASN 159 396 396 ASN ASN A . n 
A 1 160 THR 160 397 397 THR THR A . n 
A 1 161 GLN 161 398 398 GLN GLN A . n 
A 1 162 PRO 162 399 399 PRO PRO A . n 
A 1 163 ILE 163 400 400 ILE ILE A . n 
A 1 164 MET 164 401 401 MET MET A . n 
A 1 165 ASP 165 402 402 ASP ASP A . n 
A 1 166 THR 166 403 403 THR THR A . n 
A 1 167 ASP 167 404 404 ASP ASP A . n 
A 1 168 GLY 168 405 405 GLY GLY A . n 
A 1 169 SER 169 406 406 SER SER A . n 
A 1 170 TYR 170 407 407 TYR TYR A . n 
A 1 171 PHE 171 408 408 PHE PHE A . n 
A 1 172 VAL 172 409 409 VAL VAL A . n 
A 1 173 TYR 173 410 410 TYR TYR A . n 
A 1 174 SER 174 411 411 SER SER A . n 
A 1 175 LYS 175 412 412 LYS LYS A . n 
A 1 176 LEU 176 413 413 LEU LEU A . n 
A 1 177 ASN 177 414 414 ASN ASN A . n 
A 1 178 VAL 178 415 415 VAL VAL A . n 
A 1 179 GLN 179 416 416 GLN GLN A . n 
A 1 180 LYS 180 417 417 LYS LYS A . n 
A 1 181 SER 181 418 418 SER SER A . n 
A 1 182 ASN 182 419 419 ASN ASN A . n 
A 1 183 TRP 183 420 420 TRP TRP A . n 
A 1 184 GLU 184 421 421 GLU GLU A . n 
A 1 185 ALA 185 422 422 ALA ALA A . n 
A 1 186 GLY 186 423 423 GLY GLY A . n 
A 1 187 ASN 187 424 424 ASN ASN A . n 
A 1 188 THR 188 425 425 THR THR A . n 
A 1 189 PHE 189 426 426 PHE PHE A . n 
A 1 190 THR 190 427 427 THR THR A . n 
A 1 191 CYS 191 428 428 CYS CYS A . n 
A 1 192 SER 192 429 429 SER SER A . n 
A 1 193 VAL 193 430 430 VAL VAL A . n 
A 1 194 LEU 194 431 431 LEU LEU A . n 
A 1 195 HIS 195 432 432 HIS HIS A . n 
A 1 196 GLU 196 433 433 GLU GLU A . n 
A 1 197 GLY 197 434 434 GLY GLY A . n 
A 1 198 LEU 198 435 435 LEU LEU A . n 
A 1 199 HIS 199 436 436 HIS HIS A . n 
A 1 200 ASN 200 437 437 ASN ASN A . n 
A 1 201 HIS 201 438 438 HIS HIS A . n 
A 1 202 HIS 202 439 439 HIS HIS A . n 
A 1 203 THR 203 440 440 THR THR A . n 
A 1 204 GLU 204 441 441 GLU GLU A . n 
A 1 205 LYS 205 442 442 LYS LYS A . n 
A 1 206 SER 206 443 443 SER SER A . n 
A 1 207 LEU 207 444 444 LEU LEU A . n 
A 1 208 SER 208 445 445 SER SER A . n 
A 1 209 HIS 209 446 ?   ?   ?   A . n 
A 1 210 SER 210 447 ?   ?   ?   A . n 
A 1 211 PRO 211 448 ?   ?   ?   A . n 
A 1 212 GLY 212 449 ?   ?   ?   A . n 
A 1 213 LYS 213 450 ?   ?   ?   A . n 
A 1 214 GLU 214 451 ?   ?   ?   A . n 
# 
loop_
_pdbx_nonpoly_scheme.asym_id 
_pdbx_nonpoly_scheme.entity_id 
_pdbx_nonpoly_scheme.mon_id 
_pdbx_nonpoly_scheme.ndb_seq_num 
_pdbx_nonpoly_scheme.pdb_seq_num 
_pdbx_nonpoly_scheme.auth_seq_num 
_pdbx_nonpoly_scheme.pdb_mon_id 
_pdbx_nonpoly_scheme.auth_mon_id 
_pdbx_nonpoly_scheme.pdb_strand_id 
_pdbx_nonpoly_scheme.pdb_ins_code 
B 2 MG  1  1   1  MG  MG2 A . 
C 3 CL  1  2   2  CL  CL1 A . 
D 4 HOH 1  3   3  HOH HOH A . 
D 4 HOH 2  4   4  HOH HOH A . 
D 4 HOH 3  5   5  HOH HOH A . 
D 4 HOH 4  6   6  HOH HOH A . 
D 4 HOH 5  7   7  HOH HOH A . 
D 4 HOH 6  8   8  HOH HOH A . 
D 4 HOH 7  9   9  HOH HOH A . 
D 4 HOH 8  10  10 HOH HOH A . 
D 4 HOH 9  11  11 HOH HOH A . 
D 4 HOH 10 12  12 HOH HOH A . 
D 4 HOH 11 13  13 HOH HOH A . 
D 4 HOH 12 14  14 HOH HOH A . 
D 4 HOH 13 15  15 HOH HOH A . 
D 4 HOH 14 16  16 HOH HOH A . 
D 4 HOH 15 17  17 HOH HOH A . 
D 4 HOH 16 18  18 HOH HOH A . 
D 4 HOH 17 19  19 HOH HOH A . 
D 4 HOH 18 20  20 HOH HOH A . 
D 4 HOH 19 21  21 HOH HOH A . 
D 4 HOH 20 22  22 HOH HOH A . 
D 4 HOH 21 23  23 HOH HOH A . 
D 4 HOH 22 24  24 HOH HOH A . 
D 4 HOH 23 25  25 HOH HOH A . 
D 4 HOH 24 26  26 HOH HOH A . 
D 4 HOH 25 27  27 HOH HOH A . 
D 4 HOH 26 28  28 HOH HOH A . 
D 4 HOH 27 29  29 HOH HOH A . 
D 4 HOH 28 30  30 HOH HOH A . 
D 4 HOH 29 31  31 HOH HOH A . 
D 4 HOH 30 32  32 HOH HOH A . 
D 4 HOH 31 33  33 HOH HOH A . 
D 4 HOH 32 34  34 HOH HOH A . 
D 4 HOH 33 35  35 HOH HOH A . 
D 4 HOH 34 36  36 HOH HOH A . 
D 4 HOH 35 37  37 HOH HOH A . 
D 4 HOH 36 38  38 HOH HOH A . 
D 4 HOH 37 39  39 HOH HOH A . 
D 4 HOH 38 40  40 HOH HOH A . 
D 4 HOH 39 41  41 HOH HOH A . 
D 4 HOH 40 42  42 HOH HOH A . 
D 4 HOH 41 43  43 HOH HOH A . 
D 4 HOH 42 44  44 HOH HOH A . 
D 4 HOH 43 45  45 HOH HOH A . 
D 4 HOH 44 46  46 HOH HOH A . 
D 4 HOH 45 47  47 HOH HOH A . 
D 4 HOH 46 48  48 HOH HOH A . 
D 4 HOH 47 49  49 HOH HOH A . 
D 4 HOH 48 50  50 HOH HOH A . 
D 4 HOH 49 51  51 HOH HOH A . 
D 4 HOH 50 52  52 HOH HOH A . 
D 4 HOH 51 53  53 HOH HOH A . 
D 4 HOH 52 54  54 HOH HOH A . 
D 4 HOH 53 55  55 HOH HOH A . 
D 4 HOH 54 56  56 HOH HOH A . 
D 4 HOH 55 57  57 HOH HOH A . 
D 4 HOH 56 58  58 HOH HOH A . 
D 4 HOH 57 59  59 HOH HOH A . 
D 4 HOH 58 60  60 HOH HOH A . 
D 4 HOH 59 61  61 HOH HOH A . 
D 4 HOH 60 62  62 HOH HOH A . 
D 4 HOH 61 452 1  HOH HOH A . 
D 4 HOH 62 453 2  HOH HOH A . 
# 
loop_
_software.name 
_software.classification 
_software.version 
_software.citation_id 
_software.pdbx_ordinal 
HKL-2000 'data collection' . ? 1 
MOLREP   phasing           . ? 2 
CNS      refinement        . ? 3 
HKL-2000 'data reduction'  . ? 4 
HKL-2000 'data scaling'    . ? 5 
# 
_cell.entry_id           3HKF 
_cell.length_a           96.401 
_cell.length_b           96.401 
_cell.length_c           90.906 
_cell.angle_alpha        90.00 
_cell.angle_beta         90.00 
_cell.angle_gamma        120.00 
_cell.Z_PDB              12 
_cell.pdbx_unique_axis   ? 
_cell.length_a_esd       ? 
_cell.length_b_esd       ? 
_cell.length_c_esd       ? 
_cell.angle_alpha_esd    ? 
_cell.angle_beta_esd     ? 
_cell.angle_gamma_esd    ? 
# 
_symmetry.entry_id                         3HKF 
_symmetry.space_group_name_H-M             'P 61 2 2' 
_symmetry.pdbx_full_space_group_name_H-M   ? 
_symmetry.cell_setting                     ? 
_symmetry.Int_Tables_number                178 
_symmetry.space_group_name_Hall            ? 
# 
_exptl.entry_id          3HKF 
_exptl.method            'X-RAY DIFFRACTION' 
_exptl.crystals_number   1 
# 
_exptl_crystal.id                    1 
_exptl_crystal.density_meas          ? 
_exptl_crystal.density_Matthews      2.50 
_exptl_crystal.density_percent_sol   50.77 
_exptl_crystal.description           ? 
_exptl_crystal.F_000                 ? 
_exptl_crystal.preparation           ? 
# 
_exptl_crystal_grow.crystal_id      1 
_exptl_crystal_grow.method          'VAPOR DIFFUSION, HANGING DROP' 
_exptl_crystal_grow.temp            293 
_exptl_crystal_grow.temp_details    ? 
_exptl_crystal_grow.pH              8.0 
_exptl_crystal_grow.pdbx_details    '2-ethoxyethanol, pH8.0, VAPOR DIFFUSION, HANGING DROP, temperature 293K' 
_exptl_crystal_grow.pdbx_pH_range   . 
# 
_diffrn.id                     1 
_diffrn.ambient_temp           100 
_diffrn.ambient_temp_details   ? 
_diffrn.crystal_id             1 
# 
_diffrn_detector.diffrn_id              1 
_diffrn_detector.detector               'IMAGE PLATE' 
_diffrn_detector.type                   'MAR scanner 345 mm plate' 
_diffrn_detector.pdbx_collection_date   2002-07-05 
_diffrn_detector.details                ? 
# 
_diffrn_radiation.diffrn_id                        1 
_diffrn_radiation.wavelength_id                    1 
_diffrn_radiation.pdbx_monochromatic_or_laue_m_l   M 
_diffrn_radiation.monochromator                    'OSMIC MIRRORS' 
_diffrn_radiation.pdbx_diffrn_protocol             'SINGLE WAVELENGTH' 
_diffrn_radiation.pdbx_scattering_type             x-ray 
# 
_diffrn_radiation_wavelength.id           1 
_diffrn_radiation_wavelength.wavelength   1.5418 
_diffrn_radiation_wavelength.wt           1.0 
# 
_diffrn_source.diffrn_id                   1 
_diffrn_source.source                      'ROTATING ANODE' 
_diffrn_source.type                        'RIGAKU RU200' 
_diffrn_source.pdbx_synchrotron_site       ? 
_diffrn_source.pdbx_synchrotron_beamline   ? 
_diffrn_source.pdbx_wavelength             ? 
_diffrn_source.pdbx_wavelength_list        1.5418 
# 
_reflns.entry_id                     3HKF 
_reflns.observed_criterion_sigma_I   0 
_reflns.observed_criterion_sigma_F   0 
_reflns.d_resolution_low             25 
_reflns.d_resolution_high            2.50 
_reflns.number_obs                   9063 
_reflns.number_all                   9063 
_reflns.percent_possible_obs         100 
_reflns.pdbx_Rmerge_I_obs            0.056 
_reflns.pdbx_Rsym_value              ? 
_reflns.pdbx_netI_over_sigmaI        ? 
_reflns.B_iso_Wilson_estimate        ? 
_reflns.pdbx_redundancy              ? 
_reflns.R_free_details               ? 
_reflns.limit_h_max                  ? 
_reflns.limit_h_min                  ? 
_reflns.limit_k_max                  ? 
_reflns.limit_k_min                  ? 
_reflns.limit_l_max                  ? 
_reflns.limit_l_min                  ? 
_reflns.observed_criterion_F_max     ? 
_reflns.observed_criterion_F_min     ? 
_reflns.pdbx_chi_squared             ? 
_reflns.pdbx_scaling_rejects         ? 
_reflns.pdbx_diffrn_id               1 
_reflns.pdbx_ordinal                 1 
# 
_reflns_shell.d_res_high             2.50 
_reflns_shell.d_res_low              2.60 
_reflns_shell.percent_possible_all   98 
_reflns_shell.Rmerge_I_obs           ? 
_reflns_shell.pdbx_Rsym_value        ? 
_reflns_shell.meanI_over_sigI_obs    ? 
_reflns_shell.pdbx_redundancy        ? 
_reflns_shell.percent_possible_obs   ? 
_reflns_shell.number_unique_all      ? 
_reflns_shell.number_measured_all    ? 
_reflns_shell.number_measured_obs    ? 
_reflns_shell.number_unique_obs      ? 
_reflns_shell.pdbx_chi_squared       ? 
_reflns_shell.pdbx_diffrn_id         ? 
_reflns_shell.pdbx_ordinal           1 
# 
_refine.entry_id                                 3HKF 
_refine.ls_number_reflns_obs                     8827 
_refine.ls_number_reflns_all                     8913 
_refine.pdbx_ls_sigma_I                          ? 
_refine.pdbx_ls_sigma_F                          2 
_refine.pdbx_data_cutoff_high_absF               ? 
_refine.pdbx_data_cutoff_low_absF                ? 
_refine.pdbx_data_cutoff_high_rms_absF           ? 
_refine.ls_d_res_low                             10 
_refine.ls_d_res_high                            2.50 
_refine.ls_percent_reflns_obs                    ? 
_refine.ls_R_factor_obs                          0.246 
_refine.ls_R_factor_all                          0.247 
_refine.ls_R_factor_R_work                       0.2417 
_refine.ls_R_factor_R_free                       0.3051 
_refine.ls_R_factor_R_free_error                 ? 
_refine.ls_R_factor_R_free_error_details         ? 
_refine.ls_percent_reflns_R_free                 ? 
_refine.ls_number_reflns_R_free                  485 
_refine.ls_number_parameters                     ? 
_refine.ls_number_restraints                     ? 
_refine.occupancy_min                            ? 
_refine.occupancy_max                            ? 
_refine.correlation_coeff_Fo_to_Fc               ? 
_refine.correlation_coeff_Fo_to_Fc_free          ? 
_refine.B_iso_mean                               ? 
_refine.aniso_B[1][1]                            ? 
_refine.aniso_B[2][2]                            ? 
_refine.aniso_B[3][3]                            ? 
_refine.aniso_B[1][2]                            ? 
_refine.aniso_B[1][3]                            ? 
_refine.aniso_B[2][3]                            ? 
_refine.solvent_model_details                    ? 
_refine.solvent_model_param_ksol                 ? 
_refine.solvent_model_param_bsol                 ? 
_refine.pdbx_solvent_vdw_probe_radii             ? 
_refine.pdbx_solvent_ion_probe_radii             ? 
_refine.pdbx_solvent_shrinkage_radii             ? 
_refine.pdbx_ls_cross_valid_method               ? 
_refine.details                                  ? 
_refine.pdbx_starting_model                      'PDB ENTRY 1H3W' 
_refine.pdbx_method_to_determine_struct          'MOLECULAR REPLACEMENT' 
_refine.pdbx_isotropic_thermal_model             ? 
_refine.pdbx_stereochemistry_target_values       'Engh & Huber' 
_refine.pdbx_stereochem_target_val_spec_case     ? 
_refine.pdbx_R_Free_selection_details            RANDOM 
_refine.pdbx_overall_ESU_R                       ? 
_refine.pdbx_overall_ESU_R_Free                  ? 
_refine.overall_SU_ML                            ? 
_refine.overall_SU_B                             ? 
_refine.ls_redundancy_reflns_obs                 ? 
_refine.B_iso_min                                ? 
_refine.B_iso_max                                ? 
_refine.overall_SU_R_Cruickshank_DPI             ? 
_refine.overall_SU_R_free                        ? 
_refine.ls_wR_factor_R_free                      ? 
_refine.ls_wR_factor_R_work                      ? 
_refine.overall_FOM_free_R_set                   ? 
_refine.overall_FOM_work_R_set                   ? 
_refine.pdbx_refine_id                           'X-RAY DIFFRACTION' 
_refine.pdbx_overall_phase_error                 ? 
_refine.pdbx_diffrn_id                           1 
_refine.pdbx_TLS_residual_ADP_flag               ? 
_refine.pdbx_overall_SU_R_free_Cruickshank_DPI   ? 
_refine.pdbx_overall_SU_R_Blow_DPI               ? 
_refine.pdbx_overall_SU_R_free_Blow_DPI          ? 
# 
_refine_hist.pdbx_refine_id                   'X-RAY DIFFRACTION' 
_refine_hist.cycle_id                         LAST 
_refine_hist.pdbx_number_atoms_protein        1647 
_refine_hist.pdbx_number_atoms_nucleic_acid   0 
_refine_hist.pdbx_number_atoms_ligand         2 
_refine_hist.number_atoms_solvent             62 
_refine_hist.number_atoms_total               1711 
_refine_hist.d_res_high                       2.50 
_refine_hist.d_res_low                        10 
# 
loop_
_refine_ls_restr.type 
_refine_ls_restr.dev_ideal 
_refine_ls_restr.dev_ideal_target 
_refine_ls_restr.weight 
_refine_ls_restr.number 
_refine_ls_restr.pdbx_refine_id 
_refine_ls_restr.pdbx_restraint_function 
c_bond_d    0.011 ? ? ? 'X-RAY DIFFRACTION' ? 
c_angle_deg 1.66  ? ? ? 'X-RAY DIFFRACTION' ? 
# 
_struct.entry_id                  3HKF 
_struct.title                     'Murine unglycosylated IgG Fc fragment' 
_struct.pdbx_model_details        ? 
_struct.pdbx_CASP_flag            ? 
_struct.pdbx_model_type_details   ? 
# 
_struct_keywords.entry_id        3HKF 
_struct_keywords.pdbx_keywords   'IMMUNE SYSTEM' 
_struct_keywords.text            'antibody, glycosylation, stability, IMMUNE SYSTEM' 
# 
loop_
_struct_asym.id 
_struct_asym.pdbx_blank_PDB_chainid_flag 
_struct_asym.pdbx_modified 
_struct_asym.entity_id 
_struct_asym.details 
A N N 1 ? 
B N N 2 ? 
C N N 3 ? 
D N N 4 ? 
# 
_struct_ref.id                         1 
_struct_ref.db_name                    UNP 
_struct_ref.db_code                    Q99LC4_MOUSE 
_struct_ref.pdbx_db_accession          Q99LC4 
_struct_ref.entity_id                  1 
_struct_ref.pdbx_seq_one_letter_code   
;EVSSVFIFPPKPKDVLTITLTPKVTCVVVDISKDDPEVQFSWFVDDVEVHTAQTQPREEQFNSTFRSVSELPIMHQDWLN
GKEFKCRVNSAAFPAPIEKTISKTKGRPKAPQVYTIPPPKEQMAKDKVSLTCMITDFFPEDITVEWQWNGQPAENYKNTQ
PIMDTDGSYFIYSKLNVQKSNWEAGNTFTCSVLHEGLHNHHTEKSLSHSPGK
;
_struct_ref.pdbx_align_begin           252 
_struct_ref.pdbx_db_isoform            ? 
# 
_struct_ref_seq.align_id                      1 
_struct_ref_seq.ref_id                        1 
_struct_ref_seq.pdbx_PDB_id_code              3HKF 
_struct_ref_seq.pdbx_strand_id                A 
_struct_ref_seq.seq_align_beg                 2 
_struct_ref_seq.pdbx_seq_align_beg_ins_code   ? 
_struct_ref_seq.seq_align_end                 213 
_struct_ref_seq.pdbx_seq_align_end_ins_code   ? 
_struct_ref_seq.pdbx_db_accession             Q99LC4 
_struct_ref_seq.db_align_beg                  252 
_struct_ref_seq.pdbx_db_align_beg_ins_code    ? 
_struct_ref_seq.db_align_end                  463 
_struct_ref_seq.pdbx_db_align_end_ins_code    ? 
_struct_ref_seq.pdbx_auth_seq_align_beg       239 
_struct_ref_seq.pdbx_auth_seq_align_end       450 
# 
loop_
_struct_ref_seq_dif.align_id 
_struct_ref_seq_dif.pdbx_pdb_id_code 
_struct_ref_seq_dif.mon_id 
_struct_ref_seq_dif.pdbx_pdb_strand_id 
_struct_ref_seq_dif.seq_num 
_struct_ref_seq_dif.pdbx_pdb_ins_code 
_struct_ref_seq_dif.pdbx_seq_db_name 
_struct_ref_seq_dif.pdbx_seq_db_accession_code 
_struct_ref_seq_dif.db_mon_id 
_struct_ref_seq_dif.pdbx_seq_db_seq_num 
_struct_ref_seq_dif.details 
_struct_ref_seq_dif.pdbx_auth_seq_num 
_struct_ref_seq_dif.pdbx_ordinal 
1 3HKF MET A 1   ? UNP Q99LC4 ?   ?   'expression tag'      238 1 
1 3HKF VAL A 172 ? UNP Q99LC4 ILE 422 'engineered mutation' 409 2 
1 3HKF GLU A 214 ? UNP Q99LC4 ?   ?   'expression tag'      451 3 
# 
_pdbx_struct_assembly.id                   1 
_pdbx_struct_assembly.details              author_and_software_defined_assembly 
_pdbx_struct_assembly.method_details       PISA 
_pdbx_struct_assembly.oligomeric_details   dimeric 
_pdbx_struct_assembly.oligomeric_count     2 
# 
loop_
_pdbx_struct_assembly_prop.biol_id 
_pdbx_struct_assembly_prop.type 
_pdbx_struct_assembly_prop.value 
_pdbx_struct_assembly_prop.details 
1 'ABSA (A^2)' 1930  ? 
1 MORE         -27   ? 
1 'SSA (A^2)'  21490 ? 
# 
_pdbx_struct_assembly_gen.assembly_id       1 
_pdbx_struct_assembly_gen.oper_expression   1,2 
_pdbx_struct_assembly_gen.asym_id_list      A,B,C,D 
# 
loop_
_pdbx_struct_oper_list.id 
_pdbx_struct_oper_list.type 
_pdbx_struct_oper_list.name 
_pdbx_struct_oper_list.symmetry_operation 
_pdbx_struct_oper_list.matrix[1][1] 
_pdbx_struct_oper_list.matrix[1][2] 
_pdbx_struct_oper_list.matrix[1][3] 
_pdbx_struct_oper_list.vector[1] 
_pdbx_struct_oper_list.matrix[2][1] 
_pdbx_struct_oper_list.matrix[2][2] 
_pdbx_struct_oper_list.matrix[2][3] 
_pdbx_struct_oper_list.vector[2] 
_pdbx_struct_oper_list.matrix[3][1] 
_pdbx_struct_oper_list.matrix[3][2] 
_pdbx_struct_oper_list.matrix[3][3] 
_pdbx_struct_oper_list.vector[3] 
1 'identity operation'         1_555  x,y,z            1.0000000000  0.0000000000  0.0000000000 0.0000000000  0.0000000000  1.0000000000 0.0000000000  0.0000000000 0.0000000000 0.0000000000  1.0000000000  0.0000000000  
2 'crystal symmetry operation' 10_665 -y+1,-x+1,-z+5/6 -0.9226428206 -0.3856339572 0.0040837106 15.4589077070 -0.3856339572 0.9224272402 -0.0203577417 3.4037724290 0.0040837106 -0.0203577417 -0.9997844196 28.5898648449 
# 
_struct_biol.id        1 
_struct_biol.details   ? 
# 
loop_
_struct_conf.conf_type_id 
_struct_conf.id 
_struct_conf.pdbx_PDB_helix_id 
_struct_conf.beg_label_comp_id 
_struct_conf.beg_label_asym_id 
_struct_conf.beg_label_seq_id 
_struct_conf.pdbx_beg_PDB_ins_code 
_struct_conf.end_label_comp_id 
_struct_conf.end_label_asym_id 
_struct_conf.end_label_seq_id 
_struct_conf.pdbx_end_PDB_ins_code 
_struct_conf.beg_auth_comp_id 
_struct_conf.beg_auth_asym_id 
_struct_conf.beg_auth_seq_id 
_struct_conf.end_auth_comp_id 
_struct_conf.end_auth_asym_id 
_struct_conf.end_auth_seq_id 
_struct_conf.pdbx_PDB_helix_class 
_struct_conf.details 
_struct_conf.pdbx_PDB_helix_length 
HELX_P HELX_P1 1 LYS A 12  ? THR A 18  ? LYS A 249 THR A 255 1 ? 7 
HELX_P HELX_P2 2 MET A 75  ? ASN A 81  ? MET A 312 ASN A 318 1 ? 7 
HELX_P HELX_P3 3 PRO A 120 ? MET A 124 ? PRO A 357 MET A 361 5 ? 5 
HELX_P HELX_P4 4 LYS A 180 ? GLU A 184 ? LYS A 417 GLU A 421 5 ? 5 
HELX_P HELX_P5 5 LEU A 198 ? ASN A 200 ? LEU A 435 ASN A 437 5 ? 3 
# 
_struct_conf_type.id          HELX_P 
_struct_conf_type.criteria    ? 
_struct_conf_type.reference   ? 
# 
loop_
_struct_conn.id 
_struct_conn.conn_type_id 
_struct_conn.pdbx_leaving_atom_flag 
_struct_conn.pdbx_PDB_id 
_struct_conn.ptnr1_label_asym_id 
_struct_conn.ptnr1_label_comp_id 
_struct_conn.ptnr1_label_seq_id 
_struct_conn.ptnr1_label_atom_id 
_struct_conn.pdbx_ptnr1_label_alt_id 
_struct_conn.pdbx_ptnr1_PDB_ins_code 
_struct_conn.pdbx_ptnr1_standard_comp_id 
_struct_conn.ptnr1_symmetry 
_struct_conn.ptnr2_label_asym_id 
_struct_conn.ptnr2_label_comp_id 
_struct_conn.ptnr2_label_seq_id 
_struct_conn.ptnr2_label_atom_id 
_struct_conn.pdbx_ptnr2_label_alt_id 
_struct_conn.pdbx_ptnr2_PDB_ins_code 
_struct_conn.ptnr1_auth_asym_id 
_struct_conn.ptnr1_auth_comp_id 
_struct_conn.ptnr1_auth_seq_id 
_struct_conn.ptnr2_auth_asym_id 
_struct_conn.ptnr2_auth_comp_id 
_struct_conn.ptnr2_auth_seq_id 
_struct_conn.ptnr2_symmetry 
_struct_conn.pdbx_ptnr3_label_atom_id 
_struct_conn.pdbx_ptnr3_label_seq_id 
_struct_conn.pdbx_ptnr3_label_comp_id 
_struct_conn.pdbx_ptnr3_label_asym_id 
_struct_conn.pdbx_ptnr3_label_alt_id 
_struct_conn.pdbx_ptnr3_PDB_ins_code 
_struct_conn.details 
_struct_conn.pdbx_dist_value 
_struct_conn.pdbx_value_order 
_struct_conn.pdbx_role 
disulf1 disulf ? ? A CYS 27  SG ? ? ? 1_555 A CYS 87  SG  ? ? A CYS 264 A CYS 324 1_555 ? ? ? ? ? ? ? 2.054 ? ? 
disulf2 disulf ? ? A CYS 133 SG ? ? ? 1_555 A CYS 191 SG  ? ? A CYS 370 A CYS 428 1_555 ? ? ? ? ? ? ? 2.036 ? ? 
metalc1 metalc ? ? B MG  .   MG ? ? ? 1_555 A GLU 60  OE1 ? ? A MG  1   A GLU 297 1_555 ? ? ? ? ? ? ? 2.093 ? ? 
# 
loop_
_struct_conn_type.id 
_struct_conn_type.criteria 
_struct_conn_type.reference 
disulf ? ? 
metalc ? ? 
# 
loop_
_pdbx_modification_feature.ordinal 
_pdbx_modification_feature.label_comp_id 
_pdbx_modification_feature.label_asym_id 
_pdbx_modification_feature.label_seq_id 
_pdbx_modification_feature.label_alt_id 
_pdbx_modification_feature.modified_residue_label_comp_id 
_pdbx_modification_feature.modified_residue_label_asym_id 
_pdbx_modification_feature.modified_residue_label_seq_id 
_pdbx_modification_feature.modified_residue_label_alt_id 
_pdbx_modification_feature.auth_comp_id 
_pdbx_modification_feature.auth_asym_id 
_pdbx_modification_feature.auth_seq_id 
_pdbx_modification_feature.PDB_ins_code 
_pdbx_modification_feature.symmetry 
_pdbx_modification_feature.modified_residue_auth_comp_id 
_pdbx_modification_feature.modified_residue_auth_asym_id 
_pdbx_modification_feature.modified_residue_auth_seq_id 
_pdbx_modification_feature.modified_residue_PDB_ins_code 
_pdbx_modification_feature.modified_residue_symmetry 
_pdbx_modification_feature.comp_id_linking_atom 
_pdbx_modification_feature.modified_residue_id_linking_atom 
_pdbx_modification_feature.modified_residue_id 
_pdbx_modification_feature.ref_pcm_id 
_pdbx_modification_feature.ref_comp_id 
_pdbx_modification_feature.type 
_pdbx_modification_feature.category 
1 CYS A 27  ? CYS A 87  ? CYS A 264 ? 1_555 CYS A 324 ? 1_555 SG SG . . . None 'Disulfide bridge' 
2 CYS A 133 ? CYS A 191 ? CYS A 370 ? 1_555 CYS A 428 ? 1_555 SG SG . . . None 'Disulfide bridge' 
# 
_struct_mon_prot_cis.pdbx_id                1 
_struct_mon_prot_cis.label_comp_id          PHE 
_struct_mon_prot_cis.label_seq_id           139 
_struct_mon_prot_cis.label_asym_id          A 
_struct_mon_prot_cis.label_alt_id           . 
_struct_mon_prot_cis.pdbx_PDB_ins_code      ? 
_struct_mon_prot_cis.auth_comp_id           PHE 
_struct_mon_prot_cis.auth_seq_id            376 
_struct_mon_prot_cis.auth_asym_id           A 
_struct_mon_prot_cis.pdbx_label_comp_id_2   PRO 
_struct_mon_prot_cis.pdbx_label_seq_id_2    140 
_struct_mon_prot_cis.pdbx_label_asym_id_2   A 
_struct_mon_prot_cis.pdbx_PDB_ins_code_2    ? 
_struct_mon_prot_cis.pdbx_auth_comp_id_2    PRO 
_struct_mon_prot_cis.pdbx_auth_seq_id_2     377 
_struct_mon_prot_cis.pdbx_auth_asym_id_2    A 
_struct_mon_prot_cis.pdbx_PDB_model_num     1 
_struct_mon_prot_cis.pdbx_omega_angle       -0.24 
# 
loop_
_struct_sheet.id 
_struct_sheet.type 
_struct_sheet.number_strands 
_struct_sheet.details 
A ? 4 ? 
B ? 4 ? 
C ? 4 ? 
D ? 4 ? 
E ? 4 ? 
F ? 3 ? 
# 
loop_
_struct_sheet_order.sheet_id 
_struct_sheet_order.range_id_1 
_struct_sheet_order.range_id_2 
_struct_sheet_order.offset 
_struct_sheet_order.sense 
A 1 2 ? anti-parallel 
A 2 3 ? anti-parallel 
A 3 4 ? anti-parallel 
B 1 2 ? anti-parallel 
B 2 3 ? anti-parallel 
B 3 4 ? anti-parallel 
C 1 2 ? anti-parallel 
C 2 3 ? anti-parallel 
C 3 4 ? anti-parallel 
D 1 2 ? anti-parallel 
D 2 3 ? anti-parallel 
D 3 4 ? anti-parallel 
E 1 2 ? anti-parallel 
E 2 3 ? anti-parallel 
E 3 4 ? anti-parallel 
F 1 2 ? anti-parallel 
F 2 3 ? anti-parallel 
# 
loop_
_struct_sheet_range.sheet_id 
_struct_sheet_range.id 
_struct_sheet_range.beg_label_comp_id 
_struct_sheet_range.beg_label_asym_id 
_struct_sheet_range.beg_label_seq_id 
_struct_sheet_range.pdbx_beg_PDB_ins_code 
_struct_sheet_range.end_label_comp_id 
_struct_sheet_range.end_label_asym_id 
_struct_sheet_range.end_label_seq_id 
_struct_sheet_range.pdbx_end_PDB_ins_code 
_struct_sheet_range.beg_auth_comp_id 
_struct_sheet_range.beg_auth_asym_id 
_struct_sheet_range.beg_auth_seq_id 
_struct_sheet_range.end_auth_comp_id 
_struct_sheet_range.end_auth_asym_id 
_struct_sheet_range.end_auth_seq_id 
A 1 VAL A 6   ? PHE A 9   ? VAL A 243 PHE A 246 
A 2 LYS A 24  ? ILE A 32  ? LYS A 261 ILE A 269 
A 3 PHE A 66  ? PRO A 73  ? PHE A 303 PRO A 310 
A 4 GLN A 54  ? THR A 55  ? GLN A 291 THR A 292 
B 1 VAL A 6   ? PHE A 9   ? VAL A 243 PHE A 246 
B 2 LYS A 24  ? ILE A 32  ? LYS A 261 ILE A 269 
B 3 PHE A 66  ? PRO A 73  ? PHE A 303 PRO A 310 
B 4 GLU A 59  ? GLU A 60  ? GLU A 296 GLU A 297 
C 1 GLU A 49  ? VAL A 50  ? GLU A 286 VAL A 287 
C 2 TRP A 43  ? VAL A 45  ? TRP A 280 VAL A 282 
C 3 PHE A 85  ? VAL A 89  ? PHE A 322 VAL A 326 
C 4 ILE A 98  ? ILE A 102 ? ILE A 335 ILE A 339 
D 1 GLN A 113 ? ILE A 117 ? GLN A 350 ILE A 354 
D 2 VAL A 129 ? PHE A 138 ? VAL A 366 PHE A 375 
D 3 TYR A 170 ? VAL A 178 ? TYR A 407 VAL A 415 
D 4 TYR A 157 ? ASN A 159 ? TYR A 394 ASN A 396 
E 1 GLN A 113 ? ILE A 117 ? GLN A 350 ILE A 354 
E 2 VAL A 129 ? PHE A 138 ? VAL A 366 PHE A 375 
E 3 TYR A 170 ? VAL A 178 ? TYR A 407 VAL A 415 
E 4 ILE A 163 ? MET A 164 ? ILE A 400 MET A 401 
F 1 THR A 144 ? TRP A 149 ? THR A 381 TRP A 386 
F 2 PHE A 189 ? LEU A 194 ? PHE A 426 LEU A 431 
F 3 HIS A 202 ? LEU A 207 ? HIS A 439 LEU A 444 
# 
loop_
_pdbx_struct_sheet_hbond.sheet_id 
_pdbx_struct_sheet_hbond.range_id_1 
_pdbx_struct_sheet_hbond.range_id_2 
_pdbx_struct_sheet_hbond.range_1_label_atom_id 
_pdbx_struct_sheet_hbond.range_1_label_comp_id 
_pdbx_struct_sheet_hbond.range_1_label_asym_id 
_pdbx_struct_sheet_hbond.range_1_label_seq_id 
_pdbx_struct_sheet_hbond.range_1_PDB_ins_code 
_pdbx_struct_sheet_hbond.range_1_auth_atom_id 
_pdbx_struct_sheet_hbond.range_1_auth_comp_id 
_pdbx_struct_sheet_hbond.range_1_auth_asym_id 
_pdbx_struct_sheet_hbond.range_1_auth_seq_id 
_pdbx_struct_sheet_hbond.range_2_label_atom_id 
_pdbx_struct_sheet_hbond.range_2_label_comp_id 
_pdbx_struct_sheet_hbond.range_2_label_asym_id 
_pdbx_struct_sheet_hbond.range_2_label_seq_id 
_pdbx_struct_sheet_hbond.range_2_PDB_ins_code 
_pdbx_struct_sheet_hbond.range_2_auth_atom_id 
_pdbx_struct_sheet_hbond.range_2_auth_comp_id 
_pdbx_struct_sheet_hbond.range_2_auth_asym_id 
_pdbx_struct_sheet_hbond.range_2_auth_seq_id 
A 1 2 N PHE A 9   ? N PHE A 246 O THR A 26  ? O THR A 263 
A 2 3 N VAL A 25  ? N VAL A 262 O LEU A 72  ? O LEU A 309 
A 3 4 O GLU A 71  ? O GLU A 308 N GLN A 54  ? N GLN A 291 
B 1 2 N PHE A 9   ? N PHE A 246 O THR A 26  ? O THR A 263 
B 2 3 N VAL A 25  ? N VAL A 262 O LEU A 72  ? O LEU A 309 
B 3 4 O ARG A 67  ? O ARG A 304 N GLU A 59  ? N GLU A 296 
C 1 2 O VAL A 50  ? O VAL A 287 N TRP A 43  ? N TRP A 280 
C 2 3 N PHE A 44  ? N PHE A 281 O LYS A 86  ? O LYS A 323 
C 3 4 N CYS A 87  ? N CYS A 324 O LYS A 100 ? O LYS A 337 
D 1 2 N GLN A 113 ? N GLN A 350 O THR A 136 ? O THR A 373 
D 2 3 N LEU A 131 ? N LEU A 368 O LEU A 176 ? O LEU A 413 
D 3 4 O LYS A 175 ? O LYS A 412 N LYS A 158 ? N LYS A 395 
E 1 2 N GLN A 113 ? N GLN A 350 O THR A 136 ? O THR A 373 
E 2 3 N LEU A 131 ? N LEU A 368 O LEU A 176 ? O LEU A 413 
E 3 4 O PHE A 171 ? O PHE A 408 N ILE A 163 ? N ILE A 400 
F 1 2 N THR A 144 ? N THR A 381 O LEU A 194 ? O LEU A 431 
F 2 3 N PHE A 189 ? N PHE A 426 O LEU A 207 ? O LEU A 444 
# 
_struct_site.id                   AC1 
_struct_site.pdbx_evidence_code   Software 
_struct_site.pdbx_auth_asym_id    A 
_struct_site.pdbx_auth_comp_id    MG 
_struct_site.pdbx_auth_seq_id     1 
_struct_site.pdbx_auth_ins_code   ? 
_struct_site.pdbx_num_residues    3 
_struct_site.details              'BINDING SITE FOR RESIDUE MG A 1' 
# 
loop_
_struct_site_gen.id 
_struct_site_gen.site_id 
_struct_site_gen.pdbx_num_res 
_struct_site_gen.label_comp_id 
_struct_site_gen.label_asym_id 
_struct_site_gen.label_seq_id 
_struct_site_gen.pdbx_auth_ins_code 
_struct_site_gen.auth_comp_id 
_struct_site_gen.auth_asym_id 
_struct_site_gen.auth_seq_id 
_struct_site_gen.label_atom_id 
_struct_site_gen.label_alt_id 
_struct_site_gen.symmetry 
_struct_site_gen.details 
1 AC1 3 GLU A 49  ? GLU A 286 . ? 6_655  ? 
2 AC1 3 GLU A 60  ? GLU A 297 . ? 1_555  ? 
3 AC1 3 GLN A 179 ? GLN A 416 . ? 12_556 ? 
# 
_pdbx_entry_details.entry_id                   3HKF 
_pdbx_entry_details.compound_details           ? 
_pdbx_entry_details.source_details             ? 
_pdbx_entry_details.nonpolymer_details         ? 
_pdbx_entry_details.sequence_details           ? 
_pdbx_entry_details.has_ligand_of_interest     ? 
_pdbx_entry_details.has_protein_modification   Y 
# 
loop_
_pdbx_validate_torsion.id 
_pdbx_validate_torsion.PDB_model_num 
_pdbx_validate_torsion.auth_comp_id 
_pdbx_validate_torsion.auth_asym_id 
_pdbx_validate_torsion.auth_seq_id 
_pdbx_validate_torsion.PDB_ins_code 
_pdbx_validate_torsion.label_alt_id 
_pdbx_validate_torsion.phi 
_pdbx_validate_torsion.psi 
1  1 ASP A 284 ? ? 56.87   9.74    
2  1 PRO A 294 ? ? -51.96  -72.00  
3  1 ARG A 295 ? ? 156.97  121.04  
4  1 SER A 301 ? ? 67.42   -14.44  
5  1 SER A 328 ? ? 169.74  -173.73 
6  1 ALA A 330 ? ? -66.01  10.79   
7  1 ASP A 364 ? ? -112.09 59.50   
8  1 LYS A 365 ? ? 161.03  104.51  
9  1 ASN A 387 ? ? 68.32   -84.70  
10 1 PRO A 390 ? ? -53.09  170.15  
11 1 LYS A 417 ? ? 15.90   -129.56 
12 1 SER A 418 ? ? 26.57   -99.97  
13 1 ASN A 419 ? ? -6.78   -73.62  
14 1 TRP A 420 ? ? -21.58  -84.43  
15 1 ASN A 437 ? ? 59.38   11.30   
16 1 HIS A 438 ? ? 59.24   6.05    
# 
_pdbx_struct_special_symmetry.id              1 
_pdbx_struct_special_symmetry.PDB_model_num   1 
_pdbx_struct_special_symmetry.auth_asym_id    A 
_pdbx_struct_special_symmetry.auth_comp_id    CL 
_pdbx_struct_special_symmetry.auth_seq_id     2 
_pdbx_struct_special_symmetry.PDB_ins_code    ? 
_pdbx_struct_special_symmetry.label_asym_id   C 
_pdbx_struct_special_symmetry.label_comp_id   CL 
_pdbx_struct_special_symmetry.label_seq_id    . 
# 
loop_
_pdbx_unobs_or_zero_occ_residues.id 
_pdbx_unobs_or_zero_occ_residues.PDB_model_num 
_pdbx_unobs_or_zero_occ_residues.polymer_flag 
_pdbx_unobs_or_zero_occ_residues.occupancy_flag 
_pdbx_unobs_or_zero_occ_residues.auth_asym_id 
_pdbx_unobs_or_zero_occ_residues.auth_comp_id 
_pdbx_unobs_or_zero_occ_residues.auth_seq_id 
_pdbx_unobs_or_zero_occ_residues.PDB_ins_code 
_pdbx_unobs_or_zero_occ_residues.label_asym_id 
_pdbx_unobs_or_zero_occ_residues.label_comp_id 
_pdbx_unobs_or_zero_occ_residues.label_seq_id 
1 1 Y 1 A MET 238 ? A MET 1   
2 1 Y 1 A GLU 239 ? A GLU 2   
3 1 Y 1 A VAL 240 ? A VAL 3   
4 1 Y 1 A HIS 446 ? A HIS 209 
5 1 Y 1 A SER 447 ? A SER 210 
6 1 Y 1 A PRO 448 ? A PRO 211 
7 1 Y 1 A GLY 449 ? A GLY 212 
8 1 Y 1 A LYS 450 ? A LYS 213 
9 1 Y 1 A GLU 451 ? A GLU 214 
# 
loop_
_chem_comp_atom.comp_id 
_chem_comp_atom.atom_id 
_chem_comp_atom.type_symbol 
_chem_comp_atom.pdbx_aromatic_flag 
_chem_comp_atom.pdbx_stereo_config 
_chem_comp_atom.pdbx_ordinal 
ALA N    N  N N 1   
ALA CA   C  N S 2   
ALA C    C  N N 3   
ALA O    O  N N 4   
ALA CB   C  N N 5   
ALA OXT  O  N N 6   
ALA H    H  N N 7   
ALA H2   H  N N 8   
ALA HA   H  N N 9   
ALA HB1  H  N N 10  
ALA HB2  H  N N 11  
ALA HB3  H  N N 12  
ALA HXT  H  N N 13  
ARG N    N  N N 14  
ARG CA   C  N S 15  
ARG C    C  N N 16  
ARG O    O  N N 17  
ARG CB   C  N N 18  
ARG CG   C  N N 19  
ARG CD   C  N N 20  
ARG NE   N  N N 21  
ARG CZ   C  N N 22  
ARG NH1  N  N N 23  
ARG NH2  N  N N 24  
ARG OXT  O  N N 25  
ARG H    H  N N 26  
ARG H2   H  N N 27  
ARG HA   H  N N 28  
ARG HB2  H  N N 29  
ARG HB3  H  N N 30  
ARG HG2  H  N N 31  
ARG HG3  H  N N 32  
ARG HD2  H  N N 33  
ARG HD3  H  N N 34  
ARG HE   H  N N 35  
ARG HH11 H  N N 36  
ARG HH12 H  N N 37  
ARG HH21 H  N N 38  
ARG HH22 H  N N 39  
ARG HXT  H  N N 40  
ASN N    N  N N 41  
ASN CA   C  N S 42  
ASN C    C  N N 43  
ASN O    O  N N 44  
ASN CB   C  N N 45  
ASN CG   C  N N 46  
ASN OD1  O  N N 47  
ASN ND2  N  N N 48  
ASN OXT  O  N N 49  
ASN H    H  N N 50  
ASN H2   H  N N 51  
ASN HA   H  N N 52  
ASN HB2  H  N N 53  
ASN HB3  H  N N 54  
ASN HD21 H  N N 55  
ASN HD22 H  N N 56  
ASN HXT  H  N N 57  
ASP N    N  N N 58  
ASP CA   C  N S 59  
ASP C    C  N N 60  
ASP O    O  N N 61  
ASP CB   C  N N 62  
ASP CG   C  N N 63  
ASP OD1  O  N N 64  
ASP OD2  O  N N 65  
ASP OXT  O  N N 66  
ASP H    H  N N 67  
ASP H2   H  N N 68  
ASP HA   H  N N 69  
ASP HB2  H  N N 70  
ASP HB3  H  N N 71  
ASP HD2  H  N N 72  
ASP HXT  H  N N 73  
CL  CL   CL N N 74  
CYS N    N  N N 75  
CYS CA   C  N R 76  
CYS C    C  N N 77  
CYS O    O  N N 78  
CYS CB   C  N N 79  
CYS SG   S  N N 80  
CYS OXT  O  N N 81  
CYS H    H  N N 82  
CYS H2   H  N N 83  
CYS HA   H  N N 84  
CYS HB2  H  N N 85  
CYS HB3  H  N N 86  
CYS HG   H  N N 87  
CYS HXT  H  N N 88  
GLN N    N  N N 89  
GLN CA   C  N S 90  
GLN C    C  N N 91  
GLN O    O  N N 92  
GLN CB   C  N N 93  
GLN CG   C  N N 94  
GLN CD   C  N N 95  
GLN OE1  O  N N 96  
GLN NE2  N  N N 97  
GLN OXT  O  N N 98  
GLN H    H  N N 99  
GLN H2   H  N N 100 
GLN HA   H  N N 101 
GLN HB2  H  N N 102 
GLN HB3  H  N N 103 
GLN HG2  H  N N 104 
GLN HG3  H  N N 105 
GLN HE21 H  N N 106 
GLN HE22 H  N N 107 
GLN HXT  H  N N 108 
GLU N    N  N N 109 
GLU CA   C  N S 110 
GLU C    C  N N 111 
GLU O    O  N N 112 
GLU CB   C  N N 113 
GLU CG   C  N N 114 
GLU CD   C  N N 115 
GLU OE1  O  N N 116 
GLU OE2  O  N N 117 
GLU OXT  O  N N 118 
GLU H    H  N N 119 
GLU H2   H  N N 120 
GLU HA   H  N N 121 
GLU HB2  H  N N 122 
GLU HB3  H  N N 123 
GLU HG2  H  N N 124 
GLU HG3  H  N N 125 
GLU HE2  H  N N 126 
GLU HXT  H  N N 127 
GLY N    N  N N 128 
GLY CA   C  N N 129 
GLY C    C  N N 130 
GLY O    O  N N 131 
GLY OXT  O  N N 132 
GLY H    H  N N 133 
GLY H2   H  N N 134 
GLY HA2  H  N N 135 
GLY HA3  H  N N 136 
GLY HXT  H  N N 137 
HIS N    N  N N 138 
HIS CA   C  N S 139 
HIS C    C  N N 140 
HIS O    O  N N 141 
HIS CB   C  N N 142 
HIS CG   C  Y N 143 
HIS ND1  N  Y N 144 
HIS CD2  C  Y N 145 
HIS CE1  C  Y N 146 
HIS NE2  N  Y N 147 
HIS OXT  O  N N 148 
HIS H    H  N N 149 
HIS H2   H  N N 150 
HIS HA   H  N N 151 
HIS HB2  H  N N 152 
HIS HB3  H  N N 153 
HIS HD1  H  N N 154 
HIS HD2  H  N N 155 
HIS HE1  H  N N 156 
HIS HE2  H  N N 157 
HIS HXT  H  N N 158 
HOH O    O  N N 159 
HOH H1   H  N N 160 
HOH H2   H  N N 161 
ILE N    N  N N 162 
ILE CA   C  N S 163 
ILE C    C  N N 164 
ILE O    O  N N 165 
ILE CB   C  N S 166 
ILE CG1  C  N N 167 
ILE CG2  C  N N 168 
ILE CD1  C  N N 169 
ILE OXT  O  N N 170 
ILE H    H  N N 171 
ILE H2   H  N N 172 
ILE HA   H  N N 173 
ILE HB   H  N N 174 
ILE HG12 H  N N 175 
ILE HG13 H  N N 176 
ILE HG21 H  N N 177 
ILE HG22 H  N N 178 
ILE HG23 H  N N 179 
ILE HD11 H  N N 180 
ILE HD12 H  N N 181 
ILE HD13 H  N N 182 
ILE HXT  H  N N 183 
LEU N    N  N N 184 
LEU CA   C  N S 185 
LEU C    C  N N 186 
LEU O    O  N N 187 
LEU CB   C  N N 188 
LEU CG   C  N N 189 
LEU CD1  C  N N 190 
LEU CD2  C  N N 191 
LEU OXT  O  N N 192 
LEU H    H  N N 193 
LEU H2   H  N N 194 
LEU HA   H  N N 195 
LEU HB2  H  N N 196 
LEU HB3  H  N N 197 
LEU HG   H  N N 198 
LEU HD11 H  N N 199 
LEU HD12 H  N N 200 
LEU HD13 H  N N 201 
LEU HD21 H  N N 202 
LEU HD22 H  N N 203 
LEU HD23 H  N N 204 
LEU HXT  H  N N 205 
LYS N    N  N N 206 
LYS CA   C  N S 207 
LYS C    C  N N 208 
LYS O    O  N N 209 
LYS CB   C  N N 210 
LYS CG   C  N N 211 
LYS CD   C  N N 212 
LYS CE   C  N N 213 
LYS NZ   N  N N 214 
LYS OXT  O  N N 215 
LYS H    H  N N 216 
LYS H2   H  N N 217 
LYS HA   H  N N 218 
LYS HB2  H  N N 219 
LYS HB3  H  N N 220 
LYS HG2  H  N N 221 
LYS HG3  H  N N 222 
LYS HD2  H  N N 223 
LYS HD3  H  N N 224 
LYS HE2  H  N N 225 
LYS HE3  H  N N 226 
LYS HZ1  H  N N 227 
LYS HZ2  H  N N 228 
LYS HZ3  H  N N 229 
LYS HXT  H  N N 230 
MET N    N  N N 231 
MET CA   C  N S 232 
MET C    C  N N 233 
MET O    O  N N 234 
MET CB   C  N N 235 
MET CG   C  N N 236 
MET SD   S  N N 237 
MET CE   C  N N 238 
MET OXT  O  N N 239 
MET H    H  N N 240 
MET H2   H  N N 241 
MET HA   H  N N 242 
MET HB2  H  N N 243 
MET HB3  H  N N 244 
MET HG2  H  N N 245 
MET HG3  H  N N 246 
MET HE1  H  N N 247 
MET HE2  H  N N 248 
MET HE3  H  N N 249 
MET HXT  H  N N 250 
MG  MG   MG N N 251 
PHE N    N  N N 252 
PHE CA   C  N S 253 
PHE C    C  N N 254 
PHE O    O  N N 255 
PHE CB   C  N N 256 
PHE CG   C  Y N 257 
PHE CD1  C  Y N 258 
PHE CD2  C  Y N 259 
PHE CE1  C  Y N 260 
PHE CE2  C  Y N 261 
PHE CZ   C  Y N 262 
PHE OXT  O  N N 263 
PHE H    H  N N 264 
PHE H2   H  N N 265 
PHE HA   H  N N 266 
PHE HB2  H  N N 267 
PHE HB3  H  N N 268 
PHE HD1  H  N N 269 
PHE HD2  H  N N 270 
PHE HE1  H  N N 271 
PHE HE2  H  N N 272 
PHE HZ   H  N N 273 
PHE HXT  H  N N 274 
PRO N    N  N N 275 
PRO CA   C  N S 276 
PRO C    C  N N 277 
PRO O    O  N N 278 
PRO CB   C  N N 279 
PRO CG   C  N N 280 
PRO CD   C  N N 281 
PRO OXT  O  N N 282 
PRO H    H  N N 283 
PRO HA   H  N N 284 
PRO HB2  H  N N 285 
PRO HB3  H  N N 286 
PRO HG2  H  N N 287 
PRO HG3  H  N N 288 
PRO HD2  H  N N 289 
PRO HD3  H  N N 290 
PRO HXT  H  N N 291 
SER N    N  N N 292 
SER CA   C  N S 293 
SER C    C  N N 294 
SER O    O  N N 295 
SER CB   C  N N 296 
SER OG   O  N N 297 
SER OXT  O  N N 298 
SER H    H  N N 299 
SER H2   H  N N 300 
SER HA   H  N N 301 
SER HB2  H  N N 302 
SER HB3  H  N N 303 
SER HG   H  N N 304 
SER HXT  H  N N 305 
THR N    N  N N 306 
THR CA   C  N S 307 
THR C    C  N N 308 
THR O    O  N N 309 
THR CB   C  N R 310 
THR OG1  O  N N 311 
THR CG2  C  N N 312 
THR OXT  O  N N 313 
THR H    H  N N 314 
THR H2   H  N N 315 
THR HA   H  N N 316 
THR HB   H  N N 317 
THR HG1  H  N N 318 
THR HG21 H  N N 319 
THR HG22 H  N N 320 
THR HG23 H  N N 321 
THR HXT  H  N N 322 
TRP N    N  N N 323 
TRP CA   C  N S 324 
TRP C    C  N N 325 
TRP O    O  N N 326 
TRP CB   C  N N 327 
TRP CG   C  Y N 328 
TRP CD1  C  Y N 329 
TRP CD2  C  Y N 330 
TRP NE1  N  Y N 331 
TRP CE2  C  Y N 332 
TRP CE3  C  Y N 333 
TRP CZ2  C  Y N 334 
TRP CZ3  C  Y N 335 
TRP CH2  C  Y N 336 
TRP OXT  O  N N 337 
TRP H    H  N N 338 
TRP H2   H  N N 339 
TRP HA   H  N N 340 
TRP HB2  H  N N 341 
TRP HB3  H  N N 342 
TRP HD1  H  N N 343 
TRP HE1  H  N N 344 
TRP HE3  H  N N 345 
TRP HZ2  H  N N 346 
TRP HZ3  H  N N 347 
TRP HH2  H  N N 348 
TRP HXT  H  N N 349 
TYR N    N  N N 350 
TYR CA   C  N S 351 
TYR C    C  N N 352 
TYR O    O  N N 353 
TYR CB   C  N N 354 
TYR CG   C  Y N 355 
TYR CD1  C  Y N 356 
TYR CD2  C  Y N 357 
TYR CE1  C  Y N 358 
TYR CE2  C  Y N 359 
TYR CZ   C  Y N 360 
TYR OH   O  N N 361 
TYR OXT  O  N N 362 
TYR H    H  N N 363 
TYR H2   H  N N 364 
TYR HA   H  N N 365 
TYR HB2  H  N N 366 
TYR HB3  H  N N 367 
TYR HD1  H  N N 368 
TYR HD2  H  N N 369 
TYR HE1  H  N N 370 
TYR HE2  H  N N 371 
TYR HH   H  N N 372 
TYR HXT  H  N N 373 
VAL N    N  N N 374 
VAL CA   C  N S 375 
VAL C    C  N N 376 
VAL O    O  N N 377 
VAL CB   C  N N 378 
VAL CG1  C  N N 379 
VAL CG2  C  N N 380 
VAL OXT  O  N N 381 
VAL H    H  N N 382 
VAL H2   H  N N 383 
VAL HA   H  N N 384 
VAL HB   H  N N 385 
VAL HG11 H  N N 386 
VAL HG12 H  N N 387 
VAL HG13 H  N N 388 
VAL HG21 H  N N 389 
VAL HG22 H  N N 390 
VAL HG23 H  N N 391 
VAL HXT  H  N N 392 
# 
loop_
_chem_comp_bond.comp_id 
_chem_comp_bond.atom_id_1 
_chem_comp_bond.atom_id_2 
_chem_comp_bond.value_order 
_chem_comp_bond.pdbx_aromatic_flag 
_chem_comp_bond.pdbx_stereo_config 
_chem_comp_bond.pdbx_ordinal 
ALA N   CA   sing N N 1   
ALA N   H    sing N N 2   
ALA N   H2   sing N N 3   
ALA CA  C    sing N N 4   
ALA CA  CB   sing N N 5   
ALA CA  HA   sing N N 6   
ALA C   O    doub N N 7   
ALA C   OXT  sing N N 8   
ALA CB  HB1  sing N N 9   
ALA CB  HB2  sing N N 10  
ALA CB  HB3  sing N N 11  
ALA OXT HXT  sing N N 12  
ARG N   CA   sing N N 13  
ARG N   H    sing N N 14  
ARG N   H2   sing N N 15  
ARG CA  C    sing N N 16  
ARG CA  CB   sing N N 17  
ARG CA  HA   sing N N 18  
ARG C   O    doub N N 19  
ARG C   OXT  sing N N 20  
ARG CB  CG   sing N N 21  
ARG CB  HB2  sing N N 22  
ARG CB  HB3  sing N N 23  
ARG CG  CD   sing N N 24  
ARG CG  HG2  sing N N 25  
ARG CG  HG3  sing N N 26  
ARG CD  NE   sing N N 27  
ARG CD  HD2  sing N N 28  
ARG CD  HD3  sing N N 29  
ARG NE  CZ   sing N N 30  
ARG NE  HE   sing N N 31  
ARG CZ  NH1  sing N N 32  
ARG CZ  NH2  doub N N 33  
ARG NH1 HH11 sing N N 34  
ARG NH1 HH12 sing N N 35  
ARG NH2 HH21 sing N N 36  
ARG NH2 HH22 sing N N 37  
ARG OXT HXT  sing N N 38  
ASN N   CA   sing N N 39  
ASN N   H    sing N N 40  
ASN N   H2   sing N N 41  
ASN CA  C    sing N N 42  
ASN CA  CB   sing N N 43  
ASN CA  HA   sing N N 44  
ASN C   O    doub N N 45  
ASN C   OXT  sing N N 46  
ASN CB  CG   sing N N 47  
ASN CB  HB2  sing N N 48  
ASN CB  HB3  sing N N 49  
ASN CG  OD1  doub N N 50  
ASN CG  ND2  sing N N 51  
ASN ND2 HD21 sing N N 52  
ASN ND2 HD22 sing N N 53  
ASN OXT HXT  sing N N 54  
ASP N   CA   sing N N 55  
ASP N   H    sing N N 56  
ASP N   H2   sing N N 57  
ASP CA  C    sing N N 58  
ASP CA  CB   sing N N 59  
ASP CA  HA   sing N N 60  
ASP C   O    doub N N 61  
ASP C   OXT  sing N N 62  
ASP CB  CG   sing N N 63  
ASP CB  HB2  sing N N 64  
ASP CB  HB3  sing N N 65  
ASP CG  OD1  doub N N 66  
ASP CG  OD2  sing N N 67  
ASP OD2 HD2  sing N N 68  
ASP OXT HXT  sing N N 69  
CYS N   CA   sing N N 70  
CYS N   H    sing N N 71  
CYS N   H2   sing N N 72  
CYS CA  C    sing N N 73  
CYS CA  CB   sing N N 74  
CYS CA  HA   sing N N 75  
CYS C   O    doub N N 76  
CYS C   OXT  sing N N 77  
CYS CB  SG   sing N N 78  
CYS CB  HB2  sing N N 79  
CYS CB  HB3  sing N N 80  
CYS SG  HG   sing N N 81  
CYS OXT HXT  sing N N 82  
GLN N   CA   sing N N 83  
GLN N   H    sing N N 84  
GLN N   H2   sing N N 85  
GLN CA  C    sing N N 86  
GLN CA  CB   sing N N 87  
GLN CA  HA   sing N N 88  
GLN C   O    doub N N 89  
GLN C   OXT  sing N N 90  
GLN CB  CG   sing N N 91  
GLN CB  HB2  sing N N 92  
GLN CB  HB3  sing N N 93  
GLN CG  CD   sing N N 94  
GLN CG  HG2  sing N N 95  
GLN CG  HG3  sing N N 96  
GLN CD  OE1  doub N N 97  
GLN CD  NE2  sing N N 98  
GLN NE2 HE21 sing N N 99  
GLN NE2 HE22 sing N N 100 
GLN OXT HXT  sing N N 101 
GLU N   CA   sing N N 102 
GLU N   H    sing N N 103 
GLU N   H2   sing N N 104 
GLU CA  C    sing N N 105 
GLU CA  CB   sing N N 106 
GLU CA  HA   sing N N 107 
GLU C   O    doub N N 108 
GLU C   OXT  sing N N 109 
GLU CB  CG   sing N N 110 
GLU CB  HB2  sing N N 111 
GLU CB  HB3  sing N N 112 
GLU CG  CD   sing N N 113 
GLU CG  HG2  sing N N 114 
GLU CG  HG3  sing N N 115 
GLU CD  OE1  doub N N 116 
GLU CD  OE2  sing N N 117 
GLU OE2 HE2  sing N N 118 
GLU OXT HXT  sing N N 119 
GLY N   CA   sing N N 120 
GLY N   H    sing N N 121 
GLY N   H2   sing N N 122 
GLY CA  C    sing N N 123 
GLY CA  HA2  sing N N 124 
GLY CA  HA3  sing N N 125 
GLY C   O    doub N N 126 
GLY C   OXT  sing N N 127 
GLY OXT HXT  sing N N 128 
HIS N   CA   sing N N 129 
HIS N   H    sing N N 130 
HIS N   H2   sing N N 131 
HIS CA  C    sing N N 132 
HIS CA  CB   sing N N 133 
HIS CA  HA   sing N N 134 
HIS C   O    doub N N 135 
HIS C   OXT  sing N N 136 
HIS CB  CG   sing N N 137 
HIS CB  HB2  sing N N 138 
HIS CB  HB3  sing N N 139 
HIS CG  ND1  sing Y N 140 
HIS CG  CD2  doub Y N 141 
HIS ND1 CE1  doub Y N 142 
HIS ND1 HD1  sing N N 143 
HIS CD2 NE2  sing Y N 144 
HIS CD2 HD2  sing N N 145 
HIS CE1 NE2  sing Y N 146 
HIS CE1 HE1  sing N N 147 
HIS NE2 HE2  sing N N 148 
HIS OXT HXT  sing N N 149 
HOH O   H1   sing N N 150 
HOH O   H2   sing N N 151 
ILE N   CA   sing N N 152 
ILE N   H    sing N N 153 
ILE N   H2   sing N N 154 
ILE CA  C    sing N N 155 
ILE CA  CB   sing N N 156 
ILE CA  HA   sing N N 157 
ILE C   O    doub N N 158 
ILE C   OXT  sing N N 159 
ILE CB  CG1  sing N N 160 
ILE CB  CG2  sing N N 161 
ILE CB  HB   sing N N 162 
ILE CG1 CD1  sing N N 163 
ILE CG1 HG12 sing N N 164 
ILE CG1 HG13 sing N N 165 
ILE CG2 HG21 sing N N 166 
ILE CG2 HG22 sing N N 167 
ILE CG2 HG23 sing N N 168 
ILE CD1 HD11 sing N N 169 
ILE CD1 HD12 sing N N 170 
ILE CD1 HD13 sing N N 171 
ILE OXT HXT  sing N N 172 
LEU N   CA   sing N N 173 
LEU N   H    sing N N 174 
LEU N   H2   sing N N 175 
LEU CA  C    sing N N 176 
LEU CA  CB   sing N N 177 
LEU CA  HA   sing N N 178 
LEU C   O    doub N N 179 
LEU C   OXT  sing N N 180 
LEU CB  CG   sing N N 181 
LEU CB  HB2  sing N N 182 
LEU CB  HB3  sing N N 183 
LEU CG  CD1  sing N N 184 
LEU CG  CD2  sing N N 185 
LEU CG  HG   sing N N 186 
LEU CD1 HD11 sing N N 187 
LEU CD1 HD12 sing N N 188 
LEU CD1 HD13 sing N N 189 
LEU CD2 HD21 sing N N 190 
LEU CD2 HD22 sing N N 191 
LEU CD2 HD23 sing N N 192 
LEU OXT HXT  sing N N 193 
LYS N   CA   sing N N 194 
LYS N   H    sing N N 195 
LYS N   H2   sing N N 196 
LYS CA  C    sing N N 197 
LYS CA  CB   sing N N 198 
LYS CA  HA   sing N N 199 
LYS C   O    doub N N 200 
LYS C   OXT  sing N N 201 
LYS CB  CG   sing N N 202 
LYS CB  HB2  sing N N 203 
LYS CB  HB3  sing N N 204 
LYS CG  CD   sing N N 205 
LYS CG  HG2  sing N N 206 
LYS CG  HG3  sing N N 207 
LYS CD  CE   sing N N 208 
LYS CD  HD2  sing N N 209 
LYS CD  HD3  sing N N 210 
LYS CE  NZ   sing N N 211 
LYS CE  HE2  sing N N 212 
LYS CE  HE3  sing N N 213 
LYS NZ  HZ1  sing N N 214 
LYS NZ  HZ2  sing N N 215 
LYS NZ  HZ3  sing N N 216 
LYS OXT HXT  sing N N 217 
MET N   CA   sing N N 218 
MET N   H    sing N N 219 
MET N   H2   sing N N 220 
MET CA  C    sing N N 221 
MET CA  CB   sing N N 222 
MET CA  HA   sing N N 223 
MET C   O    doub N N 224 
MET C   OXT  sing N N 225 
MET CB  CG   sing N N 226 
MET CB  HB2  sing N N 227 
MET CB  HB3  sing N N 228 
MET CG  SD   sing N N 229 
MET CG  HG2  sing N N 230 
MET CG  HG3  sing N N 231 
MET SD  CE   sing N N 232 
MET CE  HE1  sing N N 233 
MET CE  HE2  sing N N 234 
MET CE  HE3  sing N N 235 
MET OXT HXT  sing N N 236 
PHE N   CA   sing N N 237 
PHE N   H    sing N N 238 
PHE N   H2   sing N N 239 
PHE CA  C    sing N N 240 
PHE CA  CB   sing N N 241 
PHE CA  HA   sing N N 242 
PHE C   O    doub N N 243 
PHE C   OXT  sing N N 244 
PHE CB  CG   sing N N 245 
PHE CB  HB2  sing N N 246 
PHE CB  HB3  sing N N 247 
PHE CG  CD1  doub Y N 248 
PHE CG  CD2  sing Y N 249 
PHE CD1 CE1  sing Y N 250 
PHE CD1 HD1  sing N N 251 
PHE CD2 CE2  doub Y N 252 
PHE CD2 HD2  sing N N 253 
PHE CE1 CZ   doub Y N 254 
PHE CE1 HE1  sing N N 255 
PHE CE2 CZ   sing Y N 256 
PHE CE2 HE2  sing N N 257 
PHE CZ  HZ   sing N N 258 
PHE OXT HXT  sing N N 259 
PRO N   CA   sing N N 260 
PRO N   CD   sing N N 261 
PRO N   H    sing N N 262 
PRO CA  C    sing N N 263 
PRO CA  CB   sing N N 264 
PRO CA  HA   sing N N 265 
PRO C   O    doub N N 266 
PRO C   OXT  sing N N 267 
PRO CB  CG   sing N N 268 
PRO CB  HB2  sing N N 269 
PRO CB  HB3  sing N N 270 
PRO CG  CD   sing N N 271 
PRO CG  HG2  sing N N 272 
PRO CG  HG3  sing N N 273 
PRO CD  HD2  sing N N 274 
PRO CD  HD3  sing N N 275 
PRO OXT HXT  sing N N 276 
SER N   CA   sing N N 277 
SER N   H    sing N N 278 
SER N   H2   sing N N 279 
SER CA  C    sing N N 280 
SER CA  CB   sing N N 281 
SER CA  HA   sing N N 282 
SER C   O    doub N N 283 
SER C   OXT  sing N N 284 
SER CB  OG   sing N N 285 
SER CB  HB2  sing N N 286 
SER CB  HB3  sing N N 287 
SER OG  HG   sing N N 288 
SER OXT HXT  sing N N 289 
THR N   CA   sing N N 290 
THR N   H    sing N N 291 
THR N   H2   sing N N 292 
THR CA  C    sing N N 293 
THR CA  CB   sing N N 294 
THR CA  HA   sing N N 295 
THR C   O    doub N N 296 
THR C   OXT  sing N N 297 
THR CB  OG1  sing N N 298 
THR CB  CG2  sing N N 299 
THR CB  HB   sing N N 300 
THR OG1 HG1  sing N N 301 
THR CG2 HG21 sing N N 302 
THR CG2 HG22 sing N N 303 
THR CG2 HG23 sing N N 304 
THR OXT HXT  sing N N 305 
TRP N   CA   sing N N 306 
TRP N   H    sing N N 307 
TRP N   H2   sing N N 308 
TRP CA  C    sing N N 309 
TRP CA  CB   sing N N 310 
TRP CA  HA   sing N N 311 
TRP C   O    doub N N 312 
TRP C   OXT  sing N N 313 
TRP CB  CG   sing N N 314 
TRP CB  HB2  sing N N 315 
TRP CB  HB3  sing N N 316 
TRP CG  CD1  doub Y N 317 
TRP CG  CD2  sing Y N 318 
TRP CD1 NE1  sing Y N 319 
TRP CD1 HD1  sing N N 320 
TRP CD2 CE2  doub Y N 321 
TRP CD2 CE3  sing Y N 322 
TRP NE1 CE2  sing Y N 323 
TRP NE1 HE1  sing N N 324 
TRP CE2 CZ2  sing Y N 325 
TRP CE3 CZ3  doub Y N 326 
TRP CE3 HE3  sing N N 327 
TRP CZ2 CH2  doub Y N 328 
TRP CZ2 HZ2  sing N N 329 
TRP CZ3 CH2  sing Y N 330 
TRP CZ3 HZ3  sing N N 331 
TRP CH2 HH2  sing N N 332 
TRP OXT HXT  sing N N 333 
TYR N   CA   sing N N 334 
TYR N   H    sing N N 335 
TYR N   H2   sing N N 336 
TYR CA  C    sing N N 337 
TYR CA  CB   sing N N 338 
TYR CA  HA   sing N N 339 
TYR C   O    doub N N 340 
TYR C   OXT  sing N N 341 
TYR CB  CG   sing N N 342 
TYR CB  HB2  sing N N 343 
TYR CB  HB3  sing N N 344 
TYR CG  CD1  doub Y N 345 
TYR CG  CD2  sing Y N 346 
TYR CD1 CE1  sing Y N 347 
TYR CD1 HD1  sing N N 348 
TYR CD2 CE2  doub Y N 349 
TYR CD2 HD2  sing N N 350 
TYR CE1 CZ   doub Y N 351 
TYR CE1 HE1  sing N N 352 
TYR CE2 CZ   sing Y N 353 
TYR CE2 HE2  sing N N 354 
TYR CZ  OH   sing N N 355 
TYR OH  HH   sing N N 356 
TYR OXT HXT  sing N N 357 
VAL N   CA   sing N N 358 
VAL N   H    sing N N 359 
VAL N   H2   sing N N 360 
VAL CA  C    sing N N 361 
VAL CA  CB   sing N N 362 
VAL CA  HA   sing N N 363 
VAL C   O    doub N N 364 
VAL C   OXT  sing N N 365 
VAL CB  CG1  sing N N 366 
VAL CB  CG2  sing N N 367 
VAL CB  HB   sing N N 368 
VAL CG1 HG11 sing N N 369 
VAL CG1 HG12 sing N N 370 
VAL CG1 HG13 sing N N 371 
VAL CG2 HG21 sing N N 372 
VAL CG2 HG22 sing N N 373 
VAL CG2 HG23 sing N N 374 
VAL OXT HXT  sing N N 375 
# 
_pdbx_initial_refinement_model.id               1 
_pdbx_initial_refinement_model.entity_id_list   ? 
_pdbx_initial_refinement_model.type             'experimental model' 
_pdbx_initial_refinement_model.source_name      PDB 
_pdbx_initial_refinement_model.accession_code   1H3W 
_pdbx_initial_refinement_model.details          'PDB ENTRY 1H3W' 
# 
_atom_sites.entry_id                    3HKF 
_atom_sites.fract_transf_matrix[1][1]   -0.00689722 
_atom_sites.fract_transf_matrix[1][2]   0.00463349 
_atom_sites.fract_transf_matrix[1][3]   -0.00862707 
_atom_sites.fract_transf_matrix[2][1]   -0.00454164 
_atom_sites.fract_transf_matrix[2][2]   -0.00710972 
_atom_sites.fract_transf_matrix[2][3]   -0.00850282 
_atom_sites.fract_transf_matrix[3][1]   -0.00891824 
_atom_sites.fract_transf_matrix[3][2]   -0.00172327 
_atom_sites.fract_transf_matrix[3][3]   0.00620446 
_atom_sites.fract_transf_vector[1]      0.876418 
_atom_sites.fract_transf_vector[2]      0.461061 
_atom_sites.fract_transf_vector[3]      0.399826 
# 
loop_
_atom_type.symbol 
C  
CL 
MG 
N  
O  
S  
# 
loop_
_atom_site.group_PDB 
_atom_site.id 
_atom_site.type_symbol 
_atom_site.label_atom_id 
_atom_site.label_alt_id 
_atom_site.label_comp_id 
_atom_site.label_asym_id 
_atom_site.label_entity_id 
_atom_site.label_seq_id 
_atom_site.pdbx_PDB_ins_code 
_atom_site.Cartn_x 
_atom_site.Cartn_y 
_atom_site.Cartn_z 
_atom_site.occupancy 
_atom_site.B_iso_or_equiv 
_atom_site.pdbx_formal_charge 
_atom_site.auth_seq_id 
_atom_site.auth_comp_id 
_atom_site.auth_asym_id 
_atom_site.auth_atom_id 
_atom_site.pdbx_PDB_model_num 
ATOM   1    N  N   . SER A 1 4   ? -8.481  -15.974 -16.454 1.00 67.76  ? 241 SER A N   1 
ATOM   2    C  CA  . SER A 1 4   ? -8.049  -15.487 -15.111 1.00 68.68  ? 241 SER A CA  1 
ATOM   3    C  C   . SER A 1 4   ? -6.526  -15.410 -14.974 1.00 69.44  ? 241 SER A C   1 
ATOM   4    O  O   . SER A 1 4   ? -5.804  -16.413 -15.095 1.00 67.82  ? 241 SER A O   1 
ATOM   5    C  CB  . SER A 1 4   ? -8.613  -16.386 -14.006 1.00 66.65  ? 241 SER A CB  1 
ATOM   6    O  OG  . SER A 1 4   ? -8.109  -17.704 -14.110 1.00 65.13  ? 241 SER A OG  1 
ATOM   7    N  N   . SER A 1 5   ? -6.053  -14.192 -14.737 1.00 70.92  ? 242 SER A N   1 
ATOM   8    C  CA  . SER A 1 5   ? -4.635  -13.929 -14.553 1.00 72.00  ? 242 SER A CA  1 
ATOM   9    C  C   . SER A 1 5   ? -4.363  -13.728 -13.060 1.00 71.58  ? 242 SER A C   1 
ATOM   10   O  O   . SER A 1 5   ? -5.177  -13.158 -12.327 1.00 71.31  ? 242 SER A O   1 
ATOM   11   C  CB  . SER A 1 5   ? -4.198  -12.683 -15.348 1.00 72.54  ? 242 SER A CB  1 
ATOM   12   O  OG  . SER A 1 5   ? -3.991  -12.981 -16.724 1.00 73.36  ? 242 SER A OG  1 
ATOM   13   N  N   . VAL A 1 6   ? -3.212  -14.212 -12.618 1.00 70.76  ? 243 VAL A N   1 
ATOM   14   C  CA  . VAL A 1 6   ? -2.834  -14.101 -11.225 1.00 68.09  ? 243 VAL A CA  1 
ATOM   15   C  C   . VAL A 1 6   ? -1.971  -12.881 -10.944 1.00 65.44  ? 243 VAL A C   1 
ATOM   16   O  O   . VAL A 1 6   ? -1.133  -12.490 -11.758 1.00 64.15  ? 243 VAL A O   1 
ATOM   17   C  CB  . VAL A 1 6   ? -2.093  -15.373 -10.771 1.00 68.11  ? 243 VAL A CB  1 
ATOM   18   C  CG1 . VAL A 1 6   ? -1.728  -15.277 -9.295  1.00 67.04  ? 243 VAL A CG1 1 
ATOM   19   C  CG2 . VAL A 1 6   ? -2.981  -16.587 -11.033 1.00 68.71  ? 243 VAL A CG2 1 
ATOM   20   N  N   . PHE A 1 7   ? -2.211  -12.277 -9.783  1.00 63.40  ? 244 PHE A N   1 
ATOM   21   C  CA  . PHE A 1 7   ? -1.461  -11.119 -9.327  1.00 60.82  ? 244 PHE A CA  1 
ATOM   22   C  C   . PHE A 1 7   ? -0.919  -11.413 -7.930  1.00 58.02  ? 244 PHE A C   1 
ATOM   23   O  O   . PHE A 1 7   ? -1.441  -12.278 -7.220  1.00 57.86  ? 244 PHE A O   1 
ATOM   24   C  CB  . PHE A 1 7   ? -2.353  -9.884  -9.254  1.00 64.71  ? 244 PHE A CB  1 
ATOM   25   C  CG  . PHE A 1 7   ? -2.928  -9.472  -10.568 1.00 69.21  ? 244 PHE A CG  1 
ATOM   26   C  CD1 . PHE A 1 7   ? -3.951  -10.210 -11.156 1.00 70.80  ? 244 PHE A CD1 1 
ATOM   27   C  CD2 . PHE A 1 7   ? -2.458  -8.332  -11.217 1.00 70.95  ? 244 PHE A CD2 1 
ATOM   28   C  CE1 . PHE A 1 7   ? -4.498  -9.814  -12.372 1.00 73.26  ? 244 PHE A CE1 1 
ATOM   29   C  CE2 . PHE A 1 7   ? -2.999  -7.928  -12.435 1.00 72.83  ? 244 PHE A CE2 1 
ATOM   30   C  CZ  . PHE A 1 7   ? -4.020  -8.668  -13.015 1.00 72.91  ? 244 PHE A CZ  1 
ATOM   31   N  N   . ILE A 1 8   ? 0.133   -10.697 -7.551  1.00 52.66  ? 245 ILE A N   1 
ATOM   32   C  CA  . ILE A 1 8   ? 0.728   -10.848 -6.237  1.00 48.47  ? 245 ILE A CA  1 
ATOM   33   C  C   . ILE A 1 8   ? 0.949   -9.412  -5.732  1.00 47.17  ? 245 ILE A C   1 
ATOM   34   O  O   . ILE A 1 8   ? 1.343   -8.543  -6.502  1.00 44.21  ? 245 ILE A O   1 
ATOM   35   C  CB  . ILE A 1 8   ? 2.050   -11.680 -6.321  1.00 47.47  ? 245 ILE A CB  1 
ATOM   36   C  CG1 . ILE A 1 8   ? 2.548   -12.032 -4.907  1.00 44.47  ? 245 ILE A CG1 1 
ATOM   37   C  CG2 . ILE A 1 8   ? 3.105   -10.920 -7.130  1.00 47.87  ? 245 ILE A CG2 1 
ATOM   38   C  CD1 . ILE A 1 8   ? 3.652   -13.105 -4.883  1.00 43.39  ? 245 ILE A CD1 1 
ATOM   39   N  N   . PHE A 1 9   ? 0.669   -9.164  -4.452  1.00 44.61  ? 246 PHE A N   1 
ATOM   40   C  CA  . PHE A 1 9   ? 0.791   -7.816  -3.883  1.00 44.18  ? 246 PHE A CA  1 
ATOM   41   C  C   . PHE A 1 9   ? 1.736   -7.714  -2.699  1.00 40.74  ? 246 PHE A C   1 
ATOM   42   O  O   . PHE A 1 9   ? 1.779   -8.597  -1.839  1.00 40.04  ? 246 PHE A O   1 
ATOM   43   C  CB  . PHE A 1 9   ? -0.593  -7.291  -3.464  1.00 45.96  ? 246 PHE A CB  1 
ATOM   44   C  CG  . PHE A 1 9   ? -1.506  -7.016  -4.624  1.00 48.80  ? 246 PHE A CG  1 
ATOM   45   C  CD1 . PHE A 1 9   ? -1.383  -5.845  -5.357  1.00 51.04  ? 246 PHE A CD1 1 
ATOM   46   C  CD2 . PHE A 1 9   ? -2.442  -7.957  -5.029  1.00 51.42  ? 246 PHE A CD2 1 
ATOM   47   C  CE1 . PHE A 1 9   ? -2.181  -5.614  -6.490  1.00 52.87  ? 246 PHE A CE1 1 
ATOM   48   C  CE2 . PHE A 1 9   ? -3.246  -7.733  -6.164  1.00 53.37  ? 246 PHE A CE2 1 
ATOM   49   C  CZ  . PHE A 1 9   ? -3.112  -6.562  -6.891  1.00 50.50  ? 246 PHE A CZ  1 
ATOM   50   N  N   . PRO A 1 10  ? 2.475   -6.602  -2.620  1.00 36.24  ? 247 PRO A N   1 
ATOM   51   C  CA  . PRO A 1 10  ? 3.417   -6.425  -1.512  1.00 35.81  ? 247 PRO A CA  1 
ATOM   52   C  C   . PRO A 1 10  ? 2.648   -6.258  -0.213  1.00 35.84  ? 247 PRO A C   1 
ATOM   53   O  O   . PRO A 1 10  ? 1.429   -6.129  -0.218  1.00 34.99  ? 247 PRO A O   1 
ATOM   54   C  CB  . PRO A 1 10  ? 4.191   -5.161  -1.914  1.00 34.33  ? 247 PRO A CB  1 
ATOM   55   C  CG  . PRO A 1 10  ? 3.130   -4.336  -2.647  1.00 27.61  ? 247 PRO A CG  1 
ATOM   56   C  CD  . PRO A 1 10  ? 2.306   -5.359  -3.404  1.00 31.32  ? 247 PRO A CD  1 
ATOM   57   N  N   . PRO A 1 11  ? 3.347   -6.315  0.924   1.00 35.99  ? 248 PRO A N   1 
ATOM   58   C  CA  . PRO A 1 11  ? 2.619   -6.140  2.187   1.00 32.75  ? 248 PRO A CA  1 
ATOM   59   C  C   . PRO A 1 11  ? 2.363   -4.656  2.389   1.00 30.98  ? 248 PRO A C   1 
ATOM   60   O  O   . PRO A 1 11  ? 3.051   -3.830  1.794   1.00 29.76  ? 248 PRO A O   1 
ATOM   61   C  CB  . PRO A 1 11  ? 3.594   -6.706  3.226   1.00 33.71  ? 248 PRO A CB  1 
ATOM   62   C  CG  . PRO A 1 11  ? 4.957   -6.465  2.575   1.00 36.29  ? 248 PRO A CG  1 
ATOM   63   C  CD  . PRO A 1 11  ? 4.684   -6.891  1.158   1.00 33.85  ? 248 PRO A CD  1 
ATOM   64   N  N   . LYS A 1 12  ? 1.368   -4.321  3.203   1.00 30.86  ? 249 LYS A N   1 
ATOM   65   C  CA  . LYS A 1 12  ? 1.058   -2.929  3.499   1.00 33.67  ? 249 LYS A CA  1 
ATOM   66   C  C   . LYS A 1 12  ? 2.314   -2.302  4.130   1.00 33.72  ? 249 LYS A C   1 
ATOM   67   O  O   . LYS A 1 12  ? 2.817   -2.781  5.155   1.00 33.87  ? 249 LYS A O   1 
ATOM   68   C  CB  . LYS A 1 12  ? -0.136  -2.851  4.477   1.00 34.32  ? 249 LYS A CB  1 
ATOM   69   C  CG  . LYS A 1 12  ? -1.534  -3.146  3.855   1.00 45.36  ? 249 LYS A CG  1 
ATOM   70   C  CD  . LYS A 1 12  ? -2.685  -3.277  4.907   1.00 48.44  ? 249 LYS A CD  1 
ATOM   71   C  CE  . LYS A 1 12  ? -2.835  -2.004  5.788   1.00 52.15  ? 249 LYS A CE  1 
ATOM   72   N  NZ  . LYS A 1 12  ? -3.321  -2.236  7.202   1.00 46.50  ? 249 LYS A NZ  1 
ATOM   73   N  N   . PRO A 1 13  ? 2.857   -1.237  3.512   1.00 35.97  ? 250 PRO A N   1 
ATOM   74   C  CA  . PRO A 1 13  ? 4.058   -0.605  4.088   1.00 34.30  ? 250 PRO A CA  1 
ATOM   75   C  C   . PRO A 1 13  ? 3.915   -0.354  5.604   1.00 35.09  ? 250 PRO A C   1 
ATOM   76   O  O   . PRO A 1 13  ? 4.845   -0.557  6.376   1.00 33.36  ? 250 PRO A O   1 
ATOM   77   C  CB  . PRO A 1 13  ? 4.189   0.681   3.272   1.00 32.95  ? 250 PRO A CB  1 
ATOM   78   C  CG  . PRO A 1 13  ? 3.734   0.207   1.880   1.00 34.30  ? 250 PRO A CG  1 
ATOM   79   C  CD  . PRO A 1 13  ? 2.512   -0.644  2.199   1.00 34.18  ? 250 PRO A CD  1 
ATOM   80   N  N   . LYS A 1 14  ? 2.735   0.074   6.028   1.00 37.81  ? 251 LYS A N   1 
ATOM   81   C  CA  . LYS A 1 14  ? 2.503   0.309   7.448   1.00 37.67  ? 251 LYS A CA  1 
ATOM   82   C  C   . LYS A 1 14  ? 2.709   -1.003  8.244   1.00 37.53  ? 251 LYS A C   1 
ATOM   83   O  O   . LYS A 1 14  ? 3.372   -1.001  9.289   1.00 36.29  ? 251 LYS A O   1 
ATOM   84   C  CB  . LYS A 1 14  ? 1.084   0.833   7.662   1.00 36.17  ? 251 LYS A CB  1 
ATOM   85   C  CG  . LYS A 1 14  ? 0.775   1.238   9.091   1.00 36.90  ? 251 LYS A CG  1 
ATOM   86   C  CD  . LYS A 1 14  ? -0.700  1.604   9.220   1.00 39.20  ? 251 LYS A CD  1 
ATOM   87   C  CE  . LYS A 1 14  ? -0.980  2.342   10.516  1.00 44.03  ? 251 LYS A CE  1 
ATOM   88   N  NZ  . LYS A 1 14  ? -2.444  2.590   10.729  1.00 47.66  ? 251 LYS A NZ  1 
ATOM   89   N  N   . ASP A 1 15  ? 2.146   -2.109  7.749   1.00 33.02  ? 252 ASP A N   1 
ATOM   90   C  CA  . ASP A 1 15  ? 2.273   -3.392  8.424   1.00 30.52  ? 252 ASP A CA  1 
ATOM   91   C  C   . ASP A 1 15  ? 3.701   -3.830  8.599   1.00 31.34  ? 252 ASP A C   1 
ATOM   92   O  O   . ASP A 1 15  ? 4.075   -4.329  9.648   1.00 33.14  ? 252 ASP A O   1 
ATOM   93   C  CB  . ASP A 1 15  ? 1.542   -4.487  7.670   1.00 32.51  ? 252 ASP A CB  1 
ATOM   94   C  CG  . ASP A 1 15  ? 0.056   -4.339  7.749   1.00 34.80  ? 252 ASP A CG  1 
ATOM   95   O  OD1 . ASP A 1 15  ? -0.420  -3.611  8.657   1.00 32.74  ? 252 ASP A OD1 1 
ATOM   96   O  OD2 . ASP A 1 15  ? -0.629  -4.948  6.897   1.00 34.40  ? 252 ASP A OD2 1 
ATOM   97   N  N   . VAL A 1 16  ? 4.493   -3.663  7.555   1.00 29.16  ? 253 VAL A N   1 
ATOM   98   C  CA  . VAL A 1 16  ? 5.880   -4.046  7.589   1.00 24.99  ? 253 VAL A CA  1 
ATOM   99   C  C   . VAL A 1 16  ? 6.663   -3.300  8.675   1.00 27.30  ? 253 VAL A C   1 
ATOM   100  O  O   . VAL A 1 16  ? 7.606   -3.846  9.314   1.00 25.07  ? 253 VAL A O   1 
ATOM   101  C  CB  . VAL A 1 16  ? 6.534   -3.775  6.202   1.00 24.96  ? 253 VAL A CB  1 
ATOM   102  C  CG1 . VAL A 1 16  ? 8.069   -3.828  6.315   1.00 27.38  ? 253 VAL A CG1 1 
ATOM   103  C  CG2 . VAL A 1 16  ? 6.051   -4.806  5.182   1.00 18.24  ? 253 VAL A CG2 1 
ATOM   104  N  N   . LEU A 1 17  ? 6.277   -2.053  8.907   1.00 24.94  ? 254 LEU A N   1 
ATOM   105  C  CA  . LEU A 1 17  ? 7.018   -1.262  9.874   1.00 25.60  ? 254 LEU A CA  1 
ATOM   106  C  C   . LEU A 1 17  ? 6.533   -1.235  11.326  1.00 24.77  ? 254 LEU A C   1 
ATOM   107  O  O   . LEU A 1 17  ? 7.223   -0.715  12.193  1.00 26.01  ? 254 LEU A O   1 
ATOM   108  C  CB  . LEU A 1 17  ? 7.161   0.154   9.349   1.00 18.30  ? 254 LEU A CB  1 
ATOM   109  C  CG  . LEU A 1 17  ? 8.066   0.264   8.124   1.00 24.93  ? 254 LEU A CG  1 
ATOM   110  C  CD1 . LEU A 1 17  ? 8.104   1.749   7.677   1.00 24.26  ? 254 LEU A CD1 1 
ATOM   111  C  CD2 . LEU A 1 17  ? 9.494   -0.253  8.435   1.00 18.29  ? 254 LEU A CD2 1 
ATOM   112  N  N   . THR A 1 18  ? 5.371   -1.801  11.597  1.00 23.99  ? 255 THR A N   1 
ATOM   113  C  CA  . THR A 1 18  ? 4.843   -1.757  12.953  1.00 26.79  ? 255 THR A CA  1 
ATOM   114  C  C   . THR A 1 18  ? 4.831   -3.151  13.529  1.00 27.55  ? 255 THR A C   1 
ATOM   115  O  O   . THR A 1 18  ? 4.031   -4.028  13.120  1.00 26.23  ? 255 THR A O   1 
ATOM   116  C  CB  . THR A 1 18  ? 3.430   -1.210  12.979  1.00 29.23  ? 255 THR A CB  1 
ATOM   117  O  OG1 . THR A 1 18  ? 3.287   -0.244  11.933  1.00 25.45  ? 255 THR A OG1 1 
ATOM   118  C  CG2 . THR A 1 18  ? 3.147   -0.580  14.322  1.00 27.55  ? 255 THR A CG2 1 
ATOM   119  N  N   . ILE A 1 19  ? 5.720   -3.313  14.496  1.00 23.30  ? 256 ILE A N   1 
ATOM   120  C  CA  . ILE A 1 19  ? 5.957   -4.566  15.172  1.00 26.53  ? 256 ILE A CA  1 
ATOM   121  C  C   . ILE A 1 19  ? 4.688   -5.334  15.567  1.00 27.23  ? 256 ILE A C   1 
ATOM   122  O  O   . ILE A 1 19  ? 4.655   -6.542  15.450  1.00 31.79  ? 256 ILE A O   1 
ATOM   123  C  CB  . ILE A 1 19  ? 6.893   -4.307  16.401  1.00 29.04  ? 256 ILE A CB  1 
ATOM   124  C  CG1 . ILE A 1 19  ? 7.798   -5.501  16.607  1.00 33.48  ? 256 ILE A CG1 1 
ATOM   125  C  CG2 . ILE A 1 19  ? 6.079   -4.043  17.665  1.00 27.77  ? 256 ILE A CG2 1 
ATOM   126  C  CD1 . ILE A 1 19  ? 8.503   -5.948  15.343  1.00 37.08  ? 256 ILE A CD1 1 
ATOM   127  N  N   . THR A 1 20  ? 3.635   -4.631  15.976  1.00 28.83  ? 257 THR A N   1 
ATOM   128  C  CA  . THR A 1 20  ? 2.388   -5.266  16.389  1.00 31.20  ? 257 THR A CA  1 
ATOM   129  C  C   . THR A 1 20  ? 1.412   -5.638  15.255  1.00 32.46  ? 257 THR A C   1 
ATOM   130  O  O   . THR A 1 20  ? 0.407   -6.318  15.483  1.00 31.70  ? 257 THR A O   1 
ATOM   131  C  CB  . THR A 1 20  ? 1.669   -4.366  17.394  1.00 30.95  ? 257 THR A CB  1 
ATOM   132  O  OG1 . THR A 1 20  ? 1.605   -3.046  16.864  1.00 32.60  ? 257 THR A OG1 1 
ATOM   133  C  CG2 . THR A 1 20  ? 2.455   -4.297  18.700  1.00 37.14  ? 257 THR A CG2 1 
ATOM   134  N  N   . LEU A 1 21  ? 1.694   -5.177  14.041  1.00 33.61  ? 258 LEU A N   1 
ATOM   135  C  CA  . LEU A 1 21  ? 0.852   -5.504  12.892  1.00 32.14  ? 258 LEU A CA  1 
ATOM   136  C  C   . LEU A 1 21  ? 1.430   -6.757  12.237  1.00 33.62  ? 258 LEU A C   1 
ATOM   137  O  O   . LEU A 1 21  ? 2.570   -7.149  12.524  1.00 33.23  ? 258 LEU A O   1 
ATOM   138  C  CB  . LEU A 1 21  ? 0.843   -4.352  11.887  1.00 30.01  ? 258 LEU A CB  1 
ATOM   139  C  CG  . LEU A 1 21  ? 0.254   -3.019  12.359  1.00 27.13  ? 258 LEU A CG  1 
ATOM   140  C  CD1 . LEU A 1 21  ? -0.026  -2.154  11.155  1.00 19.98  ? 258 LEU A CD1 1 
ATOM   141  C  CD2 . LEU A 1 21  ? -1.043  -3.250  13.092  1.00 18.28  ? 258 LEU A CD2 1 
ATOM   142  N  N   . THR A 1 22  ? 0.664   -7.381  11.352  1.00 35.63  ? 259 THR A N   1 
ATOM   143  C  CA  . THR A 1 22  ? 1.133   -8.601  10.689  1.00 35.77  ? 259 THR A CA  1 
ATOM   144  C  C   . THR A 1 22  ? 1.248   -8.452  9.183   1.00 36.75  ? 259 THR A C   1 
ATOM   145  O  O   . THR A 1 22  ? 0.265   -8.653  8.461   1.00 37.65  ? 259 THR A O   1 
ATOM   146  C  CB  . THR A 1 22  ? 0.184   -9.732  10.902  1.00 36.79  ? 259 THR A CB  1 
ATOM   147  O  OG1 . THR A 1 22  ? -0.175  -9.807  12.289  1.00 37.50  ? 259 THR A OG1 1 
ATOM   148  C  CG2 . THR A 1 22  ? 0.837   -11.023 10.427  1.00 38.05  ? 259 THR A CG2 1 
ATOM   149  N  N   . PRO A 1 23  ? 2.445   -8.104  8.685   1.00 33.59  ? 260 PRO A N   1 
ATOM   150  C  CA  . PRO A 1 23  ? 2.557   -7.958  7.233   1.00 33.02  ? 260 PRO A CA  1 
ATOM   151  C  C   . PRO A 1 23  ? 2.244   -9.262  6.497   1.00 33.75  ? 260 PRO A C   1 
ATOM   152  O  O   . PRO A 1 23  ? 2.597   -10.344 6.959   1.00 31.36  ? 260 PRO A O   1 
ATOM   153  C  CB  . PRO A 1 23  ? 4.007   -7.505  7.039   1.00 28.83  ? 260 PRO A CB  1 
ATOM   154  C  CG  . PRO A 1 23  ? 4.709   -8.194  8.216   1.00 32.13  ? 260 PRO A CG  1 
ATOM   155  C  CD  . PRO A 1 23  ? 3.744   -7.897  9.346   1.00 29.78  ? 260 PRO A CD  1 
ATOM   156  N  N   . LYS A 1 24  ? 1.568   -9.154  5.358   1.00 35.31  ? 261 LYS A N   1 
ATOM   157  C  CA  . LYS A 1 24  ? 1.265   -10.338 4.585   1.00 37.17  ? 261 LYS A CA  1 
ATOM   158  C  C   . LYS A 1 24  ? 1.344   -10.146 3.093   1.00 37.51  ? 261 LYS A C   1 
ATOM   159  O  O   . LYS A 1 24  ? 0.982   -9.096  2.561   1.00 37.89  ? 261 LYS A O   1 
ATOM   160  C  CB  . LYS A 1 24  ? -0.096  -10.909 4.968   1.00 36.50  ? 261 LYS A CB  1 
ATOM   161  C  CG  . LYS A 1 24  ? -1.139  -9.910  5.327   1.00 42.20  ? 261 LYS A CG  1 
ATOM   162  C  CD  . LYS A 1 24  ? -2.467  -10.598 5.609   1.00 46.03  ? 261 LYS A CD  1 
ATOM   163  C  CE  . LYS A 1 24  ? -2.381  -11.474 6.858   1.00 53.23  ? 261 LYS A CE  1 
ATOM   164  N  NZ  . LYS A 1 24  ? -3.542  -12.424 7.044   1.00 56.53  ? 261 LYS A NZ  1 
ATOM   165  N  N   . VAL A 1 25  ? 1.855   -11.169 2.418   1.00 39.22  ? 262 VAL A N   1 
ATOM   166  C  CA  . VAL A 1 25  ? 1.956   -11.139 0.969   1.00 38.74  ? 262 VAL A CA  1 
ATOM   167  C  C   . VAL A 1 25  ? 0.617   -11.676 0.449   1.00 41.41  ? 262 VAL A C   1 
ATOM   168  O  O   . VAL A 1 25  ? 0.059   -12.623 1.023   1.00 38.76  ? 262 VAL A O   1 
ATOM   169  C  CB  . VAL A 1 25  ? 3.118   -12.015 0.477   1.00 36.21  ? 262 VAL A CB  1 
ATOM   170  C  CG1 . VAL A 1 25  ? 3.284   -11.865 -1.011  1.00 38.17  ? 262 VAL A CG1 1 
ATOM   171  C  CG2 . VAL A 1 25  ? 4.410   -11.585 1.164   1.00 36.88  ? 262 VAL A CG2 1 
ATOM   172  N  N   . THR A 1 26  ? 0.093   -11.055 -0.610  1.00 41.36  ? 263 THR A N   1 
ATOM   173  C  CA  . THR A 1 26  ? -1.185  -11.470 -1.169  1.00 44.95  ? 263 THR A CA  1 
ATOM   174  C  C   . THR A 1 26  ? -1.165  -11.938 -2.609  1.00 44.04  ? 263 THR A C   1 
ATOM   175  O  O   . THR A 1 26  ? -0.652  -11.259 -3.477  1.00 46.84  ? 263 THR A O   1 
ATOM   176  C  CB  . THR A 1 26  ? -2.225  -10.332 -1.082  1.00 47.23  ? 263 THR A CB  1 
ATOM   177  O  OG1 . THR A 1 26  ? -2.524  -10.059 0.289   1.00 52.34  ? 263 THR A OG1 1 
ATOM   178  C  CG2 . THR A 1 26  ? -3.511  -10.722 -1.792  1.00 47.58  ? 263 THR A CG2 1 
ATOM   179  N  N   . CYS A 1 27  ? -1.757  -13.097 -2.855  1.00 46.33  ? 264 CYS A N   1 
ATOM   180  C  CA  . CYS A 1 27  ? -1.847  -13.646 -4.199  1.00 48.56  ? 264 CYS A CA  1 
ATOM   181  C  C   . CYS A 1 27  ? -3.340  -13.646 -4.537  1.00 51.00  ? 264 CYS A C   1 
ATOM   182  O  O   . CYS A 1 27  ? -4.177  -14.021 -3.707  1.00 51.22  ? 264 CYS A O   1 
ATOM   183  C  CB  . CYS A 1 27  ? -1.311  -15.069 -4.212  1.00 50.15  ? 264 CYS A CB  1 
ATOM   184  S  SG  . CYS A 1 27  ? -0.832  -15.743 -5.839  1.00 54.01  ? 264 CYS A SG  1 
ATOM   185  N  N   . VAL A 1 28  ? -3.689  -13.201 -5.738  1.00 53.15  ? 265 VAL A N   1 
ATOM   186  C  CA  . VAL A 1 28  ? -5.099  -13.168 -6.125  1.00 55.65  ? 265 VAL A CA  1 
ATOM   187  C  C   . VAL A 1 28  ? -5.342  -13.696 -7.540  1.00 58.81  ? 265 VAL A C   1 
ATOM   188  O  O   . VAL A 1 28  ? -4.632  -13.348 -8.479  1.00 57.66  ? 265 VAL A O   1 
ATOM   189  C  CB  . VAL A 1 28  ? -5.679  -11.738 -6.063  1.00 53.30  ? 265 VAL A CB  1 
ATOM   190  C  CG1 . VAL A 1 28  ? -7.206  -11.800 -6.125  1.00 53.04  ? 265 VAL A CG1 1 
ATOM   191  C  CG2 . VAL A 1 28  ? -5.209  -11.022 -4.811  1.00 52.22  ? 265 VAL A CG2 1 
ATOM   192  N  N   . VAL A 1 29  ? -6.342  -14.548 -7.689  1.00 61.72  ? 266 VAL A N   1 
ATOM   193  C  CA  . VAL A 1 29  ? -6.665  -15.054 -9.003  1.00 66.83  ? 266 VAL A CA  1 
ATOM   194  C  C   . VAL A 1 29  ? -8.024  -14.457 -9.323  1.00 69.66  ? 266 VAL A C   1 
ATOM   195  O  O   . VAL A 1 29  ? -9.058  -14.968 -8.911  1.00 70.23  ? 266 VAL A O   1 
ATOM   196  C  CB  . VAL A 1 29  ? -6.727  -16.596 -9.029  1.00 67.74  ? 266 VAL A CB  1 
ATOM   197  C  CG1 . VAL A 1 29  ? -6.894  -17.075 -10.459 1.00 64.85  ? 266 VAL A CG1 1 
ATOM   198  C  CG2 . VAL A 1 29  ? -5.452  -17.182 -8.405  1.00 67.17  ? 266 VAL A CG2 1 
ATOM   199  N  N   . VAL A 1 30  ? -8.000  -13.346 -10.043 1.00 73.47  ? 267 VAL A N   1 
ATOM   200  C  CA  . VAL A 1 30  ? -9.209  -12.632 -10.414 1.00 77.59  ? 267 VAL A CA  1 
ATOM   201  C  C   . VAL A 1 30  ? -9.771  -13.081 -11.761 1.00 79.44  ? 267 VAL A C   1 
ATOM   202  O  O   . VAL A 1 30  ? -9.101  -13.782 -12.528 1.00 80.05  ? 267 VAL A O   1 
ATOM   203  C  CB  . VAL A 1 30  ? -8.939  -11.102 -10.458 1.00 80.32  ? 267 VAL A CB  1 
ATOM   204  C  CG1 . VAL A 1 30  ? -8.778  -10.547 -9.034  1.00 81.46  ? 267 VAL A CG1 1 
ATOM   205  C  CG2 . VAL A 1 30  ? -7.665  -10.817 -11.270 1.00 80.42  ? 267 VAL A CG2 1 
ATOM   206  N  N   . ASP A 1 31  ? -11.008 -12.667 -12.032 1.00 80.75  ? 268 ASP A N   1 
ATOM   207  C  CA  . ASP A 1 31  ? -11.700 -12.996 -13.278 1.00 82.62  ? 268 ASP A CA  1 
ATOM   208  C  C   . ASP A 1 31  ? -11.895 -14.492 -13.497 1.00 84.03  ? 268 ASP A C   1 
ATOM   209  O  O   . ASP A 1 31  ? -11.655 -14.993 -14.598 1.00 84.92  ? 268 ASP A O   1 
ATOM   210  C  CB  . ASP A 1 31  ? -10.948 -12.412 -14.486 1.00 81.95  ? 268 ASP A CB  1 
ATOM   211  C  CG  . ASP A 1 31  ? -11.032 -10.892 -14.558 1.00 82.56  ? 268 ASP A CG  1 
ATOM   212  O  OD1 . ASP A 1 31  ? -10.533 -10.321 -15.560 1.00 80.95  ? 268 ASP A OD1 1 
ATOM   213  O  OD2 . ASP A 1 31  ? -11.593 -10.271 -13.620 1.00 80.59  ? 268 ASP A OD2 1 
ATOM   214  N  N   . ILE A 1 32  ? -12.320 -15.212 -12.464 1.00 84.80  ? 269 ILE A N   1 
ATOM   215  C  CA  . ILE A 1 32  ? -12.537 -16.642 -12.617 1.00 84.82  ? 269 ILE A CA  1 
ATOM   216  C  C   . ILE A 1 32  ? -13.971 -16.849 -13.053 1.00 87.09  ? 269 ILE A C   1 
ATOM   217  O  O   . ILE A 1 32  ? -14.855 -16.066 -12.694 1.00 86.19  ? 269 ILE A O   1 
ATOM   218  C  CB  . ILE A 1 32  ? -12.309 -17.422 -11.303 1.00 82.79  ? 269 ILE A CB  1 
ATOM   219  C  CG1 . ILE A 1 32  ? -12.268 -18.922 -11.597 1.00 81.65  ? 269 ILE A CG1 1 
ATOM   220  C  CG2 . ILE A 1 32  ? -13.436 -17.162 -10.335 1.00 81.73  ? 269 ILE A CG2 1 
ATOM   221  C  CD1 . ILE A 1 32  ? -12.049 -19.790 -10.386 1.00 81.11  ? 269 ILE A CD1 1 
ATOM   222  N  N   . SER A 1 33  ? -14.195 -17.898 -13.838 1.00 90.17  ? 270 SER A N   1 
ATOM   223  C  CA  . SER A 1 33  ? -15.535 -18.229 -14.319 1.00 93.06  ? 270 SER A CA  1 
ATOM   224  C  C   . SER A 1 33  ? -16.245 -19.080 -13.263 1.00 93.74  ? 270 SER A C   1 
ATOM   225  O  O   . SER A 1 33  ? -15.650 -19.999 -12.689 1.00 94.11  ? 270 SER A O   1 
ATOM   226  C  CB  . SER A 1 33  ? -15.456 -19.005 -15.643 1.00 94.33  ? 270 SER A CB  1 
ATOM   227  O  OG  . SER A 1 33  ? -14.801 -18.254 -16.654 1.00 96.30  ? 270 SER A OG  1 
ATOM   228  N  N   . LYS A 1 34  ? -17.512 -18.770 -13.008 1.00 93.83  ? 271 LYS A N   1 
ATOM   229  C  CA  . LYS A 1 34  ? -18.292 -19.510 -12.025 1.00 94.31  ? 271 LYS A CA  1 
ATOM   230  C  C   . LYS A 1 34  ? -18.089 -21.013 -12.253 1.00 94.61  ? 271 LYS A C   1 
ATOM   231  O  O   . LYS A 1 34  ? -18.250 -21.828 -11.342 1.00 93.97  ? 271 LYS A O   1 
ATOM   232  C  CB  . LYS A 1 34  ? -19.771 -19.153 -12.179 1.00 95.58  ? 271 LYS A CB  1 
ATOM   233  C  CG  . LYS A 1 34  ? -20.009 -17.681 -12.488 1.00 97.04  ? 271 LYS A CG  1 
ATOM   234  C  CD  . LYS A 1 34  ? -21.455 -17.409 -12.885 1.00 96.94  ? 271 LYS A CD  1 
ATOM   235  C  CE  . LYS A 1 34  ? -22.383 -17.539 -11.703 1.00 97.13  ? 271 LYS A CE  1 
ATOM   236  N  NZ  . LYS A 1 34  ? -22.062 -16.510 -10.677 1.00 97.31  ? 271 LYS A NZ  1 
ATOM   237  N  N   . ASP A 1 35  ? -17.707 -21.360 -13.477 1.00 95.21  ? 272 ASP A N   1 
ATOM   238  C  CA  . ASP A 1 35  ? -17.496 -22.744 -13.877 1.00 95.16  ? 272 ASP A CA  1 
ATOM   239  C  C   . ASP A 1 35  ? -16.137 -23.326 -13.561 1.00 94.58  ? 272 ASP A C   1 
ATOM   240  O  O   . ASP A 1 35  ? -15.980 -24.547 -13.544 1.00 95.10  ? 272 ASP A O   1 
ATOM   241  C  CB  . ASP A 1 35  ? -17.761 -22.884 -15.373 1.00 96.14  ? 272 ASP A CB  1 
ATOM   242  C  CG  . ASP A 1 35  ? -19.241 -22.939 -15.694 1.00 97.19  ? 272 ASP A CG  1 
ATOM   243  O  OD1 . ASP A 1 35  ? -19.607 -22.678 -16.859 1.00 97.53  ? 272 ASP A OD1 1 
ATOM   244  O  OD2 . ASP A 1 35  ? -20.034 -23.258 -14.778 1.00 97.19  ? 272 ASP A OD2 1 
ATOM   245  N  N   . ASP A 1 36  ? -15.153 -22.469 -13.321 1.00 94.32  ? 273 ASP A N   1 
ATOM   246  C  CA  . ASP A 1 36  ? -13.806 -22.946 -13.021 1.00 94.97  ? 273 ASP A CA  1 
ATOM   247  C  C   . ASP A 1 36  ? -13.676 -23.632 -11.669 1.00 94.43  ? 273 ASP A C   1 
ATOM   248  O  O   . ASP A 1 36  ? -14.365 -23.274 -10.708 1.00 94.80  ? 273 ASP A O   1 
ATOM   249  C  CB  . ASP A 1 36  ? -12.798 -21.798 -13.081 1.00 96.07  ? 273 ASP A CB  1 
ATOM   250  C  CG  . ASP A 1 36  ? -12.466 -21.383 -14.495 1.00 97.19  ? 273 ASP A CG  1 
ATOM   251  O  OD1 . ASP A 1 36  ? -12.069 -22.261 -15.290 1.00 98.16  ? 273 ASP A OD1 1 
ATOM   252  O  OD2 . ASP A 1 36  ? -12.595 -20.179 -14.805 1.00 97.23  ? 273 ASP A OD2 1 
ATOM   253  N  N   . PRO A 1 37  ? -12.791 -24.647 -11.584 1.00 93.96  ? 274 PRO A N   1 
ATOM   254  C  CA  . PRO A 1 37  ? -12.548 -25.400 -10.343 1.00 93.19  ? 274 PRO A CA  1 
ATOM   255  C  C   . PRO A 1 37  ? -11.644 -24.590 -9.404  1.00 92.25  ? 274 PRO A C   1 
ATOM   256  O  O   . PRO A 1 37  ? -10.735 -23.893 -9.863  1.00 92.65  ? 274 PRO A O   1 
ATOM   257  C  CB  . PRO A 1 37  ? -11.884 -26.683 -10.843 1.00 92.44  ? 274 PRO A CB  1 
ATOM   258  C  CG  . PRO A 1 37  ? -11.130 -26.215 -12.047 1.00 92.91  ? 274 PRO A CG  1 
ATOM   259  C  CD  . PRO A 1 37  ? -12.107 -25.281 -12.728 1.00 91.99  ? 274 PRO A CD  1 
ATOM   260  N  N   . GLU A 1 38  ? -11.900 -24.673 -8.101  1.00 91.06  ? 275 GLU A N   1 
ATOM   261  C  CA  . GLU A 1 38  ? -11.113 -23.928 -7.123  1.00 88.64  ? 275 GLU A CA  1 
ATOM   262  C  C   . GLU A 1 38  ? -9.613  -24.027 -7.375  1.00 84.96  ? 275 GLU A C   1 
ATOM   263  O  O   . GLU A 1 38  ? -9.055  -25.113 -7.541  1.00 83.45  ? 275 GLU A O   1 
ATOM   264  C  CB  . GLU A 1 38  ? -11.435 -24.399 -5.702  1.00 92.16  ? 275 GLU A CB  1 
ATOM   265  C  CG  . GLU A 1 38  ? -12.623 -23.691 -5.047  1.00 97.25  ? 275 GLU A CG  1 
ATOM   266  C  CD  . GLU A 1 38  ? -12.321 -22.243 -4.638  1.00 100.63 ? 275 GLU A CD  1 
ATOM   267  O  OE1 . GLU A 1 38  ? -11.327 -22.015 -3.907  1.00 101.14 ? 275 GLU A OE1 1 
ATOM   268  O  OE2 . GLU A 1 38  ? -13.088 -21.335 -5.034  1.00 101.78 ? 275 GLU A OE2 1 
ATOM   269  N  N   . VAL A 1 39  ? -8.970  -22.868 -7.407  1.00 81.17  ? 276 VAL A N   1 
ATOM   270  C  CA  . VAL A 1 39  ? -7.540  -22.788 -7.637  1.00 77.45  ? 276 VAL A CA  1 
ATOM   271  C  C   . VAL A 1 39  ? -6.803  -23.198 -6.370  1.00 75.26  ? 276 VAL A C   1 
ATOM   272  O  O   . VAL A 1 39  ? -7.290  -22.964 -5.262  1.00 72.51  ? 276 VAL A O   1 
ATOM   273  C  CB  . VAL A 1 39  ? -7.128  -21.351 -7.996  1.00 77.42  ? 276 VAL A CB  1 
ATOM   274  C  CG1 . VAL A 1 39  ? -8.147  -20.750 -8.949  1.00 76.01  ? 276 VAL A CG1 1 
ATOM   275  C  CG2 . VAL A 1 39  ? -7.018  -20.505 -6.743  1.00 74.85  ? 276 VAL A CG2 1 
ATOM   276  N  N   . GLN A 1 40  ? -5.638  -23.820 -6.534  1.00 72.40  ? 277 GLN A N   1 
ATOM   277  C  CA  . GLN A 1 40  ? -4.837  -24.233 -5.391  1.00 69.53  ? 277 GLN A CA  1 
ATOM   278  C  C   . GLN A 1 40  ? -3.589  -23.342 -5.319  1.00 66.98  ? 277 GLN A C   1 
ATOM   279  O  O   . GLN A 1 40  ? -2.929  -23.106 -6.337  1.00 64.28  ? 277 GLN A O   1 
ATOM   280  C  CB  . GLN A 1 40  ? -4.462  -25.709 -5.525  1.00 72.35  ? 277 GLN A CB  1 
ATOM   281  C  CG  . GLN A 1 40  ? -2.988  -26.027 -5.308  1.00 79.28  ? 277 GLN A CG  1 
ATOM   282  C  CD  . GLN A 1 40  ? -2.110  -25.579 -6.477  1.00 85.23  ? 277 GLN A CD  1 
ATOM   283  O  OE1 . GLN A 1 40  ? -2.407  -25.885 -7.639  1.00 88.17  ? 277 GLN A OE1 1 
ATOM   284  N  NE2 . GLN A 1 40  ? -1.022  -24.857 -6.178  1.00 84.75  ? 277 GLN A NE2 1 
ATOM   285  N  N   . PHE A 1 41  ? -3.283  -22.826 -4.128  1.00 63.37  ? 278 PHE A N   1 
ATOM   286  C  CA  . PHE A 1 41  ? -2.115  -21.958 -3.950  1.00 59.16  ? 278 PHE A CA  1 
ATOM   287  C  C   . PHE A 1 41  ? -0.947  -22.683 -3.330  1.00 56.62  ? 278 PHE A C   1 
ATOM   288  O  O   . PHE A 1 41  ? -1.123  -23.704 -2.663  1.00 59.26  ? 278 PHE A O   1 
ATOM   289  C  CB  . PHE A 1 41  ? -2.443  -20.771 -3.057  1.00 57.20  ? 278 PHE A CB  1 
ATOM   290  C  CG  . PHE A 1 41  ? -3.401  -19.813 -3.663  1.00 56.94  ? 278 PHE A CG  1 
ATOM   291  C  CD1 . PHE A 1 41  ? -4.763  -19.956 -3.463  1.00 54.67  ? 278 PHE A CD1 1 
ATOM   292  C  CD2 . PHE A 1 41  ? -2.940  -18.770 -4.464  1.00 57.24  ? 278 PHE A CD2 1 
ATOM   293  C  CE1 . PHE A 1 41  ? -5.653  -19.076 -4.052  1.00 53.91  ? 278 PHE A CE1 1 
ATOM   294  C  CE2 . PHE A 1 41  ? -3.823  -17.886 -5.060  1.00 54.80  ? 278 PHE A CE2 1 
ATOM   295  C  CZ  . PHE A 1 41  ? -5.184  -18.040 -4.855  1.00 55.79  ? 278 PHE A CZ  1 
ATOM   296  N  N   . SER A 1 42  ? 0.247   -22.143 -3.538  1.00 51.56  ? 279 SER A N   1 
ATOM   297  C  CA  . SER A 1 42  ? 1.447   -22.739 -2.977  1.00 48.98  ? 279 SER A CA  1 
ATOM   298  C  C   . SER A 1 42  ? 2.486   -21.643 -2.818  1.00 46.33  ? 279 SER A C   1 
ATOM   299  O  O   . SER A 1 42  ? 2.737   -20.888 -3.753  1.00 48.42  ? 279 SER A O   1 
ATOM   300  C  CB  . SER A 1 42  ? 1.956   -23.850 -3.892  1.00 49.33  ? 279 SER A CB  1 
ATOM   301  O  OG  . SER A 1 42  ? 2.838   -24.691 -3.181  1.00 50.33  ? 279 SER A OG  1 
ATOM   302  N  N   . TRP A 1 43  ? 3.091   -21.560 -1.637  1.00 43.95  ? 280 TRP A N   1 
ATOM   303  C  CA  . TRP A 1 43  ? 4.068   -20.510 -1.340  1.00 41.95  ? 280 TRP A CA  1 
ATOM   304  C  C   . TRP A 1 43  ? 5.450   -20.960 -0.989  1.00 41.26  ? 280 TRP A C   1 
ATOM   305  O  O   . TRP A 1 43  ? 5.633   -22.069 -0.501  1.00 41.02  ? 280 TRP A O   1 
ATOM   306  C  CB  . TRP A 1 43  ? 3.585   -19.632 -0.186  1.00 37.52  ? 280 TRP A CB  1 
ATOM   307  C  CG  . TRP A 1 43  ? 2.306   -18.939 -0.436  1.00 32.43  ? 280 TRP A CG  1 
ATOM   308  C  CD1 . TRP A 1 43  ? 1.057   -19.447 -0.258  1.00 31.79  ? 280 TRP A CD1 1 
ATOM   309  C  CD2 . TRP A 1 43  ? 2.142   -17.558 -0.771  1.00 32.02  ? 280 TRP A CD2 1 
ATOM   310  N  NE1 . TRP A 1 43  ? 0.115   -18.455 -0.438  1.00 35.46  ? 280 TRP A NE1 1 
ATOM   311  C  CE2 . TRP A 1 43  ? 0.760   -17.284 -0.753  1.00 35.30  ? 280 TRP A CE2 1 
ATOM   312  C  CE3 . TRP A 1 43  ? 3.030   -16.521 -1.073  1.00 31.71  ? 280 TRP A CE3 1 
ATOM   313  C  CZ2 . TRP A 1 43  ? 0.242   -16.001 -1.023  1.00 36.71  ? 280 TRP A CZ2 1 
ATOM   314  C  CZ3 . TRP A 1 43  ? 2.514   -15.250 -1.340  1.00 32.97  ? 280 TRP A CZ3 1 
ATOM   315  C  CH2 . TRP A 1 43  ? 1.136   -15.004 -1.311  1.00 32.01  ? 280 TRP A CH2 1 
ATOM   316  N  N   . PHE A 1 44  ? 6.422   -20.068 -1.217  1.00 43.51  ? 281 PHE A N   1 
ATOM   317  C  CA  . PHE A 1 44  ? 7.840   -20.341 -0.925  1.00 43.83  ? 281 PHE A CA  1 
ATOM   318  C  C   . PHE A 1 44  ? 8.529   -19.052 -0.554  1.00 44.16  ? 281 PHE A C   1 
ATOM   319  O  O   . PHE A 1 44  ? 8.302   -18.013 -1.171  1.00 45.72  ? 281 PHE A O   1 
ATOM   320  C  CB  . PHE A 1 44  ? 8.578   -20.916 -2.143  1.00 43.70  ? 281 PHE A CB  1 
ATOM   321  C  CG  . PHE A 1 44  ? 7.730   -21.804 -3.008  1.00 46.32  ? 281 PHE A CG  1 
ATOM   322  C  CD1 . PHE A 1 44  ? 6.742   -21.262 -3.821  1.00 47.81  ? 281 PHE A CD1 1 
ATOM   323  C  CD2 . PHE A 1 44  ? 7.863   -23.182 -2.955  1.00 48.62  ? 281 PHE A CD2 1 
ATOM   324  C  CE1 . PHE A 1 44  ? 5.897   -22.084 -4.559  1.00 50.39  ? 281 PHE A CE1 1 
ATOM   325  C  CE2 . PHE A 1 44  ? 7.020   -24.013 -3.694  1.00 48.33  ? 281 PHE A CE2 1 
ATOM   326  C  CZ  . PHE A 1 44  ? 6.039   -23.464 -4.492  1.00 47.27  ? 281 PHE A CZ  1 
ATOM   327  N  N   . VAL A 1 45  ? 9.383   -19.124 0.453   1.00 42.62  ? 282 VAL A N   1 
ATOM   328  C  CA  . VAL A 1 45  ? 10.126  -17.970 0.889   1.00 41.77  ? 282 VAL A CA  1 
ATOM   329  C  C   . VAL A 1 45  ? 11.573  -18.291 0.574   1.00 42.14  ? 282 VAL A C   1 
ATOM   330  O  O   . VAL A 1 45  ? 12.199  -19.058 1.281   1.00 46.92  ? 282 VAL A O   1 
ATOM   331  C  CB  . VAL A 1 45  ? 9.949   -17.747 2.393   1.00 41.47  ? 282 VAL A CB  1 
ATOM   332  C  CG1 . VAL A 1 45  ? 10.646  -16.476 2.811   1.00 40.37  ? 282 VAL A CG1 1 
ATOM   333  C  CG2 . VAL A 1 45  ? 8.475   -17.662 2.729   1.00 42.09  ? 282 VAL A CG2 1 
ATOM   334  N  N   . ASP A 1 46  ? 12.095  -17.704 -0.495  1.00 42.17  ? 283 ASP A N   1 
ATOM   335  C  CA  . ASP A 1 46  ? 13.468  -17.944 -0.934  1.00 42.39  ? 283 ASP A CA  1 
ATOM   336  C  C   . ASP A 1 46  ? 13.568  -19.394 -1.390  1.00 43.70  ? 283 ASP A C   1 
ATOM   337  O  O   . ASP A 1 46  ? 14.414  -20.164 -0.914  1.00 41.93  ? 283 ASP A O   1 
ATOM   338  C  CB  . ASP A 1 46  ? 14.475  -17.635 0.188   1.00 41.16  ? 283 ASP A CB  1 
ATOM   339  C  CG  . ASP A 1 46  ? 14.845  -16.145 0.253   1.00 41.14  ? 283 ASP A CG  1 
ATOM   340  O  OD1 . ASP A 1 46  ? 14.433  -15.381 -0.647  1.00 35.65  ? 283 ASP A OD1 1 
ATOM   341  O  OD2 . ASP A 1 46  ? 15.559  -15.734 1.194   1.00 37.79  ? 283 ASP A OD2 1 
ATOM   342  N  N   . ASP A 1 47  ? 12.677  -19.724 -2.331  1.00 45.42  ? 284 ASP A N   1 
ATOM   343  C  CA  . ASP A 1 47  ? 12.510  -21.048 -2.946  1.00 46.81  ? 284 ASP A CA  1 
ATOM   344  C  C   . ASP A 1 47  ? 12.232  -22.239 -2.036  1.00 46.78  ? 284 ASP A C   1 
ATOM   345  O  O   . ASP A 1 47  ? 12.291  -23.371 -2.498  1.00 48.93  ? 284 ASP A O   1 
ATOM   346  C  CB  . ASP A 1 47  ? 13.686  -21.392 -3.856  1.00 47.89  ? 284 ASP A CB  1 
ATOM   347  C  CG  . ASP A 1 47  ? 13.670  -20.599 -5.152  1.00 53.81  ? 284 ASP A CG  1 
ATOM   348  O  OD1 . ASP A 1 47  ? 12.597  -20.088 -5.536  1.00 53.53  ? 284 ASP A OD1 1 
ATOM   349  O  OD2 . ASP A 1 47  ? 14.733  -20.494 -5.799  1.00 58.27  ? 284 ASP A OD2 1 
ATOM   350  N  N   . VAL A 1 48  ? 11.957  -22.009 -0.753  1.00 44.43  ? 285 VAL A N   1 
ATOM   351  C  CA  . VAL A 1 48  ? 11.629  -23.125 0.127   1.00 44.69  ? 285 VAL A CA  1 
ATOM   352  C  C   . VAL A 1 48  ? 10.193  -22.947 0.592   1.00 46.73  ? 285 VAL A C   1 
ATOM   353  O  O   . VAL A 1 48  ? 9.873   -22.021 1.349   1.00 48.75  ? 285 VAL A O   1 
ATOM   354  C  CB  . VAL A 1 48  ? 12.568  -23.232 1.345   1.00 42.18  ? 285 VAL A CB  1 
ATOM   355  C  CG1 . VAL A 1 48  ? 13.450  -22.033 1.419   1.00 39.90  ? 285 VAL A CG1 1 
ATOM   356  C  CG2 . VAL A 1 48  ? 11.756  -23.440 2.628   1.00 40.77  ? 285 VAL A CG2 1 
ATOM   357  N  N   . GLU A 1 49  ? 9.332   -23.844 0.120   1.00 45.44  ? 286 GLU A N   1 
ATOM   358  C  CA  . GLU A 1 49  ? 7.914   -23.801 0.434   1.00 44.63  ? 286 GLU A CA  1 
ATOM   359  C  C   . GLU A 1 49  ? 7.562   -23.630 1.917   1.00 42.43  ? 286 GLU A C   1 
ATOM   360  O  O   . GLU A 1 49  ? 8.248   -24.136 2.819   1.00 43.57  ? 286 GLU A O   1 
ATOM   361  C  CB  . GLU A 1 49  ? 7.243   -25.037 -0.140  1.00 45.56  ? 286 GLU A CB  1 
ATOM   362  C  CG  . GLU A 1 49  ? 5.785   -25.147 0.216   1.00 51.58  ? 286 GLU A CG  1 
ATOM   363  C  CD  . GLU A 1 49  ? 5.087   -26.235 -0.561  1.00 51.25  ? 286 GLU A CD  1 
ATOM   364  O  OE1 . GLU A 1 49  ? 5.696   -27.316 -0.728  1.00 56.57  ? 286 GLU A OE1 1 
ATOM   365  O  OE2 . GLU A 1 49  ? 3.937   -26.000 -0.995  1.00 52.19  ? 286 GLU A OE2 1 
ATOM   366  N  N   . VAL A 1 50  ? 6.487   -22.899 2.158   1.00 37.10  ? 287 VAL A N   1 
ATOM   367  C  CA  . VAL A 1 50  ? 6.038   -22.629 3.511   1.00 40.55  ? 287 VAL A CA  1 
ATOM   368  C  C   . VAL A 1 50  ? 4.577   -23.000 3.584   1.00 43.02  ? 287 VAL A C   1 
ATOM   369  O  O   . VAL A 1 50  ? 3.880   -22.953 2.580   1.00 47.46  ? 287 VAL A O   1 
ATOM   370  C  CB  . VAL A 1 50  ? 6.245   -21.143 3.869   1.00 38.61  ? 287 VAL A CB  1 
ATOM   371  C  CG1 . VAL A 1 50  ? 7.731   -20.826 3.836   1.00 35.22  ? 287 VAL A CG1 1 
ATOM   372  C  CG2 . VAL A 1 50  ? 5.498   -20.249 2.889   1.00 32.09  ? 287 VAL A CG2 1 
ATOM   373  N  N   . HIS A 1 51  ? 4.092   -23.346 4.766   1.00 45.00  ? 288 HIS A N   1 
ATOM   374  C  CA  . HIS A 1 51  ? 2.715   -23.793 4.854   1.00 44.72  ? 288 HIS A CA  1 
ATOM   375  C  C   . HIS A 1 51  ? 1.820   -23.040 5.814   1.00 45.19  ? 288 HIS A C   1 
ATOM   376  O  O   . HIS A 1 51  ? 0.874   -23.595 6.348   1.00 46.90  ? 288 HIS A O   1 
ATOM   377  C  CB  . HIS A 1 51  ? 2.745   -25.274 5.199   1.00 47.11  ? 288 HIS A CB  1 
ATOM   378  C  CG  . HIS A 1 51  ? 3.717   -26.049 4.364   1.00 47.55  ? 288 HIS A CG  1 
ATOM   379  N  ND1 . HIS A 1 51  ? 3.420   -26.485 3.091   1.00 49.34  ? 288 HIS A ND1 1 
ATOM   380  C  CD2 . HIS A 1 51  ? 5.020   -26.351 4.567   1.00 49.44  ? 288 HIS A CD2 1 
ATOM   381  C  CE1 . HIS A 1 51  ? 4.498   -27.014 2.542   1.00 46.37  ? 288 HIS A CE1 1 
ATOM   382  N  NE2 . HIS A 1 51  ? 5.484   -26.945 3.417   1.00 50.33  ? 288 HIS A NE2 1 
ATOM   383  N  N   . THR A 1 52  ? 2.077   -21.756 5.989   1.00 44.39  ? 289 THR A N   1 
ATOM   384  C  CA  . THR A 1 52  ? 1.297   -20.962 6.916   1.00 43.75  ? 289 THR A CA  1 
ATOM   385  C  C   . THR A 1 52  ? 0.356   -19.969 6.249   1.00 48.14  ? 289 THR A C   1 
ATOM   386  O  O   . THR A 1 52  ? -0.128  -19.040 6.899   1.00 47.81  ? 289 THR A O   1 
ATOM   387  C  CB  . THR A 1 52  ? 2.237   -20.199 7.813   1.00 44.77  ? 289 THR A CB  1 
ATOM   388  O  OG1 . THR A 1 52  ? 3.117   -19.412 6.989   1.00 44.76  ? 289 THR A OG1 1 
ATOM   389  C  CG2 . THR A 1 52  ? 3.067   -21.166 8.641   1.00 38.08  ? 289 THR A CG2 1 
ATOM   390  N  N   . ALA A 1 53  ? 0.092   -20.149 4.958   1.00 51.56  ? 290 ALA A N   1 
ATOM   391  C  CA  . ALA A 1 53  ? -0.792  -19.230 4.247   1.00 52.35  ? 290 ALA A CA  1 
ATOM   392  C  C   . ALA A 1 53  ? -2.243  -19.639 4.436   1.00 54.32  ? 290 ALA A C   1 
ATOM   393  O  O   . ALA A 1 53  ? -2.530  -20.798 4.713   1.00 55.95  ? 290 ALA A O   1 
ATOM   394  C  CB  . ALA A 1 53  ? -0.441  -19.208 2.784   1.00 51.74  ? 290 ALA A CB  1 
ATOM   395  N  N   . GLN A 1 54  ? -3.145  -18.676 4.298   1.00 57.39  ? 291 GLN A N   1 
ATOM   396  C  CA  . GLN A 1 54  ? -4.583  -18.900 4.441   1.00 59.84  ? 291 GLN A CA  1 
ATOM   397  C  C   . GLN A 1 54  ? -5.266  -18.359 3.189   1.00 60.55  ? 291 GLN A C   1 
ATOM   398  O  O   . GLN A 1 54  ? -5.054  -17.209 2.820   1.00 60.53  ? 291 GLN A O   1 
ATOM   399  C  CB  . GLN A 1 54  ? -5.089  -18.161 5.681   1.00 63.09  ? 291 GLN A CB  1 
ATOM   400  C  CG  . GLN A 1 54  ? -4.467  -16.770 5.853   1.00 71.67  ? 291 GLN A CG  1 
ATOM   401  C  CD  . GLN A 1 54  ? -4.442  -16.271 7.312   1.00 76.43  ? 291 GLN A CD  1 
ATOM   402  O  OE1 . GLN A 1 54  ? -3.643  -15.386 7.670   1.00 76.91  ? 291 GLN A OE1 1 
ATOM   403  N  NE2 . GLN A 1 54  ? -5.318  -16.829 8.148   1.00 78.79  ? 291 GLN A NE2 1 
ATOM   404  N  N   . THR A 1 55  ? -6.062  -19.182 2.513   1.00 62.09  ? 292 THR A N   1 
ATOM   405  C  CA  . THR A 1 55  ? -6.742  -18.706 1.309   1.00 64.15  ? 292 THR A CA  1 
ATOM   406  C  C   . THR A 1 55  ? -8.226  -18.530 1.572   1.00 66.23  ? 292 THR A C   1 
ATOM   407  O  O   . THR A 1 55  ? -8.881  -19.450 2.067   1.00 66.48  ? 292 THR A O   1 
ATOM   408  C  CB  . THR A 1 55  ? -6.644  -19.675 0.140   1.00 62.13  ? 292 THR A CB  1 
ATOM   409  O  OG1 . THR A 1 55  ? -7.793  -20.528 0.170   1.00 65.31  ? 292 THR A OG1 1 
ATOM   410  C  CG2 . THR A 1 55  ? -5.375  -20.518 0.216   1.00 59.05  ? 292 THR A CG2 1 
ATOM   411  N  N   . GLN A 1 56  ? -8.746  -17.352 1.229   1.00 68.39  ? 293 GLN A N   1 
ATOM   412  C  CA  . GLN A 1 56  ? -10.160 -17.031 1.409   1.00 72.52  ? 293 GLN A CA  1 
ATOM   413  C  C   . GLN A 1 56  ? -11.032 -17.960 0.550   1.00 75.24  ? 293 GLN A C   1 
ATOM   414  O  O   . GLN A 1 56  ? -10.568 -18.540 -0.437  1.00 75.60  ? 293 GLN A O   1 
ATOM   415  C  CB  . GLN A 1 56  ? -10.421 -15.574 1.010   1.00 72.74  ? 293 GLN A CB  1 
ATOM   416  C  CG  . GLN A 1 56  ? -9.451  -14.569 1.622   1.00 75.95  ? 293 GLN A CG  1 
ATOM   417  C  CD  . GLN A 1 56  ? -9.786  -14.213 3.060   1.00 78.02  ? 293 GLN A CD  1 
ATOM   418  O  OE1 . GLN A 1 56  ? -9.967  -15.093 3.905   1.00 77.04  ? 293 GLN A OE1 1 
ATOM   419  N  NE2 . GLN A 1 56  ? -9.866  -12.916 3.345   1.00 78.07  ? 293 GLN A NE2 1 
ATOM   420  N  N   . PRO A 1 57  ? -12.311 -18.119 0.925   1.00 77.36  ? 294 PRO A N   1 
ATOM   421  C  CA  . PRO A 1 57  ? -13.261 -18.973 0.198   1.00 78.75  ? 294 PRO A CA  1 
ATOM   422  C  C   . PRO A 1 57  ? -13.366 -18.712 -1.311  1.00 80.89  ? 294 PRO A C   1 
ATOM   423  O  O   . PRO A 1 57  ? -12.906 -19.537 -2.118  1.00 82.27  ? 294 PRO A O   1 
ATOM   424  C  CB  . PRO A 1 57  ? -14.567 -18.714 0.932   1.00 77.32  ? 294 PRO A CB  1 
ATOM   425  C  CG  . PRO A 1 57  ? -14.083 -18.570 2.352   1.00 78.27  ? 294 PRO A CG  1 
ATOM   426  C  CD  . PRO A 1 57  ? -12.888 -17.662 2.201   1.00 76.29  ? 294 PRO A CD  1 
ATOM   427  N  N   . ARG A 1 58  ? -13.981 -17.582 -1.677  1.00 81.05  ? 295 ARG A N   1 
ATOM   428  C  CA  . ARG A 1 58  ? -14.178 -17.160 -3.077  1.00 82.41  ? 295 ARG A CA  1 
ATOM   429  C  C   . ARG A 1 58  ? -15.353 -16.187 -3.188  1.00 82.95  ? 295 ARG A C   1 
ATOM   430  O  O   . ARG A 1 58  ? -16.489 -16.523 -2.871  1.00 81.80  ? 295 ARG A O   1 
ATOM   431  C  CB  . ARG A 1 58  ? -14.428 -18.349 -4.000  1.00 81.42  ? 295 ARG A CB  1 
ATOM   432  C  CG  . ARG A 1 58  ? -14.729 -17.912 -5.405  1.00 81.11  ? 295 ARG A CG  1 
ATOM   433  C  CD  . ARG A 1 58  ? -14.942 -19.090 -6.310  1.00 81.51  ? 295 ARG A CD  1 
ATOM   434  N  NE  . ARG A 1 58  ? -15.863 -18.755 -7.387  1.00 81.66  ? 295 ARG A NE  1 
ATOM   435  C  CZ  . ARG A 1 58  ? -16.178 -19.578 -8.378  1.00 83.40  ? 295 ARG A CZ  1 
ATOM   436  N  NH1 . ARG A 1 58  ? -17.032 -19.187 -9.314  1.00 84.35  ? 295 ARG A NH1 1 
ATOM   437  N  NH2 . ARG A 1 58  ? -15.632 -20.789 -8.440  1.00 84.31  ? 295 ARG A NH2 1 
ATOM   438  N  N   . GLU A 1 59  ? -15.071 -14.993 -3.689  1.00 84.38  ? 296 GLU A N   1 
ATOM   439  C  CA  . GLU A 1 59  ? -16.071 -13.939 -3.775  1.00 86.70  ? 296 GLU A CA  1 
ATOM   440  C  C   . GLU A 1 59  ? -16.405 -13.369 -5.157  1.00 87.06  ? 296 GLU A C   1 
ATOM   441  O  O   . GLU A 1 59  ? -15.524 -13.004 -5.934  1.00 86.18  ? 296 GLU A O   1 
ATOM   442  C  CB  . GLU A 1 59  ? -15.611 -12.808 -2.863  1.00 88.54  ? 296 GLU A CB  1 
ATOM   443  C  CG  . GLU A 1 59  ? -14.102 -12.612 -2.962  1.00 92.14  ? 296 GLU A CG  1 
ATOM   444  C  CD  . GLU A 1 59  ? -13.581 -11.468 -2.129  1.00 94.25  ? 296 GLU A CD  1 
ATOM   445  O  OE1 . GLU A 1 59  ? -13.928 -10.304 -2.435  1.00 93.60  ? 296 GLU A OE1 1 
ATOM   446  O  OE2 . GLU A 1 59  ? -12.818 -11.738 -1.173  1.00 95.97  ? 296 GLU A OE2 1 
ATOM   447  N  N   . GLU A 1 60  ? -17.698 -13.282 -5.441  1.00 87.57  ? 297 GLU A N   1 
ATOM   448  C  CA  . GLU A 1 60  ? -18.186 -12.729 -6.694  1.00 88.62  ? 297 GLU A CA  1 
ATOM   449  C  C   . GLU A 1 60  ? -17.820 -11.246 -6.698  1.00 90.55  ? 297 GLU A C   1 
ATOM   450  O  O   . GLU A 1 60  ? -18.144 -10.523 -5.756  1.00 90.79  ? 297 GLU A O   1 
ATOM   451  C  CB  . GLU A 1 60  ? -19.710 -12.905 -6.762  1.00 87.41  ? 297 GLU A CB  1 
ATOM   452  C  CG  . GLU A 1 60  ? -20.401 -12.311 -7.987  1.00 86.83  ? 297 GLU A CG  1 
ATOM   453  C  CD  . GLU A 1 60  ? -21.906 -12.611 -8.022  1.00 86.96  ? 297 GLU A CD  1 
ATOM   454  O  OE1 . GLU A 1 60  ? -22.617 -12.027 -8.875  1.00 85.09  ? 297 GLU A OE1 1 
ATOM   455  O  OE2 . GLU A 1 60  ? -22.371 -13.436 -7.198  1.00 84.75  ? 297 GLU A OE2 1 
ATOM   456  N  N   . GLN A 1 61  ? -17.131 -10.794 -7.741  1.00 92.74  ? 298 GLN A N   1 
ATOM   457  C  CA  . GLN A 1 61  ? -16.749 -9.389  -7.837  1.00 95.86  ? 298 GLN A CA  1 
ATOM   458  C  C   . GLN A 1 61  ? -17.801 -8.518  -8.548  1.00 97.67  ? 298 GLN A C   1 
ATOM   459  O  O   . GLN A 1 61  ? -18.961 -8.924  -8.702  1.00 97.85  ? 298 GLN A O   1 
ATOM   460  C  CB  . GLN A 1 61  ? -15.384 -9.261  -8.523  1.00 96.47  ? 298 GLN A CB  1 
ATOM   461  C  CG  . GLN A 1 61  ? -15.093 -10.332 -9.557  1.00 99.10  ? 298 GLN A CG  1 
ATOM   462  C  CD  . GLN A 1 61  ? -13.619 -10.396 -9.921  1.00 101.89 ? 298 GLN A CD  1 
ATOM   463  O  OE1 . GLN A 1 61  ? -12.752 -10.490 -9.044  1.00 102.16 ? 298 GLN A OE1 1 
ATOM   464  N  NE2 . GLN A 1 61  ? -13.324 -10.350 -11.217 1.00 103.17 ? 298 GLN A NE2 1 
ATOM   465  N  N   . PHE A 1 62  ? -17.398 -7.324  -8.980  1.00 98.98  ? 299 PHE A N   1 
ATOM   466  C  CA  . PHE A 1 62  ? -18.321 -6.395  -9.634  1.00 99.15  ? 299 PHE A CA  1 
ATOM   467  C  C   . PHE A 1 62  ? -18.768 -6.758  -11.050 1.00 98.26  ? 299 PHE A C   1 
ATOM   468  O  O   . PHE A 1 62  ? -19.828 -6.313  -11.497 1.00 98.34  ? 299 PHE A O   1 
ATOM   469  C  CB  . PHE A 1 62  ? -17.735 -4.976  -9.611  1.00 100.71 ? 299 PHE A CB  1 
ATOM   470  C  CG  . PHE A 1 62  ? -17.575 -4.414  -8.216  1.00 102.22 ? 299 PHE A CG  1 
ATOM   471  C  CD1 . PHE A 1 62  ? -16.534 -4.837  -7.394  1.00 102.66 ? 299 PHE A CD1 1 
ATOM   472  C  CD2 . PHE A 1 62  ? -18.492 -3.495  -7.710  1.00 102.77 ? 299 PHE A CD2 1 
ATOM   473  C  CE1 . PHE A 1 62  ? -16.411 -4.353  -6.092  1.00 102.92 ? 299 PHE A CE1 1 
ATOM   474  C  CE2 . PHE A 1 62  ? -18.377 -3.006  -6.408  1.00 102.39 ? 299 PHE A CE2 1 
ATOM   475  C  CZ  . PHE A 1 62  ? -17.337 -3.435  -5.598  1.00 102.23 ? 299 PHE A CZ  1 
ATOM   476  N  N   . ASN A 1 63  ? -17.977 -7.568  -11.751 1.00 97.15  ? 300 ASN A N   1 
ATOM   477  C  CA  . ASN A 1 63  ? -18.332 -7.985  -13.109 1.00 96.19  ? 300 ASN A CA  1 
ATOM   478  C  C   . ASN A 1 63  ? -18.872 -9.426  -13.153 1.00 95.48  ? 300 ASN A C   1 
ATOM   479  O  O   . ASN A 1 63  ? -18.659 -10.156 -14.128 1.00 94.65  ? 300 ASN A O   1 
ATOM   480  C  CB  . ASN A 1 63  ? -17.123 -7.821  -14.048 1.00 96.17  ? 300 ASN A CB  1 
ATOM   481  C  CG  . ASN A 1 63  ? -15.874 -8.515  -13.529 1.00 96.12  ? 300 ASN A CG  1 
ATOM   482  O  OD1 . ASN A 1 63  ? -15.731 -9.734  -13.649 1.00 95.69  ? 300 ASN A OD1 1 
ATOM   483  N  ND2 . ASN A 1 63  ? -14.967 -7.742  -12.937 1.00 94.87  ? 300 ASN A ND2 1 
ATOM   484  N  N   . SER A 1 64  ? -19.568 -9.812  -12.080 1.00 94.05  ? 301 SER A N   1 
ATOM   485  C  CA  . SER A 1 64  ? -20.188 -11.129 -11.932 1.00 91.72  ? 301 SER A CA  1 
ATOM   486  C  C   . SER A 1 64  ? -19.241 -12.321 -11.808 1.00 90.18  ? 301 SER A C   1 
ATOM   487  O  O   . SER A 1 64  ? -19.679 -13.415 -11.441 1.00 90.74  ? 301 SER A O   1 
ATOM   488  C  CB  . SER A 1 64  ? -21.139 -11.399 -13.092 1.00 92.93  ? 301 SER A CB  1 
ATOM   489  O  OG  . SER A 1 64  ? -20.417 -11.783 -14.249 1.00 94.36  ? 301 SER A OG  1 
ATOM   490  N  N   . THR A 1 65  ? -17.964 -12.129 -12.134 1.00 87.27  ? 302 THR A N   1 
ATOM   491  C  CA  . THR A 1 65  ? -16.988 -13.215 -12.036 1.00 83.53  ? 302 THR A CA  1 
ATOM   492  C  C   . THR A 1 65  ? -16.449 -13.253 -10.607 1.00 81.17  ? 302 THR A C   1 
ATOM   493  O  O   . THR A 1 65  ? -16.985 -12.587 -9.726  1.00 80.92  ? 302 THR A O   1 
ATOM   494  C  CB  . THR A 1 65  ? -15.823 -13.015 -13.025 1.00 82.96  ? 302 THR A CB  1 
ATOM   495  O  OG1 . THR A 1 65  ? -14.981 -11.954 -12.567 1.00 81.90  ? 302 THR A OG1 1 
ATOM   496  C  CG2 . THR A 1 65  ? -16.360 -12.654 -14.405 1.00 83.59  ? 302 THR A CG2 1 
ATOM   497  N  N   . PHE A 1 66  ? -15.402 -14.027 -10.356 1.00 78.08  ? 303 PHE A N   1 
ATOM   498  C  CA  . PHE A 1 66  ? -14.875 -14.087 -8.998  1.00 75.70  ? 303 PHE A CA  1 
ATOM   499  C  C   . PHE A 1 66  ? -13.374 -13.880 -8.874  1.00 74.23  ? 303 PHE A C   1 
ATOM   500  O  O   . PHE A 1 66  ? -12.664 -13.691 -9.864  1.00 71.94  ? 303 PHE A O   1 
ATOM   501  C  CB  . PHE A 1 66  ? -15.236 -15.418 -8.341  1.00 74.53  ? 303 PHE A CB  1 
ATOM   502  C  CG  . PHE A 1 66  ? -16.699 -15.722 -8.352  1.00 74.16  ? 303 PHE A CG  1 
ATOM   503  C  CD1 . PHE A 1 66  ? -17.365 -15.959 -9.549  1.00 74.80  ? 303 PHE A CD1 1 
ATOM   504  C  CD2 . PHE A 1 66  ? -17.406 -15.811 -7.159  1.00 73.24  ? 303 PHE A CD2 1 
ATOM   505  C  CE1 . PHE A 1 66  ? -18.714 -16.286 -9.557  1.00 76.50  ? 303 PHE A CE1 1 
ATOM   506  C  CE2 . PHE A 1 66  ? -18.754 -16.136 -7.151  1.00 73.54  ? 303 PHE A CE2 1 
ATOM   507  C  CZ  . PHE A 1 66  ? -19.413 -16.376 -8.349  1.00 74.95  ? 303 PHE A CZ  1 
ATOM   508  N  N   . ARG A 1 67  ? -12.910 -13.909 -7.630  1.00 73.75  ? 304 ARG A N   1 
ATOM   509  C  CA  . ARG A 1 67  ? -11.497 -13.747 -7.309  1.00 73.34  ? 304 ARG A CA  1 
ATOM   510  C  C   . ARG A 1 67  ? -11.206 -14.694 -6.163  1.00 72.79  ? 304 ARG A C   1 
ATOM   511  O  O   . ARG A 1 67  ? -12.095 -15.050 -5.389  1.00 73.66  ? 304 ARG A O   1 
ATOM   512  C  CB  . ARG A 1 67  ? -11.170 -12.301 -6.884  1.00 71.58  ? 304 ARG A CB  1 
ATOM   513  C  CG  . ARG A 1 67  ? -11.690 -11.886 -5.510  1.00 72.20  ? 304 ARG A CG  1 
ATOM   514  C  CD  . ARG A 1 67  ? -11.538 -10.383 -5.309  1.00 74.54  ? 304 ARG A CD  1 
ATOM   515  N  NE  . ARG A 1 67  ? -10.399 -10.014 -4.470  1.00 77.31  ? 304 ARG A NE  1 
ATOM   516  C  CZ  . ARG A 1 67  ? -9.741  -8.855  -4.561  1.00 79.55  ? 304 ARG A CZ  1 
ATOM   517  N  NH1 . ARG A 1 67  ? -10.108 -7.952  -5.471  1.00 80.45  ? 304 ARG A NH1 1 
ATOM   518  N  NH2 . ARG A 1 67  ? -8.731  -8.584  -3.733  1.00 76.14  ? 304 ARG A NH2 1 
ATOM   519  N  N   . SER A 1 68  ? -9.956  -15.121 -6.073  1.00 72.05  ? 305 SER A N   1 
ATOM   520  C  CA  . SER A 1 68  ? -9.536  -16.019 -5.017  1.00 68.57  ? 305 SER A CA  1 
ATOM   521  C  C   . SER A 1 68  ? -8.321  -15.346 -4.401  1.00 65.12  ? 305 SER A C   1 
ATOM   522  O  O   . SER A 1 68  ? -7.353  -15.024 -5.098  1.00 64.75  ? 305 SER A O   1 
ATOM   523  C  CB  . SER A 1 68  ? -9.175  -17.389 -5.595  1.00 69.70  ? 305 SER A CB  1 
ATOM   524  O  OG  . SER A 1 68  ? -8.949  -18.321 -4.561  1.00 73.63  ? 305 SER A OG  1 
ATOM   525  N  N   . VAL A 1 69  ? -8.391  -15.118 -3.094  1.00 60.67  ? 306 VAL A N   1 
ATOM   526  C  CA  . VAL A 1 69  ? -7.325  -14.454 -2.376  1.00 53.98  ? 306 VAL A CA  1 
ATOM   527  C  C   . VAL A 1 69  ? -6.655  -15.388 -1.400  1.00 52.19  ? 306 VAL A C   1 
ATOM   528  O  O   . VAL A 1 69  ? -7.309  -16.149 -0.693  1.00 51.57  ? 306 VAL A O   1 
ATOM   529  C  CB  . VAL A 1 69  ? -7.861  -13.225 -1.594  1.00 53.63  ? 306 VAL A CB  1 
ATOM   530  C  CG1 . VAL A 1 69  ? -6.719  -12.541 -0.820  1.00 50.55  ? 306 VAL A CG1 1 
ATOM   531  C  CG2 . VAL A 1 69  ? -8.519  -12.234 -2.560  1.00 53.27  ? 306 VAL A CG2 1 
ATOM   532  N  N   . SER A 1 70  ? -5.330  -15.324 -1.383  1.00 49.83  ? 307 SER A N   1 
ATOM   533  C  CA  . SER A 1 70  ? -4.521  -16.117 -0.477  1.00 43.55  ? 307 SER A CA  1 
ATOM   534  C  C   . SER A 1 70  ? -3.499  -15.181 0.188   1.00 43.64  ? 307 SER A C   1 
ATOM   535  O  O   . SER A 1 70  ? -2.791  -14.413 -0.490  1.00 39.81  ? 307 SER A O   1 
ATOM   536  C  CB  . SER A 1 70  ? -3.809  -17.215 -1.244  1.00 40.38  ? 307 SER A CB  1 
ATOM   537  O  OG  . SER A 1 70  ? -2.827  -17.814 -0.417  1.00 43.84  ? 307 SER A OG  1 
ATOM   538  N  N   . GLU A 1 71  ? -3.418  -15.245 1.513   1.00 40.56  ? 308 GLU A N   1 
ATOM   539  C  CA  . GLU A 1 71  ? -2.499  -14.396 2.231   1.00 39.39  ? 308 GLU A CA  1 
ATOM   540  C  C   . GLU A 1 71  ? -1.447  -15.172 2.993   1.00 40.34  ? 308 GLU A C   1 
ATOM   541  O  O   . GLU A 1 71  ? -1.740  -16.127 3.721   1.00 42.96  ? 308 GLU A O   1 
ATOM   542  C  CB  . GLU A 1 71  ? -3.265  -13.482 3.169   1.00 37.91  ? 308 GLU A CB  1 
ATOM   543  C  CG  . GLU A 1 71  ? -4.336  -12.722 2.441   1.00 42.49  ? 308 GLU A CG  1 
ATOM   544  C  CD  . GLU A 1 71  ? -5.078  -11.744 3.321   1.00 44.29  ? 308 GLU A CD  1 
ATOM   545  O  OE1 . GLU A 1 71  ? -5.487  -12.133 4.439   1.00 47.57  ? 308 GLU A OE1 1 
ATOM   546  O  OE2 . GLU A 1 71  ? -5.259  -10.588 2.886   1.00 41.59  ? 308 GLU A OE2 1 
ATOM   547  N  N   . LEU A 1 72  ? -0.206  -14.756 2.797   1.00 37.50  ? 309 LEU A N   1 
ATOM   548  C  CA  . LEU A 1 72  ? 0.922   -15.380 3.445   1.00 35.72  ? 309 LEU A CA  1 
ATOM   549  C  C   . LEU A 1 72  ? 1.465   -14.426 4.486   1.00 36.81  ? 309 LEU A C   1 
ATOM   550  O  O   . LEU A 1 72  ? 2.120   -13.419 4.143   1.00 36.18  ? 309 LEU A O   1 
ATOM   551  C  CB  . LEU A 1 72  ? 2.035   -15.697 2.438   1.00 33.25  ? 309 LEU A CB  1 
ATOM   552  C  CG  . LEU A 1 72  ? 3.338   -16.173 3.101   1.00 37.45  ? 309 LEU A CG  1 
ATOM   553  C  CD1 . LEU A 1 72  ? 3.127   -17.597 3.666   1.00 36.62  ? 309 LEU A CD1 1 
ATOM   554  C  CD2 . LEU A 1 72  ? 4.491   -16.144 2.097   1.00 33.45  ? 309 LEU A CD2 1 
ATOM   555  N  N   . PRO A 1 73  ? 1.171   -14.701 5.770   1.00 33.85  ? 310 PRO A N   1 
ATOM   556  C  CA  . PRO A 1 73  ? 1.689   -13.813 6.804   1.00 30.36  ? 310 PRO A CA  1 
ATOM   557  C  C   . PRO A 1 73  ? 3.205   -14.024 6.811   1.00 29.23  ? 310 PRO A C   1 
ATOM   558  O  O   . PRO A 1 73  ? 3.690   -15.158 6.674   1.00 29.96  ? 310 PRO A O   1 
ATOM   559  C  CB  . PRO A 1 73  ? 0.977   -14.303 8.083   1.00 31.13  ? 310 PRO A CB  1 
ATOM   560  C  CG  . PRO A 1 73  ? 0.575   -15.691 7.786   1.00 26.89  ? 310 PRO A CG  1 
ATOM   561  C  CD  . PRO A 1 73  ? 0.242   -15.700 6.334   1.00 32.72  ? 310 PRO A CD  1 
ATOM   562  N  N   . ILE A 1 74  ? 3.945   -12.929 6.928   1.00 26.99  ? 311 ILE A N   1 
ATOM   563  C  CA  . ILE A 1 74  ? 5.390   -12.989 6.931   1.00 28.04  ? 311 ILE A CA  1 
ATOM   564  C  C   . ILE A 1 74  ? 6.004   -12.197 8.087   1.00 27.30  ? 311 ILE A C   1 
ATOM   565  O  O   . ILE A 1 74  ? 5.310   -11.469 8.786   1.00 26.74  ? 311 ILE A O   1 
ATOM   566  C  CB  . ILE A 1 74  ? 5.944   -12.431 5.614   1.00 31.74  ? 311 ILE A CB  1 
ATOM   567  C  CG1 . ILE A 1 74  ? 5.628   -10.940 5.543   1.00 31.68  ? 311 ILE A CG1 1 
ATOM   568  C  CG2 . ILE A 1 74  ? 5.333   -13.168 4.423   1.00 30.91  ? 311 ILE A CG2 1 
ATOM   569  C  CD1 . ILE A 1 74  ? 6.311   -10.243 4.416   1.00 31.81  ? 311 ILE A CD1 1 
ATOM   570  N  N   . MET A 1 75  ? 7.305   -12.365 8.284   1.00 27.41  ? 312 MET A N   1 
ATOM   571  C  CA  . MET A 1 75  ? 8.032   -11.644 9.319   1.00 31.98  ? 312 MET A CA  1 
ATOM   572  C  C   . MET A 1 75  ? 8.491   -10.313 8.754   1.00 32.75  ? 312 MET A C   1 
ATOM   573  O  O   . MET A 1 75  ? 8.995   -10.247 7.619   1.00 32.64  ? 312 MET A O   1 
ATOM   574  C  CB  . MET A 1 75  ? 9.273   -12.420 9.772   1.00 34.94  ? 312 MET A CB  1 
ATOM   575  C  CG  . MET A 1 75  ? 9.005   -13.419 10.882  1.00 43.37  ? 312 MET A CG  1 
ATOM   576  S  SD  . MET A 1 75  ? 10.570  -13.867 11.671  1.00 53.68  ? 312 MET A SD  1 
ATOM   577  C  CE  . MET A 1 75  ? 11.037  -15.246 10.560  1.00 50.14  ? 312 MET A CE  1 
ATOM   578  N  N   . HIS A 1 76  ? 8.323   -9.265  9.552   1.00 28.79  ? 313 HIS A N   1 
ATOM   579  C  CA  . HIS A 1 76  ? 8.731   -7.925  9.165   1.00 30.20  ? 313 HIS A CA  1 
ATOM   580  C  C   . HIS A 1 76  ? 10.112  -7.908  8.533   1.00 30.30  ? 313 HIS A C   1 
ATOM   581  O  O   . HIS A 1 76  ? 10.313  -7.396  7.421   1.00 31.89  ? 313 HIS A O   1 
ATOM   582  C  CB  . HIS A 1 76  ? 8.714   -7.029  10.398  1.00 26.87  ? 313 HIS A CB  1 
ATOM   583  C  CG  . HIS A 1 76  ? 7.430   -7.107  11.151  1.00 27.49  ? 313 HIS A CG  1 
ATOM   584  N  ND1 . HIS A 1 76  ? 6.910   -8.307  11.595  1.00 28.08  ? 313 HIS A ND1 1 
ATOM   585  C  CD2 . HIS A 1 76  ? 6.522   -6.159  11.476  1.00 26.08  ? 313 HIS A CD2 1 
ATOM   586  C  CE1 . HIS A 1 76  ? 5.735   -8.096  12.159  1.00 23.53  ? 313 HIS A CE1 1 
ATOM   587  N  NE2 . HIS A 1 76  ? 5.475   -6.800  12.099  1.00 28.53  ? 313 HIS A NE2 1 
ATOM   588  N  N   . GLN A 1 77  ? 11.062  -8.496  9.241   1.00 30.24  ? 314 GLN A N   1 
ATOM   589  C  CA  . GLN A 1 77  ? 12.442  -8.533  8.774   1.00 31.89  ? 314 GLN A CA  1 
ATOM   590  C  C   . GLN A 1 77  ? 12.612  -9.171  7.391   1.00 31.44  ? 314 GLN A C   1 
ATOM   591  O  O   . GLN A 1 77  ? 13.331  -8.643  6.546   1.00 33.55  ? 314 GLN A O   1 
ATOM   592  C  CB  . GLN A 1 77  ? 13.304  -9.248  9.813   1.00 32.23  ? 314 GLN A CB  1 
ATOM   593  C  CG  . GLN A 1 77  ? 13.312  -8.543  11.185  1.00 38.40  ? 314 GLN A CG  1 
ATOM   594  C  CD  . GLN A 1 77  ? 12.184  -8.980  12.117  1.00 39.05  ? 314 GLN A CD  1 
ATOM   595  O  OE1 . GLN A 1 77  ? 12.327  -8.943  13.340  1.00 42.62  ? 314 GLN A OE1 1 
ATOM   596  N  NE2 . GLN A 1 77  ? 11.064  -9.386  11.545  1.00 37.23  ? 314 GLN A NE2 1 
ATOM   597  N  N   . ASP A 1 78  ? 11.942  -10.283 7.140   1.00 27.91  ? 315 ASP A N   1 
ATOM   598  C  CA  . ASP A 1 78  ? 12.094  -10.915 5.851   1.00 32.54  ? 315 ASP A CA  1 
ATOM   599  C  C   . ASP A 1 78  ? 11.767  -9.997  4.685   1.00 35.08  ? 315 ASP A C   1 
ATOM   600  O  O   . ASP A 1 78  ? 12.413  -10.082 3.647   1.00 36.69  ? 315 ASP A O   1 
ATOM   601  C  CB  . ASP A 1 78  ? 11.264  -12.194 5.776   1.00 33.05  ? 315 ASP A CB  1 
ATOM   602  C  CG  . ASP A 1 78  ? 11.742  -13.218 6.756   1.00 30.80  ? 315 ASP A CG  1 
ATOM   603  O  OD1 . ASP A 1 78  ? 12.932  -13.140 7.128   1.00 26.41  ? 315 ASP A OD1 1 
ATOM   604  O  OD2 . ASP A 1 78  ? 10.948  -14.083 7.147   1.00 29.91  ? 315 ASP A OD2 1 
ATOM   605  N  N   . TRP A 1 79  ? 10.784  -9.114  4.835   1.00 34.66  ? 316 TRP A N   1 
ATOM   606  C  CA  . TRP A 1 79  ? 10.487  -8.227  3.740   1.00 34.83  ? 316 TRP A CA  1 
ATOM   607  C  C   . TRP A 1 79  ? 11.602  -7.197  3.576   1.00 36.61  ? 316 TRP A C   1 
ATOM   608  O  O   . TRP A 1 79  ? 12.080  -6.952  2.469   1.00 37.36  ? 316 TRP A O   1 
ATOM   609  C  CB  . TRP A 1 79  ? 9.164   -7.509  3.955   1.00 34.67  ? 316 TRP A CB  1 
ATOM   610  C  CG  . TRP A 1 79  ? 8.855   -6.564  2.809   1.00 32.96  ? 316 TRP A CG  1 
ATOM   611  C  CD1 . TRP A 1 79  ? 9.111   -5.228  2.760   1.00 28.32  ? 316 TRP A CD1 1 
ATOM   612  C  CD2 . TRP A 1 79  ? 8.314   -6.921  1.527   1.00 29.00  ? 316 TRP A CD2 1 
ATOM   613  N  NE1 . TRP A 1 79  ? 8.769   -4.735  1.535   1.00 31.17  ? 316 TRP A NE1 1 
ATOM   614  C  CE2 . TRP A 1 79  ? 8.274   -5.756  0.759   1.00 28.78  ? 316 TRP A CE2 1 
ATOM   615  C  CE3 . TRP A 1 79  ? 7.866   -8.124  0.957   1.00 28.84  ? 316 TRP A CE3 1 
ATOM   616  C  CZ2 . TRP A 1 79  ? 7.803   -5.746  -0.560  1.00 26.97  ? 316 TRP A CZ2 1 
ATOM   617  C  CZ3 . TRP A 1 79  ? 7.403   -8.117  -0.352  1.00 24.17  ? 316 TRP A CZ3 1 
ATOM   618  C  CH2 . TRP A 1 79  ? 7.376   -6.934  -1.096  1.00 27.33  ? 316 TRP A CH2 1 
ATOM   619  N  N   . LEU A 1 80  ? 12.021  -6.598  4.683   1.00 36.99  ? 317 LEU A N   1 
ATOM   620  C  CA  . LEU A 1 80  ? 13.072  -5.589  4.634   1.00 37.00  ? 317 LEU A CA  1 
ATOM   621  C  C   . LEU A 1 80  ? 14.451  -6.149  4.237   1.00 37.84  ? 317 LEU A C   1 
ATOM   622  O  O   . LEU A 1 80  ? 15.252  -5.444  3.624   1.00 36.66  ? 317 LEU A O   1 
ATOM   623  C  CB  . LEU A 1 80  ? 13.137  -4.853  5.986   1.00 35.15  ? 317 LEU A CB  1 
ATOM   624  C  CG  . LEU A 1 80  ? 11.933  -3.941  6.254   1.00 36.12  ? 317 LEU A CG  1 
ATOM   625  C  CD1 . LEU A 1 80  ? 11.967  -3.369  7.661   1.00 34.40  ? 317 LEU A CD1 1 
ATOM   626  C  CD2 . LEU A 1 80  ? 11.924  -2.810  5.229   1.00 34.55  ? 317 LEU A CD2 1 
ATOM   627  N  N   . ASN A 1 81  ? 14.719  -7.410  4.567   1.00 36.51  ? 318 ASN A N   1 
ATOM   628  C  CA  . ASN A 1 81  ? 15.998  -8.023  4.219   1.00 37.96  ? 318 ASN A CA  1 
ATOM   629  C  C   . ASN A 1 81  ? 16.020  -8.531  2.775   1.00 36.30  ? 318 ASN A C   1 
ATOM   630  O  O   . ASN A 1 81  ? 16.977  -9.184  2.359   1.00 37.35  ? 318 ASN A O   1 
ATOM   631  C  CB  . ASN A 1 81  ? 16.335  -9.172  5.195   1.00 37.69  ? 318 ASN A CB  1 
ATOM   632  C  CG  . ASN A 1 81  ? 16.692  -8.670  6.592   1.00 45.07  ? 318 ASN A CG  1 
ATOM   633  O  OD1 . ASN A 1 81  ? 16.547  -9.390  7.591   1.00 44.76  ? 318 ASN A OD1 1 
ATOM   634  N  ND2 . ASN A 1 81  ? 17.166  -7.424  6.669   1.00 46.50  ? 318 ASN A ND2 1 
ATOM   635  N  N   . GLY A 1 82  ? 14.945  -8.273  2.030   1.00 37.10  ? 319 GLY A N   1 
ATOM   636  C  CA  . GLY A 1 82  ? 14.886  -8.649  0.618   1.00 35.34  ? 319 GLY A CA  1 
ATOM   637  C  C   . GLY A 1 82  ? 14.574  -10.074 0.186   1.00 36.47  ? 319 GLY A C   1 
ATOM   638  O  O   . GLY A 1 82  ? 14.828  -10.473 -0.968  1.00 29.43  ? 319 GLY A O   1 
ATOM   639  N  N   . LYS A 1 83  ? 14.028  -10.855 1.104   1.00 36.12  ? 320 LYS A N   1 
ATOM   640  C  CA  . LYS A 1 83  ? 13.680  -12.218 0.771   1.00 37.41  ? 320 LYS A CA  1 
ATOM   641  C  C   . LYS A 1 83  ? 12.672  -12.209 -0.377  1.00 36.30  ? 320 LYS A C   1 
ATOM   642  O  O   . LYS A 1 83  ? 11.951  -11.239 -0.568  1.00 37.13  ? 320 LYS A O   1 
ATOM   643  C  CB  . LYS A 1 83  ? 13.101  -12.920 2.004   1.00 35.26  ? 320 LYS A CB  1 
ATOM   644  C  CG  . LYS A 1 83  ? 14.165  -13.519 2.920   1.00 31.63  ? 320 LYS A CG  1 
ATOM   645  C  CD  . LYS A 1 83  ? 13.547  -14.110 4.195   1.00 33.20  ? 320 LYS A CD  1 
ATOM   646  C  CE  . LYS A 1 83  ? 14.494  -15.038 4.931   1.00 32.01  ? 320 LYS A CE  1 
ATOM   647  N  NZ  . LYS A 1 83  ? 15.798  -14.430 5.102   1.00 35.51  ? 320 LYS A NZ  1 
ATOM   648  N  N   . GLU A 1 84  ? 12.635  -13.291 -1.146  1.00 37.95  ? 321 GLU A N   1 
ATOM   649  C  CA  . GLU A 1 84  ? 11.714  -13.396 -2.280  1.00 41.32  ? 321 GLU A CA  1 
ATOM   650  C  C   . GLU A 1 84  ? 10.504  -14.255 -1.902  1.00 39.74  ? 321 GLU A C   1 
ATOM   651  O  O   . GLU A 1 84  ? 10.646  -15.285 -1.241  1.00 39.77  ? 321 GLU A O   1 
ATOM   652  C  CB  . GLU A 1 84  ? 12.445  -13.992 -3.495  1.00 41.42  ? 321 GLU A CB  1 
ATOM   653  C  CG  . GLU A 1 84  ? 11.574  -14.451 -4.672  1.00 46.72  ? 321 GLU A CG  1 
ATOM   654  C  CD  . GLU A 1 84  ? 12.401  -15.104 -5.815  1.00 54.07  ? 321 GLU A CD  1 
ATOM   655  O  OE1 . GLU A 1 84  ? 13.045  -14.372 -6.602  1.00 49.91  ? 321 GLU A OE1 1 
ATOM   656  O  OE2 . GLU A 1 84  ? 12.419  -16.359 -5.922  1.00 57.96  ? 321 GLU A OE2 1 
ATOM   657  N  N   . PHE A 1 85  ? 9.325   -13.800 -2.303  1.00 35.15  ? 322 PHE A N   1 
ATOM   658  C  CA  . PHE A 1 85  ? 8.090   -14.509 -2.028  1.00 38.41  ? 322 PHE A CA  1 
ATOM   659  C  C   . PHE A 1 85  ? 7.437   -14.916 -3.333  1.00 39.07  ? 322 PHE A C   1 
ATOM   660  O  O   . PHE A 1 85  ? 7.129   -14.072 -4.180  1.00 40.87  ? 322 PHE A O   1 
ATOM   661  C  CB  . PHE A 1 85  ? 7.150   -13.644 -1.198  1.00 35.33  ? 322 PHE A CB  1 
ATOM   662  C  CG  . PHE A 1 85  ? 7.737   -13.232 0.101   1.00 30.71  ? 322 PHE A CG  1 
ATOM   663  C  CD1 . PHE A 1 85  ? 8.536   -12.100 0.186   1.00 27.20  ? 322 PHE A CD1 1 
ATOM   664  C  CD2 . PHE A 1 85  ? 7.520   -14.005 1.246   1.00 32.83  ? 322 PHE A CD2 1 
ATOM   665  C  CE1 . PHE A 1 85  ? 9.117   -11.734 1.405   1.00 29.73  ? 322 PHE A CE1 1 
ATOM   666  C  CE2 . PHE A 1 85  ? 8.092   -13.660 2.474   1.00 29.37  ? 322 PHE A CE2 1 
ATOM   667  C  CZ  . PHE A 1 85  ? 8.891   -12.522 2.560   1.00 31.44  ? 322 PHE A CZ  1 
ATOM   668  N  N   . LYS A 1 86  ? 7.234   -16.223 -3.457  1.00 39.29  ? 323 LYS A N   1 
ATOM   669  C  CA  . LYS A 1 86  ? 6.685   -16.859 -4.636  1.00 43.50  ? 323 LYS A CA  1 
ATOM   670  C  C   . LYS A 1 86  ? 5.320   -17.515 -4.397  1.00 46.79  ? 323 LYS A C   1 
ATOM   671  O  O   . LYS A 1 86  ? 5.114   -18.257 -3.433  1.00 46.79  ? 323 LYS A O   1 
ATOM   672  C  CB  . LYS A 1 86  ? 7.689   -17.915 -5.092  1.00 48.92  ? 323 LYS A CB  1 
ATOM   673  C  CG  . LYS A 1 86  ? 7.474   -18.516 -6.466  1.00 52.43  ? 323 LYS A CG  1 
ATOM   674  C  CD  . LYS A 1 86  ? 8.470   -19.662 -6.700  1.00 57.73  ? 323 LYS A CD  1 
ATOM   675  C  CE  . LYS A 1 86  ? 9.908   -19.302 -6.290  1.00 57.85  ? 323 LYS A CE  1 
ATOM   676  N  NZ  . LYS A 1 86  ? 10.539  -18.204 -7.101  1.00 59.68  ? 323 LYS A NZ  1 
ATOM   677  N  N   . CYS A 1 87  ? 4.388   -17.245 -5.292  1.00 49.12  ? 324 CYS A N   1 
ATOM   678  C  CA  . CYS A 1 87  ? 3.074   -17.832 -5.194  1.00 53.32  ? 324 CYS A CA  1 
ATOM   679  C  C   . CYS A 1 87  ? 2.955   -18.695 -6.426  1.00 57.36  ? 324 CYS A C   1 
ATOM   680  O  O   . CYS A 1 87  ? 3.138   -18.208 -7.539  1.00 57.46  ? 324 CYS A O   1 
ATOM   681  C  CB  . CYS A 1 87  ? 1.992   -16.748 -5.201  1.00 52.33  ? 324 CYS A CB  1 
ATOM   682  S  SG  . CYS A 1 87  ? 0.293   -17.389 -5.343  1.00 50.78  ? 324 CYS A SG  1 
ATOM   683  N  N   . ARG A 1 88  ? 2.706   -19.983 -6.230  1.00 60.66  ? 325 ARG A N   1 
ATOM   684  C  CA  . ARG A 1 88  ? 2.551   -20.888 -7.352  1.00 66.46  ? 325 ARG A CA  1 
ATOM   685  C  C   . ARG A 1 88  ? 1.124   -21.418 -7.310  1.00 69.53  ? 325 ARG A C   1 
ATOM   686  O  O   . ARG A 1 88  ? 0.759   -22.177 -6.408  1.00 68.97  ? 325 ARG A O   1 
ATOM   687  C  CB  . ARG A 1 88  ? 3.542   -22.041 -7.253  1.00 69.74  ? 325 ARG A CB  1 
ATOM   688  C  CG  . ARG A 1 88  ? 3.377   -23.071 -8.369  1.00 76.01  ? 325 ARG A CG  1 
ATOM   689  C  CD  . ARG A 1 88  ? 4.302   -24.278 -8.199  1.00 79.38  ? 325 ARG A CD  1 
ATOM   690  N  NE  . ARG A 1 88  ? 5.426   -24.256 -9.130  1.00 83.86  ? 325 ARG A NE  1 
ATOM   691  C  CZ  . ARG A 1 88  ? 6.352   -23.299 -9.173  1.00 88.12  ? 325 ARG A CZ  1 
ATOM   692  N  NH1 . ARG A 1 88  ? 7.335   -23.370 -10.062 1.00 90.17  ? 325 ARG A NH1 1 
ATOM   693  N  NH2 . ARG A 1 88  ? 6.307   -22.272 -8.330  1.00 88.15  ? 325 ARG A NH2 1 
ATOM   694  N  N   . VAL A 1 89  ? 0.321   -21.005 -8.287  1.00 73.45  ? 326 VAL A N   1 
ATOM   695  C  CA  . VAL A 1 89  ? -1.082  -21.407 -8.378  1.00 77.42  ? 326 VAL A CA  1 
ATOM   696  C  C   . VAL A 1 89  ? -1.406  -22.249 -9.604  1.00 79.44  ? 326 VAL A C   1 
ATOM   697  O  O   . VAL A 1 89  ? -0.950  -21.969 -10.713 1.00 79.21  ? 326 VAL A O   1 
ATOM   698  C  CB  . VAL A 1 89  ? -2.005  -20.183 -8.423  1.00 78.16  ? 326 VAL A CB  1 
ATOM   699  C  CG1 . VAL A 1 89  ? -3.463  -20.623 -8.425  1.00 80.60  ? 326 VAL A CG1 1 
ATOM   700  C  CG2 . VAL A 1 89  ? -1.720  -19.290 -7.252  1.00 80.49  ? 326 VAL A CG2 1 
ATOM   701  N  N   . ASN A 1 90  ? -2.223  -23.271 -9.392  1.00 82.66  ? 327 ASN A N   1 
ATOM   702  C  CA  . ASN A 1 90  ? -2.637  -24.163 -10.464 1.00 85.26  ? 327 ASN A CA  1 
ATOM   703  C  C   . ASN A 1 90  ? -4.096  -24.546 -10.239 1.00 86.07  ? 327 ASN A C   1 
ATOM   704  O  O   . ASN A 1 90  ? -4.736  -24.084 -9.287  1.00 85.82  ? 327 ASN A O   1 
ATOM   705  C  CB  . ASN A 1 90  ? -1.751  -25.426 -10.471 1.00 86.71  ? 327 ASN A CB  1 
ATOM   706  C  CG  . ASN A 1 90  ? -2.099  -26.394 -11.599 1.00 88.80  ? 327 ASN A CG  1 
ATOM   707  O  OD1 . ASN A 1 90  ? -1.987  -26.060 -12.791 1.00 88.62  ? 327 ASN A OD1 1 
ATOM   708  N  ND2 . ASN A 1 90  ? -2.528  -27.606 -11.228 1.00 89.29  ? 327 ASN A ND2 1 
ATOM   709  N  N   . SER A 1 91  ? -4.608  -25.376 -11.140 1.00 87.91  ? 328 SER A N   1 
ATOM   710  C  CA  . SER A 1 91  ? -5.969  -25.888 -11.091 1.00 87.83  ? 328 SER A CA  1 
ATOM   711  C  C   . SER A 1 91  ? -6.217  -26.575 -12.415 1.00 88.88  ? 328 SER A C   1 
ATOM   712  O  O   . SER A 1 91  ? -5.302  -26.710 -13.231 1.00 88.53  ? 328 SER A O   1 
ATOM   713  C  CB  . SER A 1 91  ? -6.989  -24.770 -10.897 1.00 87.38  ? 328 SER A CB  1 
ATOM   714  O  OG  . SER A 1 91  ? -8.255  -25.318 -10.574 1.00 87.02  ? 328 SER A OG  1 
ATOM   715  N  N   . ALA A 1 92  ? -7.454  -27.005 -12.630 1.00 90.51  ? 329 ALA A N   1 
ATOM   716  C  CA  . ALA A 1 92  ? -7.811  -27.683 -13.863 1.00 92.23  ? 329 ALA A CA  1 
ATOM   717  C  C   . ALA A 1 92  ? -7.788  -26.729 -15.061 1.00 93.95  ? 329 ALA A C   1 
ATOM   718  O  O   . ALA A 1 92  ? -7.225  -27.063 -16.109 1.00 93.76  ? 329 ALA A O   1 
ATOM   719  C  CB  . ALA A 1 92  ? -9.188  -28.323 -13.721 1.00 92.05  ? 329 ALA A CB  1 
ATOM   720  N  N   . ALA A 1 93  ? -8.380  -25.544 -14.890 1.00 94.73  ? 330 ALA A N   1 
ATOM   721  C  CA  . ALA A 1 93  ? -8.459  -24.526 -15.950 1.00 94.13  ? 330 ALA A CA  1 
ATOM   722  C  C   . ALA A 1 93  ? -7.111  -23.932 -16.370 1.00 93.96  ? 330 ALA A C   1 
ATOM   723  O  O   . ALA A 1 93  ? -7.059  -22.937 -17.095 1.00 92.68  ? 330 ALA A O   1 
ATOM   724  C  CB  . ALA A 1 93  ? -9.407  -23.405 -15.518 1.00 93.11  ? 330 ALA A CB  1 
ATOM   725  N  N   . PHE A 1 94  ? -6.024  -24.541 -15.909 1.00 95.44  ? 331 PHE A N   1 
ATOM   726  C  CA  . PHE A 1 94  ? -4.687  -24.072 -16.252 1.00 96.94  ? 331 PHE A CA  1 
ATOM   727  C  C   . PHE A 1 94  ? -3.790  -25.206 -16.758 1.00 96.46  ? 331 PHE A C   1 
ATOM   728  O  O   . PHE A 1 94  ? -3.558  -26.200 -16.054 1.00 96.34  ? 331 PHE A O   1 
ATOM   729  C  CB  . PHE A 1 94  ? -4.026  -23.385 -15.047 1.00 99.13  ? 331 PHE A CB  1 
ATOM   730  C  CG  . PHE A 1 94  ? -4.644  -22.055 -14.689 1.00 102.77 ? 331 PHE A CG  1 
ATOM   731  C  CD1 . PHE A 1 94  ? -5.552  -21.949 -13.628 1.00 103.28 ? 331 PHE A CD1 1 
ATOM   732  C  CD2 . PHE A 1 94  ? -4.341  -20.910 -15.432 1.00 103.99 ? 331 PHE A CD2 1 
ATOM   733  C  CE1 . PHE A 1 94  ? -6.152  -20.725 -13.313 1.00 102.85 ? 331 PHE A CE1 1 
ATOM   734  C  CE2 . PHE A 1 94  ? -4.936  -19.677 -15.127 1.00 104.72 ? 331 PHE A CE2 1 
ATOM   735  C  CZ  . PHE A 1 94  ? -5.843  -19.587 -14.064 1.00 104.05 ? 331 PHE A CZ  1 
ATOM   736  N  N   . PRO A 1 95  ? -3.281  -25.071 -17.999 1.00 95.57  ? 332 PRO A N   1 
ATOM   737  C  CA  . PRO A 1 95  ? -2.403  -26.083 -18.602 1.00 93.80  ? 332 PRO A CA  1 
ATOM   738  C  C   . PRO A 1 95  ? -1.266  -26.396 -17.626 1.00 91.81  ? 332 PRO A C   1 
ATOM   739  O  O   . PRO A 1 95  ? -1.096  -27.538 -17.183 1.00 92.50  ? 332 PRO A O   1 
ATOM   740  C  CB  . PRO A 1 95  ? -1.901  -25.388 -19.869 1.00 94.60  ? 332 PRO A CB  1 
ATOM   741  C  CG  . PRO A 1 95  ? -3.049  -24.491 -20.240 1.00 94.63  ? 332 PRO A CG  1 
ATOM   742  C  CD  . PRO A 1 95  ? -3.447  -23.915 -18.902 1.00 95.79  ? 332 PRO A CD  1 
ATOM   743  N  N   . ALA A 1 96  ? -0.505  -25.352 -17.298 1.00 88.21  ? 333 ALA A N   1 
ATOM   744  C  CA  . ALA A 1 96  ? 0.614   -25.430 -16.361 1.00 82.72  ? 333 ALA A CA  1 
ATOM   745  C  C   . ALA A 1 96  ? 0.348   -24.408 -15.256 1.00 78.51  ? 333 ALA A C   1 
ATOM   746  O  O   . ALA A 1 96  ? -0.470  -23.500 -15.419 1.00 76.53  ? 333 ALA A O   1 
ATOM   747  C  CB  . ALA A 1 96  ? 1.922   -25.108 -17.074 1.00 81.80  ? 333 ALA A CB  1 
ATOM   748  N  N   . PRO A 1 97  ? 1.038   -24.534 -14.118 1.00 73.81  ? 334 PRO A N   1 
ATOM   749  C  CA  . PRO A 1 97  ? 0.774   -23.556 -13.071 1.00 71.81  ? 334 PRO A CA  1 
ATOM   750  C  C   . PRO A 1 97  ? 1.459   -22.223 -13.351 1.00 71.06  ? 334 PRO A C   1 
ATOM   751  O  O   . PRO A 1 97  ? 2.514   -22.167 -14.007 1.00 70.59  ? 334 PRO A O   1 
ATOM   752  C  CB  . PRO A 1 97  ? 1.314   -24.248 -11.826 1.00 69.03  ? 334 PRO A CB  1 
ATOM   753  C  CG  . PRO A 1 97  ? 2.512   -24.901 -12.343 1.00 70.36  ? 334 PRO A CG  1 
ATOM   754  C  CD  . PRO A 1 97  ? 2.027   -25.518 -13.658 1.00 72.53  ? 334 PRO A CD  1 
ATOM   755  N  N   . ILE A 1 98  ? 0.829   -21.154 -12.862 1.00 68.75  ? 335 ILE A N   1 
ATOM   756  C  CA  . ILE A 1 98  ? 1.351   -19.807 -13.002 1.00 67.09  ? 335 ILE A CA  1 
ATOM   757  C  C   . ILE A 1 98  ? 2.122   -19.493 -11.728 1.00 65.50  ? 335 ILE A C   1 
ATOM   758  O  O   . ILE A 1 98  ? 1.700   -19.819 -10.614 1.00 64.11  ? 335 ILE A O   1 
ATOM   759  C  CB  . ILE A 1 98  ? 0.224   -18.770 -13.165 1.00 68.26  ? 335 ILE A CB  1 
ATOM   760  C  CG1 . ILE A 1 98  ? -0.504  -18.995 -14.494 1.00 70.12  ? 335 ILE A CG1 1 
ATOM   761  C  CG2 . ILE A 1 98  ? 0.796   -17.370 -13.086 1.00 67.13  ? 335 ILE A CG2 1 
ATOM   762  C  CD1 . ILE A 1 98  ? -1.702  -18.060 -14.717 1.00 69.50  ? 335 ILE A CD1 1 
ATOM   763  N  N   . GLU A 1 99  ? 3.264   -18.852 -11.900 1.00 63.36  ? 336 GLU A N   1 
ATOM   764  C  CA  . GLU A 1 99  ? 4.106   -18.509 -10.776 1.00 58.48  ? 336 GLU A CA  1 
ATOM   765  C  C   . GLU A 1 99  ? 4.300   -17.008 -10.689 1.00 54.71  ? 336 GLU A C   1 
ATOM   766  O  O   . GLU A 1 99  ? 4.595   -16.357 -11.676 1.00 55.38  ? 336 GLU A O   1 
ATOM   767  C  CB  . GLU A 1 99  ? 5.428   -19.234 -10.939 1.00 56.60  ? 336 GLU A CB  1 
ATOM   768  C  CG  . GLU A 1 99  ? 6.573   -18.654 -10.189 1.00 60.78  ? 336 GLU A CG  1 
ATOM   769  C  CD  . GLU A 1 99  ? 7.695   -19.658 -10.075 1.00 63.90  ? 336 GLU A CD  1 
ATOM   770  O  OE1 . GLU A 1 99  ? 8.843   -19.254 -9.801  1.00 63.64  ? 336 GLU A OE1 1 
ATOM   771  O  OE2 . GLU A 1 99  ? 7.410   -20.864 -10.254 1.00 64.78  ? 336 GLU A OE2 1 
ATOM   772  N  N   . LYS A 1 100 ? 4.117   -16.457 -9.499  1.00 53.22  ? 337 LYS A N   1 
ATOM   773  C  CA  . LYS A 1 100 ? 4.273   -15.020 -9.301  1.00 49.90  ? 337 LYS A CA  1 
ATOM   774  C  C   . LYS A 1 100 ? 5.280   -14.712 -8.213  1.00 46.21  ? 337 LYS A C   1 
ATOM   775  O  O   . LYS A 1 100 ? 5.325   -15.373 -7.190  1.00 46.63  ? 337 LYS A O   1 
ATOM   776  C  CB  . LYS A 1 100 ? 2.921   -14.389 -8.967  1.00 52.07  ? 337 LYS A CB  1 
ATOM   777  C  CG  . LYS A 1 100 ? 2.001   -14.252 -10.176 1.00 53.80  ? 337 LYS A CG  1 
ATOM   778  C  CD  . LYS A 1 100 ? 2.591   -13.241 -11.148 1.00 52.76  ? 337 LYS A CD  1 
ATOM   779  C  CE  . LYS A 1 100 ? 1.790   -13.136 -12.405 1.00 53.25  ? 337 LYS A CE  1 
ATOM   780  N  NZ  . LYS A 1 100 ? 2.444   -12.194 -13.346 1.00 53.85  ? 337 LYS A NZ  1 
ATOM   781  N  N   . THR A 1 101 ? 6.077   -13.681 -8.432  1.00 43.78  ? 338 THR A N   1 
ATOM   782  C  CA  . THR A 1 101 ? 7.107   -13.312 -7.483  1.00 41.08  ? 338 THR A CA  1 
ATOM   783  C  C   . THR A 1 101 ? 7.066   -11.842 -7.107  1.00 40.01  ? 338 THR A C   1 
ATOM   784  O  O   . THR A 1 101 ? 6.704   -10.990 -7.915  1.00 39.23  ? 338 THR A O   1 
ATOM   785  C  CB  . THR A 1 101 ? 8.494   -13.607 -8.075  1.00 41.53  ? 338 THR A CB  1 
ATOM   786  O  OG1 . THR A 1 101 ? 8.516   -14.948 -8.567  1.00 47.46  ? 338 THR A OG1 1 
ATOM   787  C  CG2 . THR A 1 101 ? 9.571   -13.474 -7.024  1.00 46.21  ? 338 THR A CG2 1 
ATOM   788  N  N   . ILE A 1 102 ? 7.438   -11.555 -5.868  1.00 38.47  ? 339 ILE A N   1 
ATOM   789  C  CA  . ILE A 1 102 ? 7.509   -10.189 -5.384  1.00 34.31  ? 339 ILE A CA  1 
ATOM   790  C  C   . ILE A 1 102 ? 8.469   -10.106 -4.180  1.00 38.17  ? 339 ILE A C   1 
ATOM   791  O  O   . ILE A 1 102 ? 8.630   -11.076 -3.419  1.00 36.72  ? 339 ILE A O   1 
ATOM   792  C  CB  . ILE A 1 102 ? 6.154   -9.657  -4.964  1.00 30.56  ? 339 ILE A CB  1 
ATOM   793  C  CG1 . ILE A 1 102 ? 6.248   -8.138  -4.809  1.00 27.88  ? 339 ILE A CG1 1 
ATOM   794  C  CG2 . ILE A 1 102 ? 5.730   -10.273 -3.660  1.00 26.23  ? 339 ILE A CG2 1 
ATOM   795  C  CD1 . ILE A 1 102 ? 4.942   -7.433  -5.126  1.00 26.19  ? 339 ILE A CD1 1 
ATOM   796  N  N   . SER A 1 103 ? 9.102   -8.943  -4.024  1.00 33.75  ? 340 SER A N   1 
ATOM   797  C  CA  . SER A 1 103 ? 10.039  -8.723  -2.947  1.00 37.07  ? 340 SER A CA  1 
ATOM   798  C  C   . SER A 1 103 ? 10.393  -7.260  -2.969  1.00 35.69  ? 340 SER A C   1 
ATOM   799  O  O   . SER A 1 103 ? 10.325  -6.631  -4.014  1.00 33.63  ? 340 SER A O   1 
ATOM   800  C  CB  . SER A 1 103 ? 11.316  -9.566  -3.159  1.00 39.82  ? 340 SER A CB  1 
ATOM   801  O  OG  . SER A 1 103 ? 12.061  -9.119  -4.283  1.00 37.27  ? 340 SER A OG  1 
ATOM   802  N  N   . LYS A 1 104 ? 10.767  -6.722  -1.815  1.00 38.64  ? 341 LYS A N   1 
ATOM   803  C  CA  . LYS A 1 104 ? 11.172  -5.313  -1.701  1.00 37.95  ? 341 LYS A CA  1 
ATOM   804  C  C   . LYS A 1 104 ? 12.107  -4.903  -2.872  1.00 36.83  ? 341 LYS A C   1 
ATOM   805  O  O   . LYS A 1 104 ? 12.899  -5.703  -3.363  1.00 35.43  ? 341 LYS A O   1 
ATOM   806  C  CB  . LYS A 1 104 ? 11.871  -5.127  -0.356  1.00 37.96  ? 341 LYS A CB  1 
ATOM   807  C  CG  . LYS A 1 104 ? 12.501  -3.776  -0.105  1.00 46.20  ? 341 LYS A CG  1 
ATOM   808  C  CD  . LYS A 1 104 ? 13.182  -3.755  1.273   1.00 48.72  ? 341 LYS A CD  1 
ATOM   809  C  CE  . LYS A 1 104 ? 13.958  -2.467  1.509   1.00 53.99  ? 341 LYS A CE  1 
ATOM   810  N  NZ  . LYS A 1 104 ? 14.686  -2.448  2.821   1.00 58.15  ? 341 LYS A NZ  1 
ATOM   811  N  N   . THR A 1 105 ? 11.965  -3.663  -3.335  1.00 37.35  ? 342 THR A N   1 
ATOM   812  C  CA  . THR A 1 105 ? 12.783  -3.110  -4.414  1.00 35.17  ? 342 THR A CA  1 
ATOM   813  C  C   . THR A 1 105 ? 14.140  -2.926  -3.776  1.00 34.76  ? 342 THR A C   1 
ATOM   814  O  O   . THR A 1 105 ? 14.211  -2.416  -2.662  1.00 32.37  ? 342 THR A O   1 
ATOM   815  C  CB  . THR A 1 105 ? 12.248  -1.745  -4.849  1.00 33.53  ? 342 THR A CB  1 
ATOM   816  O  OG1 . THR A 1 105 ? 10.922  -1.907  -5.362  1.00 35.76  ? 342 THR A OG1 1 
ATOM   817  C  CG2 . THR A 1 105 ? 13.128  -1.148  -5.906  1.00 26.47  ? 342 THR A CG2 1 
ATOM   818  N  N   . LYS A 1 106 ? 15.206  -3.324  -4.463  1.00 34.28  ? 343 LYS A N   1 
ATOM   819  C  CA  . LYS A 1 106 ? 16.542  -3.241  -3.867  1.00 39.25  ? 343 LYS A CA  1 
ATOM   820  C  C   . LYS A 1 106 ? 17.327  -1.946  -4.110  1.00 42.18  ? 343 LYS A C   1 
ATOM   821  O  O   . LYS A 1 106 ? 17.352  -1.411  -5.230  1.00 40.31  ? 343 LYS A O   1 
ATOM   822  C  CB  . LYS A 1 106 ? 17.408  -4.432  -4.323  1.00 35.79  ? 343 LYS A CB  1 
ATOM   823  C  CG  . LYS A 1 106 ? 16.730  -5.786  -4.333  1.00 31.01  ? 343 LYS A CG  1 
ATOM   824  C  CD  . LYS A 1 106 ? 16.453  -6.322  -2.957  1.00 31.17  ? 343 LYS A CD  1 
ATOM   825  C  CE  . LYS A 1 106 ? 15.778  -7.686  -3.057  1.00 34.18  ? 343 LYS A CE  1 
ATOM   826  N  NZ  . LYS A 1 106 ? 14.511  -7.680  -3.888  1.00 29.51  ? 343 LYS A NZ  1 
ATOM   827  N  N   . GLY A 1 107 ? 17.989  -1.479  -3.045  1.00 42.54  ? 344 GLY A N   1 
ATOM   828  C  CA  . GLY A 1 107 ? 18.797  -0.273  -3.095  1.00 39.83  ? 344 GLY A CA  1 
ATOM   829  C  C   . GLY A 1 107 ? 18.873  0.401   -1.735  1.00 42.37  ? 344 GLY A C   1 
ATOM   830  O  O   . GLY A 1 107 ? 18.152  0.051   -0.797  1.00 39.45  ? 344 GLY A O   1 
ATOM   831  N  N   . ARG A 1 108 ? 19.750  1.380   -1.603  1.00 43.85  ? 345 ARG A N   1 
ATOM   832  C  CA  . ARG A 1 108 ? 19.853  2.056   -0.326  1.00 44.23  ? 345 ARG A CA  1 
ATOM   833  C  C   . ARG A 1 108 ? 18.571  2.824   -0.032  1.00 42.75  ? 345 ARG A C   1 
ATOM   834  O  O   . ARG A 1 108 ? 18.062  3.577   -0.863  1.00 38.14  ? 345 ARG A O   1 
ATOM   835  C  CB  . ARG A 1 108 ? 21.040  3.013   -0.329  1.00 49.77  ? 345 ARG A CB  1 
ATOM   836  C  CG  . ARG A 1 108 ? 21.257  3.755   0.998   1.00 59.14  ? 345 ARG A CG  1 
ATOM   837  C  CD  . ARG A 1 108 ? 22.359  4.819   0.842   1.00 64.65  ? 345 ARG A CD  1 
ATOM   838  N  NE  . ARG A 1 108 ? 22.653  5.534   2.081   1.00 69.44  ? 345 ARG A NE  1 
ATOM   839  C  CZ  . ARG A 1 108 ? 23.532  6.528   2.172   1.00 75.05  ? 345 ARG A CZ  1 
ATOM   840  N  NH1 . ARG A 1 108 ? 24.194  6.920   1.090   1.00 78.75  ? 345 ARG A NH1 1 
ATOM   841  N  NH2 . ARG A 1 108 ? 23.763  7.131   3.338   1.00 74.85  ? 345 ARG A NH2 1 
ATOM   842  N  N   . PRO A 1 109 ? 18.002  2.616   1.149   1.00 42.52  ? 346 PRO A N   1 
ATOM   843  C  CA  . PRO A 1 109 ? 16.783  3.385   1.385   1.00 42.31  ? 346 PRO A CA  1 
ATOM   844  C  C   . PRO A 1 109 ? 17.118  4.879   1.455   1.00 44.78  ? 346 PRO A C   1 
ATOM   845  O  O   . PRO A 1 109 ? 18.235  5.262   1.803   1.00 47.94  ? 346 PRO A O   1 
ATOM   846  C  CB  . PRO A 1 109 ? 16.278  2.826   2.704   1.00 40.56  ? 346 PRO A CB  1 
ATOM   847  C  CG  . PRO A 1 109 ? 16.665  1.377   2.608   1.00 41.93  ? 346 PRO A CG  1 
ATOM   848  C  CD  . PRO A 1 109 ? 18.090  1.460   2.055   1.00 41.46  ? 346 PRO A CD  1 
ATOM   849  N  N   . LYS A 1 110 ? 16.149  5.708   1.097   1.00 44.23  ? 347 LYS A N   1 
ATOM   850  C  CA  . LYS A 1 110 ? 16.305  7.142   1.108   1.00 43.20  ? 347 LYS A CA  1 
ATOM   851  C  C   . LYS A 1 110 ? 15.106  7.696   1.875   1.00 43.07  ? 347 LYS A C   1 
ATOM   852  O  O   . LYS A 1 110 ? 13.994  7.227   1.715   1.00 43.49  ? 347 LYS A O   1 
ATOM   853  C  CB  . LYS A 1 110 ? 16.328  7.662   -0.327  1.00 45.11  ? 347 LYS A CB  1 
ATOM   854  C  CG  . LYS A 1 110 ? 17.500  7.140   -1.147  1.00 51.06  ? 347 LYS A CG  1 
ATOM   855  C  CD  . LYS A 1 110 ? 17.522  7.735   -2.554  1.00 55.24  ? 347 LYS A CD  1 
ATOM   856  C  CE  . LYS A 1 110 ? 18.582  7.066   -3.449  1.00 60.25  ? 347 LYS A CE  1 
ATOM   857  N  NZ  . LYS A 1 110 ? 18.368  7.268   -4.937  1.00 60.10  ? 347 LYS A NZ  1 
ATOM   858  N  N   . ALA A 1 111 ? 15.334  8.684   2.721   1.00 42.48  ? 348 ALA A N   1 
ATOM   859  C  CA  . ALA A 1 111 ? 14.264  9.253   3.511   1.00 41.70  ? 348 ALA A CA  1 
ATOM   860  C  C   . ALA A 1 111 ? 13.457  10.239  2.707   1.00 42.51  ? 348 ALA A C   1 
ATOM   861  O  O   . ALA A 1 111 ? 13.994  11.003  1.923   1.00 44.22  ? 348 ALA A O   1 
ATOM   862  C  CB  . ALA A 1 111 ? 14.834  9.946   4.711   1.00 43.07  ? 348 ALA A CB  1 
ATOM   863  N  N   . PRO A 1 112 ? 12.141  10.207  2.867   1.00 41.91  ? 349 PRO A N   1 
ATOM   864  C  CA  . PRO A 1 112 ? 11.339  11.156  2.112   1.00 43.23  ? 349 PRO A CA  1 
ATOM   865  C  C   . PRO A 1 112 ? 11.309  12.526  2.780   1.00 42.88  ? 349 PRO A C   1 
ATOM   866  O  O   . PRO A 1 112 ? 11.445  12.627  3.989   1.00 44.69  ? 349 PRO A O   1 
ATOM   867  C  CB  . PRO A 1 112 ? 9.961   10.502  2.092   1.00 42.14  ? 349 PRO A CB  1 
ATOM   868  C  CG  . PRO A 1 112 ? 9.939   9.736   3.333   1.00 40.69  ? 349 PRO A CG  1 
ATOM   869  C  CD  . PRO A 1 112 ? 11.303  9.103   3.357   1.00 40.44  ? 349 PRO A CD  1 
ATOM   870  N  N   . GLN A 1 113 ? 11.145  13.564  1.963   1.00 43.95  ? 350 GLN A N   1 
ATOM   871  C  CA  . GLN A 1 113 ? 11.032  14.950  2.401   1.00 43.22  ? 350 GLN A CA  1 
ATOM   872  C  C   . GLN A 1 113 ? 9.526   15.162  2.478   1.00 43.28  ? 350 GLN A C   1 
ATOM   873  O  O   . GLN A 1 113 ? 8.837   15.031  1.466   1.00 43.07  ? 350 GLN A O   1 
ATOM   874  C  CB  . GLN A 1 113 ? 11.599  15.887  1.333   1.00 48.65  ? 350 GLN A CB  1 
ATOM   875  C  CG  . GLN A 1 113 ? 13.054  16.352  1.508   1.00 55.26  ? 350 GLN A CG  1 
ATOM   876  C  CD  . GLN A 1 113 ? 14.021  15.227  1.780   1.00 57.84  ? 350 GLN A CD  1 
ATOM   877  O  OE1 . GLN A 1 113 ? 14.162  14.763  2.914   1.00 59.89  ? 350 GLN A OE1 1 
ATOM   878  N  NE2 . GLN A 1 113 ? 14.690  14.772  0.735   1.00 63.97  ? 350 GLN A NE2 1 
ATOM   879  N  N   . VAL A 1 114 ? 8.999   15.475  3.654   1.00 41.89  ? 351 VAL A N   1 
ATOM   880  C  CA  . VAL A 1 114 ? 7.558   15.682  3.773   1.00 41.72  ? 351 VAL A CA  1 
ATOM   881  C  C   . VAL A 1 114 ? 7.201   17.148  3.965   1.00 46.12  ? 351 VAL A C   1 
ATOM   882  O  O   . VAL A 1 114 ? 7.626   17.763  4.940   1.00 50.91  ? 351 VAL A O   1 
ATOM   883  C  CB  . VAL A 1 114 ? 6.983   14.880  4.959   1.00 36.96  ? 351 VAL A CB  1 
ATOM   884  C  CG1 . VAL A 1 114 ? 5.495   15.141  5.113   1.00 25.56  ? 351 VAL A CG1 1 
ATOM   885  C  CG2 . VAL A 1 114 ? 7.271   13.416  4.755   1.00 32.59  ? 351 VAL A CG2 1 
ATOM   886  N  N   . TYR A 1 115 ? 6.416   17.704  3.044   1.00 46.27  ? 352 TYR A N   1 
ATOM   887  C  CA  . TYR A 1 115 ? 6.012   19.101  3.141   1.00 44.39  ? 352 TYR A CA  1 
ATOM   888  C  C   . TYR A 1 115 ? 4.513   19.131  3.089   1.00 45.89  ? 352 TYR A C   1 
ATOM   889  O  O   . TYR A 1 115 ? 3.890   18.180  2.625   1.00 47.79  ? 352 TYR A O   1 
ATOM   890  C  CB  . TYR A 1 115 ? 6.524   19.921  1.963   1.00 40.71  ? 352 TYR A CB  1 
ATOM   891  C  CG  . TYR A 1 115 ? 7.986   19.762  1.654   1.00 41.47  ? 352 TYR A CG  1 
ATOM   892  C  CD1 . TYR A 1 115 ? 8.966   20.408  2.414   1.00 45.34  ? 352 TYR A CD1 1 
ATOM   893  C  CD2 . TYR A 1 115 ? 8.399   18.949  0.606   1.00 42.47  ? 352 TYR A CD2 1 
ATOM   894  C  CE1 . TYR A 1 115 ? 10.347  20.232  2.130   1.00 46.75  ? 352 TYR A CE1 1 
ATOM   895  C  CE2 . TYR A 1 115 ? 9.759   18.763  0.310   1.00 46.88  ? 352 TYR A CE2 1 
ATOM   896  C  CZ  . TYR A 1 115 ? 10.730  19.399  1.077   1.00 47.01  ? 352 TYR A CZ  1 
ATOM   897  O  OH  . TYR A 1 115 ? 12.067  19.147  0.812   1.00 46.59  ? 352 TYR A OH  1 
ATOM   898  N  N   . THR A 1 116 ? 3.935   20.218  3.586   1.00 49.04  ? 353 THR A N   1 
ATOM   899  C  CA  . THR A 1 116 ? 2.486   20.393  3.539   1.00 52.80  ? 353 THR A CA  1 
ATOM   900  C  C   . THR A 1 116 ? 2.150   21.681  2.778   1.00 50.32  ? 353 THR A C   1 
ATOM   901  O  O   . THR A 1 116 ? 2.948   22.625  2.696   1.00 47.74  ? 353 THR A O   1 
ATOM   902  C  CB  . THR A 1 116 ? 1.826   20.438  4.940   1.00 53.35  ? 353 THR A CB  1 
ATOM   903  O  OG1 . THR A 1 116 ? 2.306   21.574  5.662   1.00 62.07  ? 353 THR A OG1 1 
ATOM   904  C  CG2 . THR A 1 116 ? 2.144   19.180  5.714   1.00 55.17  ? 353 THR A CG2 1 
ATOM   905  N  N   . ILE A 1 117 ? 0.969   21.681  2.187   1.00 49.37  ? 354 ILE A N   1 
ATOM   906  C  CA  . ILE A 1 117 ? 0.521   22.804  1.423   1.00 50.41  ? 354 ILE A CA  1 
ATOM   907  C  C   . ILE A 1 117 ? -0.887  23.132  1.799   1.00 53.13  ? 354 ILE A C   1 
ATOM   908  O  O   . ILE A 1 117 ? -1.789  22.282  1.717   1.00 51.34  ? 354 ILE A O   1 
ATOM   909  C  CB  . ILE A 1 117 ? 0.555   22.527  -0.097  1.00 51.79  ? 354 ILE A CB  1 
ATOM   910  C  CG1 . ILE A 1 117 ? 1.862   23.047  -0.677  1.00 49.83  ? 354 ILE A CG1 1 
ATOM   911  C  CG2 . ILE A 1 117 ? -0.643  23.183  -0.800  1.00 50.80  ? 354 ILE A CG2 1 
ATOM   912  C  CD1 . ILE A 1 117 ? 3.060   22.256  -0.213  1.00 55.26  ? 354 ILE A CD1 1 
ATOM   913  N  N   . PRO A 1 118 ? -1.093  24.379  2.240   1.00 55.55  ? 355 PRO A N   1 
ATOM   914  C  CA  . PRO A 1 118 ? -2.407  24.889  2.636   1.00 56.08  ? 355 PRO A CA  1 
ATOM   915  C  C   . PRO A 1 118 ? -3.117  25.217  1.312   1.00 56.49  ? 355 PRO A C   1 
ATOM   916  O  O   . PRO A 1 118 ? -2.454  25.417  0.290   1.00 54.22  ? 355 PRO A O   1 
ATOM   917  C  CB  . PRO A 1 118 ? -2.049  26.137  3.435   1.00 54.71  ? 355 PRO A CB  1 
ATOM   918  C  CG  . PRO A 1 118 ? -0.821  26.651  2.720   1.00 54.29  ? 355 PRO A CG  1 
ATOM   919  C  CD  . PRO A 1 118 ? -0.030  25.379  2.480   1.00 54.45  ? 355 PRO A CD  1 
ATOM   920  N  N   . PRO A 1 119 ? -4.456  25.275  1.308   1.00 57.48  ? 356 PRO A N   1 
ATOM   921  C  CA  . PRO A 1 119 ? -5.221  25.582  0.099   1.00 57.99  ? 356 PRO A CA  1 
ATOM   922  C  C   . PRO A 1 119 ? -4.613  26.691  -0.762  1.00 61.86  ? 356 PRO A C   1 
ATOM   923  O  O   . PRO A 1 119 ? -4.136  27.712  -0.248  1.00 61.30  ? 356 PRO A O   1 
ATOM   924  C  CB  . PRO A 1 119 ? -6.569  25.977  0.655   1.00 56.82  ? 356 PRO A CB  1 
ATOM   925  C  CG  . PRO A 1 119 ? -6.711  25.059  1.811   1.00 56.72  ? 356 PRO A CG  1 
ATOM   926  C  CD  . PRO A 1 119 ? -5.354  25.176  2.469   1.00 59.84  ? 356 PRO A CD  1 
ATOM   927  N  N   . PRO A 1 120 ? -4.615  26.503  -2.092  1.00 64.21  ? 357 PRO A N   1 
ATOM   928  C  CA  . PRO A 1 120 ? -4.050  27.532  -2.965  1.00 65.38  ? 357 PRO A CA  1 
ATOM   929  C  C   . PRO A 1 120 ? -4.864  28.808  -2.807  1.00 65.70  ? 357 PRO A C   1 
ATOM   930  O  O   . PRO A 1 120 ? -6.068  28.755  -2.526  1.00 63.39  ? 357 PRO A O   1 
ATOM   931  C  CB  . PRO A 1 120 ? -4.191  26.920  -4.360  1.00 65.35  ? 357 PRO A CB  1 
ATOM   932  C  CG  . PRO A 1 120 ? -4.200  25.441  -4.094  1.00 65.01  ? 357 PRO A CG  1 
ATOM   933  C  CD  . PRO A 1 120 ? -5.091  25.357  -2.886  1.00 64.69  ? 357 PRO A CD  1 
ATOM   934  N  N   . LYS A 1 121 ? -4.198  29.943  -2.981  1.00 67.16  ? 358 LYS A N   1 
ATOM   935  C  CA  . LYS A 1 121 ? -4.836  31.248  -2.859  1.00 71.22  ? 358 LYS A CA  1 
ATOM   936  C  C   . LYS A 1 121 ? -6.207  31.268  -3.568  1.00 71.74  ? 358 LYS A C   1 
ATOM   937  O  O   . LYS A 1 121 ? -7.221  31.696  -2.997  1.00 71.73  ? 358 LYS A O   1 
ATOM   938  C  CB  . LYS A 1 121 ? -3.902  32.311  -3.460  1.00 74.44  ? 358 LYS A CB  1 
ATOM   939  C  CG  . LYS A 1 121 ? -4.185  33.751  -3.042  1.00 78.28  ? 358 LYS A CG  1 
ATOM   940  C  CD  . LYS A 1 121 ? -3.145  34.721  -3.622  1.00 80.06  ? 358 LYS A CD  1 
ATOM   941  C  CE  . LYS A 1 121 ? -3.389  36.162  -3.149  1.00 81.01  ? 358 LYS A CE  1 
ATOM   942  N  NZ  . LYS A 1 121 ? -2.422  37.145  -3.741  1.00 80.50  ? 358 LYS A NZ  1 
ATOM   943  N  N   . GLU A 1 122 ? -6.226  30.757  -4.800  1.00 71.21  ? 359 GLU A N   1 
ATOM   944  C  CA  . GLU A 1 122 ? -7.421  30.726  -5.640  1.00 69.58  ? 359 GLU A CA  1 
ATOM   945  C  C   . GLU A 1 122 ? -8.533  29.747  -5.277  1.00 68.19  ? 359 GLU A C   1 
ATOM   946  O  O   . GLU A 1 122 ? -9.617  29.809  -5.853  1.00 67.84  ? 359 GLU A O   1 
ATOM   947  C  CB  . GLU A 1 122 ? -7.013  30.490  -7.099  1.00 70.09  ? 359 GLU A CB  1 
ATOM   948  C  CG  . GLU A 1 122 ? -6.102  31.569  -7.668  1.00 71.29  ? 359 GLU A CG  1 
ATOM   949  C  CD  . GLU A 1 122 ? -4.636  31.405  -7.274  1.00 73.89  ? 359 GLU A CD  1 
ATOM   950  O  OE1 . GLU A 1 122 ? -4.351  30.758  -6.239  1.00 74.10  ? 359 GLU A OE1 1 
ATOM   951  O  OE2 . GLU A 1 122 ? -3.762  31.938  -8.004  1.00 72.43  ? 359 GLU A OE2 1 
ATOM   952  N  N   . GLN A 1 123 ? -8.291  28.847  -4.335  1.00 67.00  ? 360 GLN A N   1 
ATOM   953  C  CA  . GLN A 1 123 ? -9.331  27.891  -3.990  1.00 66.93  ? 360 GLN A CA  1 
ATOM   954  C  C   . GLN A 1 123 ? -10.107 28.346  -2.771  1.00 66.18  ? 360 GLN A C   1 
ATOM   955  O  O   . GLN A 1 123 ? -11.259 27.960  -2.567  1.00 64.04  ? 360 GLN A O   1 
ATOM   956  C  CB  . GLN A 1 123 ? -8.725  26.503  -3.739  1.00 67.03  ? 360 GLN A CB  1 
ATOM   957  C  CG  . GLN A 1 123 ? -9.765  25.427  -3.415  1.00 65.23  ? 360 GLN A CG  1 
ATOM   958  C  CD  . GLN A 1 123 ? -9.151  24.099  -2.996  1.00 65.90  ? 360 GLN A CD  1 
ATOM   959  O  OE1 . GLN A 1 123 ? -7.987  24.037  -2.609  1.00 66.09  ? 360 GLN A OE1 1 
ATOM   960  N  NE2 . GLN A 1 123 ? -9.947  23.032  -3.047  1.00 65.15  ? 360 GLN A NE2 1 
ATOM   961  N  N   . MET A 1 124 ? -9.471  29.187  -1.971  1.00 67.60  ? 361 MET A N   1 
ATOM   962  C  CA  . MET A 1 124 ? -10.090 29.683  -0.750  1.00 69.82  ? 361 MET A CA  1 
ATOM   963  C  C   . MET A 1 124 ? -11.512 30.203  -0.987  1.00 70.66  ? 361 MET A C   1 
ATOM   964  O  O   . MET A 1 124 ? -12.349 30.227  -0.078  1.00 68.47  ? 361 MET A O   1 
ATOM   965  C  CB  . MET A 1 124 ? -9.196  30.768  -0.135  1.00 69.97  ? 361 MET A CB  1 
ATOM   966  C  CG  . MET A 1 124 ? -7.790  30.271  0.273   1.00 71.14  ? 361 MET A CG  1 
ATOM   967  S  SD  . MET A 1 124 ? -7.634  29.373  1.888   1.00 73.32  ? 361 MET A SD  1 
ATOM   968  C  CE  . MET A 1 124 ? -9.328  28.606  2.115   1.00 67.87  ? 361 MET A CE  1 
ATOM   969  N  N   . ALA A 1 125 ? -11.781 30.595  -2.227  1.00 72.54  ? 362 ALA A N   1 
ATOM   970  C  CA  . ALA A 1 125 ? -13.084 31.120  -2.612  1.00 72.94  ? 362 ALA A CA  1 
ATOM   971  C  C   . ALA A 1 125 ? -14.179 30.064  -2.623  1.00 73.69  ? 362 ALA A C   1 
ATOM   972  O  O   . ALA A 1 125 ? -15.356 30.386  -2.796  1.00 74.78  ? 362 ALA A O   1 
ATOM   973  C  CB  . ALA A 1 125 ? -12.990 31.763  -3.990  1.00 72.26  ? 362 ALA A CB  1 
ATOM   974  N  N   . LYS A 1 126 ? -13.814 28.804  -2.434  1.00 74.14  ? 363 LYS A N   1 
ATOM   975  C  CA  . LYS A 1 126 ? -14.828 27.765  -2.478  1.00 75.61  ? 363 LYS A CA  1 
ATOM   976  C  C   . LYS A 1 126 ? -15.332 27.316  -1.101  1.00 75.68  ? 363 LYS A C   1 
ATOM   977  O  O   . LYS A 1 126 ? -14.834 27.756  -0.055  1.00 71.98  ? 363 LYS A O   1 
ATOM   978  C  CB  . LYS A 1 126 ? -14.301 26.557  -3.285  1.00 76.34  ? 363 LYS A CB  1 
ATOM   979  C  CG  . LYS A 1 126 ? -15.413 25.655  -3.866  1.00 76.25  ? 363 LYS A CG  1 
ATOM   980  C  CD  . LYS A 1 126 ? -14.885 24.403  -4.598  1.00 77.04  ? 363 LYS A CD  1 
ATOM   981  C  CE  . LYS A 1 126 ? -14.356 24.685  -6.021  1.00 76.82  ? 363 LYS A CE  1 
ATOM   982  N  NZ  . LYS A 1 126 ? -13.964 23.429  -6.771  1.00 71.29  ? 363 LYS A NZ  1 
ATOM   983  N  N   . ASP A 1 127 ? -16.353 26.462  -1.132  1.00 76.35  ? 364 ASP A N   1 
ATOM   984  C  CA  . ASP A 1 127 ? -16.957 25.886  0.063   1.00 77.36  ? 364 ASP A CA  1 
ATOM   985  C  C   . ASP A 1 127 ? -16.619 24.387  0.044   1.00 77.34  ? 364 ASP A C   1 
ATOM   986  O  O   . ASP A 1 127 ? -17.496 23.515  0.011   1.00 77.83  ? 364 ASP A O   1 
ATOM   987  C  CB  . ASP A 1 127 ? -18.482 26.100  0.069   1.00 77.57  ? 364 ASP A CB  1 
ATOM   988  C  CG  . ASP A 1 127 ? -18.885 27.541  0.418   1.00 78.64  ? 364 ASP A CG  1 
ATOM   989  O  OD1 . ASP A 1 127 ? -18.450 28.055  1.473   1.00 79.40  ? 364 ASP A OD1 1 
ATOM   990  O  OD2 . ASP A 1 127 ? -19.653 28.157  -0.355  1.00 77.21  ? 364 ASP A OD2 1 
ATOM   991  N  N   . LYS A 1 128 ? -15.316 24.119  0.044   1.00 75.29  ? 365 LYS A N   1 
ATOM   992  C  CA  . LYS A 1 128 ? -14.740 22.779  0.031   1.00 72.38  ? 365 LYS A CA  1 
ATOM   993  C  C   . LYS A 1 128 ? -13.317 22.999  -0.441  1.00 71.85  ? 365 LYS A C   1 
ATOM   994  O  O   . LYS A 1 128 ? -13.096 23.258  -1.627  1.00 72.26  ? 365 LYS A O   1 
ATOM   995  C  CB  . LYS A 1 128 ? -15.447 21.866  -0.964  1.00 72.39  ? 365 LYS A CB  1 
ATOM   996  C  CG  . LYS A 1 128 ? -14.836 20.468  -1.024  1.00 74.27  ? 365 LYS A CG  1 
ATOM   997  C  CD  . LYS A 1 128 ? -15.176 19.716  -2.322  1.00 72.84  ? 365 LYS A CD  1 
ATOM   998  C  CE  . LYS A 1 128 ? -14.430 20.293  -3.538  1.00 71.01  ? 365 LYS A CE  1 
ATOM   999  N  NZ  . LYS A 1 128 ? -12.936 20.279  -3.400  1.00 66.29  ? 365 LYS A NZ  1 
ATOM   1000 N  N   . VAL A 1 129 ? -12.353 22.932  0.473   1.00 69.76  ? 366 VAL A N   1 
ATOM   1001 C  CA  . VAL A 1 129 ? -10.964 23.133  0.080   1.00 67.19  ? 366 VAL A CA  1 
ATOM   1002 C  C   . VAL A 1 129 ? -10.145 21.857  0.219   1.00 64.51  ? 366 VAL A C   1 
ATOM   1003 O  O   . VAL A 1 129 ? -10.669 20.804  0.606   1.00 63.66  ? 366 VAL A O   1 
ATOM   1004 C  CB  . VAL A 1 129 ? -10.305 24.270  0.887   1.00 68.20  ? 366 VAL A CB  1 
ATOM   1005 C  CG1 . VAL A 1 129 ? -9.570  23.720  2.089   1.00 69.84  ? 366 VAL A CG1 1 
ATOM   1006 C  CG2 . VAL A 1 129 ? -9.370  25.045  0.002   1.00 68.83  ? 366 VAL A CG2 1 
ATOM   1007 N  N   . SER A 1 130 ? -8.857  21.950  -0.089  1.00 60.67  ? 367 SER A N   1 
ATOM   1008 C  CA  . SER A 1 130 ? -8.017  20.776  -0.018  1.00 58.65  ? 367 SER A CA  1 
ATOM   1009 C  C   . SER A 1 130 ? -6.593  21.044  0.441   1.00 60.21  ? 367 SER A C   1 
ATOM   1010 O  O   . SER A 1 130 ? -5.898  21.915  -0.111  1.00 58.55  ? 367 SER A O   1 
ATOM   1011 C  CB  . SER A 1 130 ? -7.984  20.106  -1.388  1.00 57.78  ? 367 SER A CB  1 
ATOM   1012 O  OG  . SER A 1 130 ? -9.299  19.850  -1.850  1.00 56.02  ? 367 SER A OG  1 
ATOM   1013 N  N   . LEU A 1 131 ? -6.162  20.282  1.453   1.00 60.20  ? 368 LEU A N   1 
ATOM   1014 C  CA  . LEU A 1 131 ? -4.802  20.396  1.980   1.00 57.20  ? 368 LEU A CA  1 
ATOM   1015 C  C   . LEU A 1 131 ? -3.958  19.365  1.248   1.00 53.32  ? 368 LEU A C   1 
ATOM   1016 O  O   . LEU A 1 131 ? -4.449  18.291  0.884   1.00 52.81  ? 368 LEU A O   1 
ATOM   1017 C  CB  . LEU A 1 131 ? -4.747  20.094  3.473   1.00 58.53  ? 368 LEU A CB  1 
ATOM   1018 C  CG  . LEU A 1 131 ? -5.771  20.734  4.384   1.00 62.73  ? 368 LEU A CG  1 
ATOM   1019 C  CD1 . LEU A 1 131 ? -7.104  19.984  4.267   1.00 61.73  ? 368 LEU A CD1 1 
ATOM   1020 C  CD2 . LEU A 1 131 ? -5.234  20.683  5.811   1.00 64.00  ? 368 LEU A CD2 1 
ATOM   1021 N  N   . THR A 1 132 ? -2.685  19.679  1.070   1.00 46.79  ? 369 THR A N   1 
ATOM   1022 C  CA  . THR A 1 132 ? -1.813  18.796  0.347   1.00 43.40  ? 369 THR A CA  1 
ATOM   1023 C  C   . THR A 1 132 ? -0.559  18.409  1.091   1.00 44.23  ? 369 THR A C   1 
ATOM   1024 O  O   . THR A 1 132 ? 0.093   19.259  1.710   1.00 43.73  ? 369 THR A O   1 
ATOM   1025 C  CB  . THR A 1 132 ? -1.382  19.456  -0.988  1.00 41.88  ? 369 THR A CB  1 
ATOM   1026 O  OG1 . THR A 1 132 ? -2.514  19.546  -1.850  1.00 43.92  ? 369 THR A OG1 1 
ATOM   1027 C  CG2 . THR A 1 132 ? -0.286  18.661  -1.670  1.00 38.60  ? 369 THR A CG2 1 
ATOM   1028 N  N   . CYS A 1 133 ? -0.216  17.123  1.017   1.00 40.31  ? 370 CYS A N   1 
ATOM   1029 C  CA  . CYS A 1 133 ? 1.024   16.639  1.615   1.00 36.59  ? 370 CYS A CA  1 
ATOM   1030 C  C   . CYS A 1 133 ? 1.877   16.175  0.438   1.00 35.39  ? 370 CYS A C   1 
ATOM   1031 O  O   . CYS A 1 133 ? 1.480   15.279  -0.331  1.00 28.64  ? 370 CYS A O   1 
ATOM   1032 C  CB  . CYS A 1 133 ? 0.770   15.480  2.571   1.00 35.96  ? 370 CYS A CB  1 
ATOM   1033 S  SG  . CYS A 1 133 ? 2.231   15.107  3.577   1.00 35.57  ? 370 CYS A SG  1 
ATOM   1034 N  N   . MET A 1 134 ? 3.041   16.804  0.306   1.00 34.62  ? 371 MET A N   1 
ATOM   1035 C  CA  . MET A 1 134 ? 3.956   16.540  -0.779  1.00 35.08  ? 371 MET A CA  1 
ATOM   1036 C  C   . MET A 1 134 ? 5.200   15.795  -0.329  1.00 36.79  ? 371 MET A C   1 
ATOM   1037 O  O   . MET A 1 134 ? 6.114   16.397  0.250   1.00 36.55  ? 371 MET A O   1 
ATOM   1038 C  CB  . MET A 1 134 ? 4.344   17.864  -1.428  1.00 36.68  ? 371 MET A CB  1 
ATOM   1039 C  CG  . MET A 1 134 ? 5.397   17.765  -2.534  1.00 40.47  ? 371 MET A CG  1 
ATOM   1040 S  SD  . MET A 1 134 ? 5.736   19.417  -3.182  1.00 42.08  ? 371 MET A SD  1 
ATOM   1041 C  CE  . MET A 1 134 ? 7.204   19.094  -4.147  1.00 43.89  ? 371 MET A CE  1 
ATOM   1042 N  N   . ILE A 1 135 ? 5.248   14.497  -0.639  1.00 32.62  ? 372 ILE A N   1 
ATOM   1043 C  CA  . ILE A 1 135 ? 6.359   13.658  -0.219  1.00 29.86  ? 372 ILE A CA  1 
ATOM   1044 C  C   . ILE A 1 135 ? 7.335   13.322  -1.335  1.00 28.31  ? 372 ILE A C   1 
ATOM   1045 O  O   . ILE A 1 135 ? 6.991   12.648  -2.301  1.00 27.55  ? 372 ILE A O   1 
ATOM   1046 C  CB  . ILE A 1 135 ? 5.830   12.367  0.442   1.00 31.64  ? 372 ILE A CB  1 
ATOM   1047 C  CG1 . ILE A 1 135 ? 4.988   12.701  1.677   1.00 33.81  ? 372 ILE A CG1 1 
ATOM   1048 C  CG2 . ILE A 1 135 ? 6.980   11.547  0.952   1.00 34.92  ? 372 ILE A CG2 1 
ATOM   1049 C  CD1 . ILE A 1 135 ? 3.568   13.014  1.435   1.00 32.12  ? 372 ILE A CD1 1 
ATOM   1050 N  N   . THR A 1 136 ? 8.577   13.755  -1.173  1.00 27.82  ? 373 THR A N   1 
ATOM   1051 C  CA  . THR A 1 136 ? 9.551   13.554  -2.213  1.00 32.16  ? 373 THR A CA  1 
ATOM   1052 C  C   . THR A 1 136 ? 10.828  12.877  -1.785  1.00 35.84  ? 373 THR A C   1 
ATOM   1053 O  O   . THR A 1 136 ? 11.085  12.724  -0.598  1.00 38.78  ? 373 THR A O   1 
ATOM   1054 C  CB  . THR A 1 136 ? 9.964   14.909  -2.845  1.00 36.57  ? 373 THR A CB  1 
ATOM   1055 O  OG1 . THR A 1 136 ? 11.087  15.463  -2.128  1.00 35.88  ? 373 THR A OG1 1 
ATOM   1056 C  CG2 . THR A 1 136 ? 8.801   15.912  -2.791  1.00 36.12  ? 373 THR A CG2 1 
ATOM   1057 N  N   . ASP A 1 137 ? 11.610  12.482  -2.790  1.00 36.91  ? 374 ASP A N   1 
ATOM   1058 C  CA  . ASP A 1 137 ? 12.919  11.873  -2.637  1.00 39.84  ? 374 ASP A CA  1 
ATOM   1059 C  C   . ASP A 1 137 ? 13.082  10.617  -1.807  1.00 40.90  ? 374 ASP A C   1 
ATOM   1060 O  O   . ASP A 1 137 ? 14.150  10.382  -1.251  1.00 40.60  ? 374 ASP A O   1 
ATOM   1061 C  CB  . ASP A 1 137 ? 13.877  12.960  -2.143  1.00 44.95  ? 374 ASP A CB  1 
ATOM   1062 C  CG  . ASP A 1 137 ? 13.977  14.108  -3.126  1.00 48.10  ? 374 ASP A CG  1 
ATOM   1063 O  OD1 . ASP A 1 137 ? 14.759  13.952  -4.098  1.00 45.35  ? 374 ASP A OD1 1 
ATOM   1064 O  OD2 . ASP A 1 137 ? 13.251  15.135  -2.952  1.00 47.93  ? 374 ASP A OD2 1 
ATOM   1065 N  N   . PHE A 1 138 ? 12.044  9.794   -1.732  1.00 43.33  ? 375 PHE A N   1 
ATOM   1066 C  CA  . PHE A 1 138 ? 12.145  8.567   -0.959  1.00 41.30  ? 375 PHE A CA  1 
ATOM   1067 C  C   . PHE A 1 138 ? 12.435  7.376   -1.852  1.00 40.96  ? 375 PHE A C   1 
ATOM   1068 O  O   . PHE A 1 138 ? 12.285  7.437   -3.081  1.00 43.91  ? 375 PHE A O   1 
ATOM   1069 C  CB  . PHE A 1 138 ? 10.886  8.341   -0.125  1.00 40.17  ? 375 PHE A CB  1 
ATOM   1070 C  CG  . PHE A 1 138 ? 9.615   8.194   -0.924  1.00 38.53  ? 375 PHE A CG  1 
ATOM   1071 C  CD1 . PHE A 1 138 ? 9.195   6.944   -1.368  1.00 39.60  ? 375 PHE A CD1 1 
ATOM   1072 C  CD2 . PHE A 1 138 ? 8.775   9.285   -1.121  1.00 40.39  ? 375 PHE A CD2 1 
ATOM   1073 C  CE1 . PHE A 1 138 ? 7.944   6.765   -1.983  1.00 40.32  ? 375 PHE A CE1 1 
ATOM   1074 C  CE2 . PHE A 1 138 ? 7.515   9.122   -1.742  1.00 43.93  ? 375 PHE A CE2 1 
ATOM   1075 C  CZ  . PHE A 1 138 ? 7.097   7.853   -2.171  1.00 39.55  ? 375 PHE A CZ  1 
ATOM   1076 N  N   . PHE A 1 139 ? 12.875  6.302   -1.220  1.00 39.08  ? 376 PHE A N   1 
ATOM   1077 C  CA  . PHE A 1 139 ? 13.247  5.074   -1.905  1.00 34.67  ? 376 PHE A CA  1 
ATOM   1078 C  C   . PHE A 1 139 ? 13.382  4.045   -0.813  1.00 33.49  ? 376 PHE A C   1 
ATOM   1079 O  O   . PHE A 1 139 ? 13.964  4.328   0.232   1.00 31.91  ? 376 PHE A O   1 
ATOM   1080 C  CB  . PHE A 1 139 ? 14.613  5.223   -2.569  1.00 32.75  ? 376 PHE A CB  1 
ATOM   1081 C  CG  . PHE A 1 139 ? 14.995  4.046   -3.399  1.00 31.95  ? 376 PHE A CG  1 
ATOM   1082 C  CD1 . PHE A 1 139 ? 14.659  3.997   -4.753  1.00 34.90  ? 376 PHE A CD1 1 
ATOM   1083 C  CD2 . PHE A 1 139 ? 15.590  2.941   -2.817  1.00 31.35  ? 376 PHE A CD2 1 
ATOM   1084 C  CE1 . PHE A 1 139 ? 14.903  2.865   -5.516  1.00 31.70  ? 376 PHE A CE1 1 
ATOM   1085 C  CE2 . PHE A 1 139 ? 15.843  1.792   -3.570  1.00 37.44  ? 376 PHE A CE2 1 
ATOM   1086 C  CZ  . PHE A 1 139 ? 15.493  1.762   -4.929  1.00 36.52  ? 376 PHE A CZ  1 
ATOM   1087 N  N   . PRO A 1 140 ? 12.833  2.847   -1.014  1.00 33.40  ? 377 PRO A N   1 
ATOM   1088 C  CA  . PRO A 1 140 ? 12.086  2.365   -2.179  1.00 33.98  ? 377 PRO A CA  1 
ATOM   1089 C  C   . PRO A 1 140 ? 10.686  2.976   -2.144  1.00 32.50  ? 377 PRO A C   1 
ATOM   1090 O  O   . PRO A 1 140 ? 10.403  3.778   -1.278  1.00 35.85  ? 377 PRO A O   1 
ATOM   1091 C  CB  . PRO A 1 140 ? 12.066  0.868   -1.960  1.00 36.88  ? 377 PRO A CB  1 
ATOM   1092 C  CG  . PRO A 1 140 ? 11.889  0.798   -0.445  1.00 40.34  ? 377 PRO A CG  1 
ATOM   1093 C  CD  . PRO A 1 140 ? 12.918  1.805   0.026   1.00 35.45  ? 377 PRO A CD  1 
ATOM   1094 N  N   . GLU A 1 141 ? 9.811   2.588   -3.057  1.00 28.75  ? 378 GLU A N   1 
ATOM   1095 C  CA  . GLU A 1 141 ? 8.482   3.180   -3.108  1.00 30.36  ? 378 GLU A CA  1 
ATOM   1096 C  C   . GLU A 1 141 ? 7.509   2.813   -2.001  1.00 29.73  ? 378 GLU A C   1 
ATOM   1097 O  O   . GLU A 1 141 ? 6.438   3.406   -1.925  1.00 31.08  ? 378 GLU A O   1 
ATOM   1098 C  CB  . GLU A 1 141 ? 7.792   2.867   -4.435  1.00 29.28  ? 378 GLU A CB  1 
ATOM   1099 C  CG  . GLU A 1 141 ? 8.583   2.000   -5.400  1.00 38.08  ? 378 GLU A CG  1 
ATOM   1100 C  CD  . GLU A 1 141 ? 8.998   0.609   -4.862  1.00 37.21  ? 378 GLU A CD  1 
ATOM   1101 O  OE1 . GLU A 1 141 ? 8.137   -0.283  -4.687  1.00 31.37  ? 378 GLU A OE1 1 
ATOM   1102 O  OE2 . GLU A 1 141 ? 10.214  0.423   -4.635  1.00 34.88  ? 378 GLU A OE2 1 
ATOM   1103 N  N   . ASP A 1 142 ? 7.841   1.863   -1.142  1.00 27.53  ? 379 ASP A N   1 
ATOM   1104 C  CA  . ASP A 1 142 ? 6.874   1.500   -0.118  1.00 29.39  ? 379 ASP A CA  1 
ATOM   1105 C  C   . ASP A 1 142 ? 6.724   2.590   0.906   1.00 29.86  ? 379 ASP A C   1 
ATOM   1106 O  O   . ASP A 1 142 ? 7.677   2.956   1.579   1.00 32.13  ? 379 ASP A O   1 
ATOM   1107 C  CB  . ASP A 1 142 ? 7.257   0.194   0.563   1.00 31.53  ? 379 ASP A CB  1 
ATOM   1108 C  CG  . ASP A 1 142 ? 7.423   -0.939  -0.424  1.00 38.36  ? 379 ASP A CG  1 
ATOM   1109 O  OD1 . ASP A 1 142 ? 8.510   -1.038  -1.040  1.00 42.87  ? 379 ASP A OD1 1 
ATOM   1110 O  OD2 . ASP A 1 142 ? 6.460   -1.718  -0.595  1.00 41.91  ? 379 ASP A OD2 1 
ATOM   1111 N  N   . ILE A 1 143 ? 5.506   3.096   1.034   1.00 29.97  ? 380 ILE A N   1 
ATOM   1112 C  CA  . ILE A 1 143 ? 5.228   4.172   1.965   1.00 29.93  ? 380 ILE A CA  1 
ATOM   1113 C  C   . ILE A 1 143 ? 3.733   4.251   2.350   1.00 32.20  ? 380 ILE A C   1 
ATOM   1114 O  O   . ILE A 1 143 ? 2.836   3.808   1.604   1.00 30.81  ? 380 ILE A O   1 
ATOM   1115 C  CB  . ILE A 1 143 ? 5.646   5.513   1.347   1.00 26.79  ? 380 ILE A CB  1 
ATOM   1116 C  CG1 . ILE A 1 143 ? 5.736   6.586   2.428   1.00 20.95  ? 380 ILE A CG1 1 
ATOM   1117 C  CG2 . ILE A 1 143 ? 4.631   5.911   0.252   1.00 25.74  ? 380 ILE A CG2 1 
ATOM   1118 C  CD1 . ILE A 1 143 ? 6.496   7.865   1.971   1.00 22.61  ? 380 ILE A CD1 1 
ATOM   1119 N  N   . THR A 1 144 ? 3.478   4.793   3.534   1.00 30.15  ? 381 THR A N   1 
ATOM   1120 C  CA  . THR A 1 144 ? 2.121   4.966   3.997   1.00 30.13  ? 381 THR A CA  1 
ATOM   1121 C  C   . THR A 1 144 ? 1.982   6.423   4.373   1.00 28.93  ? 381 THR A C   1 
ATOM   1122 O  O   . THR A 1 144 ? 2.820   6.980   5.093   1.00 25.57  ? 381 THR A O   1 
ATOM   1123 C  CB  . THR A 1 144 ? 1.804   4.103   5.226   1.00 33.08  ? 381 THR A CB  1 
ATOM   1124 O  OG1 . THR A 1 144 ? 1.859   2.715   4.865   1.00 39.48  ? 381 THR A OG1 1 
ATOM   1125 C  CG2 . THR A 1 144 ? 0.395   4.426   5.741   1.00 30.32  ? 381 THR A CG2 1 
ATOM   1126 N  N   . VAL A 1 145 ? 0.939   7.040   3.838   1.00 29.36  ? 382 VAL A N   1 
ATOM   1127 C  CA  . VAL A 1 145 ? 0.638   8.437   4.097   1.00 28.07  ? 382 VAL A CA  1 
ATOM   1128 C  C   . VAL A 1 145 ? -0.810  8.493   4.517   1.00 29.64  ? 382 VAL A C   1 
ATOM   1129 O  O   . VAL A 1 145 ? -1.680  7.987   3.814   1.00 24.79  ? 382 VAL A O   1 
ATOM   1130 C  CB  . VAL A 1 145 ? 0.762   9.321   2.820   1.00 27.76  ? 382 VAL A CB  1 
ATOM   1131 C  CG1 . VAL A 1 145 ? 0.381   10.771  3.158   1.00 20.73  ? 382 VAL A CG1 1 
ATOM   1132 C  CG2 . VAL A 1 145 ? 2.176   9.245   2.252   1.00 21.79  ? 382 VAL A CG2 1 
ATOM   1133 N  N   . GLU A 1 146 ? -1.062  9.119   5.657   1.00 34.48  ? 383 GLU A N   1 
ATOM   1134 C  CA  . GLU A 1 146 ? -2.420  9.271   6.169   1.00 42.88  ? 383 GLU A CA  1 
ATOM   1135 C  C   . GLU A 1 146 ? -2.578  10.649  6.784   1.00 46.23  ? 383 GLU A C   1 
ATOM   1136 O  O   . GLU A 1 146 ? -1.584  11.337  7.062   1.00 45.96  ? 383 GLU A O   1 
ATOM   1137 C  CB  . GLU A 1 146 ? -2.755  8.175   7.208   1.00 43.69  ? 383 GLU A CB  1 
ATOM   1138 C  CG  . GLU A 1 146 ? -1.600  7.744   8.102   1.00 48.89  ? 383 GLU A CG  1 
ATOM   1139 C  CD  . GLU A 1 146 ? -1.907  6.484   8.920   1.00 54.76  ? 383 GLU A CD  1 
ATOM   1140 O  OE1 . GLU A 1 146 ? -2.415  5.489   8.344   1.00 53.18  ? 383 GLU A OE1 1 
ATOM   1141 O  OE2 . GLU A 1 146 ? -1.625  6.487   10.140  1.00 56.36  ? 383 GLU A OE2 1 
ATOM   1142 N  N   . TRP A 1 147 ? -3.829  11.055  6.969   1.00 48.93  ? 384 TRP A N   1 
ATOM   1143 C  CA  . TRP A 1 147 ? -4.114  12.343  7.567   1.00 54.24  ? 384 TRP A CA  1 
ATOM   1144 C  C   . TRP A 1 147 ? -4.824  12.236  8.908   1.00 57.14  ? 384 TRP A C   1 
ATOM   1145 O  O   . TRP A 1 147 ? -5.661  11.356  9.133   1.00 54.56  ? 384 TRP A O   1 
ATOM   1146 C  CB  . TRP A 1 147 ? -4.973  13.198  6.635   1.00 53.69  ? 384 TRP A CB  1 
ATOM   1147 C  CG  . TRP A 1 147 ? -4.234  13.728  5.476   1.00 53.58  ? 384 TRP A CG  1 
ATOM   1148 C  CD1 . TRP A 1 147 ? -3.988  13.087  4.302   1.00 56.89  ? 384 TRP A CD1 1 
ATOM   1149 C  CD2 . TRP A 1 147 ? -3.606  15.001  5.380   1.00 52.47  ? 384 TRP A CD2 1 
ATOM   1150 N  NE1 . TRP A 1 147 ? -3.242  13.887  3.474   1.00 55.37  ? 384 TRP A NE1 1 
ATOM   1151 C  CE2 . TRP A 1 147 ? -2.994  15.070  4.114   1.00 54.01  ? 384 TRP A CE2 1 
ATOM   1152 C  CE3 . TRP A 1 147 ? -3.499  16.090  6.240   1.00 52.08  ? 384 TRP A CE3 1 
ATOM   1153 C  CZ2 . TRP A 1 147 ? -2.283  16.189  3.688   1.00 55.24  ? 384 TRP A CZ2 1 
ATOM   1154 C  CZ3 . TRP A 1 147 ? -2.792  17.201  5.818   1.00 53.52  ? 384 TRP A CZ3 1 
ATOM   1155 C  CH2 . TRP A 1 147 ? -2.193  17.242  4.554   1.00 53.73  ? 384 TRP A CH2 1 
ATOM   1156 N  N   . GLN A 1 148 ? -4.497  13.164  9.793   1.00 61.44  ? 385 GLN A N   1 
ATOM   1157 C  CA  . GLN A 1 148 ? -5.127  13.194  11.095  1.00 68.62  ? 385 GLN A CA  1 
ATOM   1158 C  C   . GLN A 1 148 ? -5.749  14.555  11.416  1.00 70.25  ? 385 GLN A C   1 
ATOM   1159 O  O   . GLN A 1 148 ? -5.068  15.585  11.417  1.00 67.83  ? 385 GLN A O   1 
ATOM   1160 C  CB  . GLN A 1 148 ? -4.108  12.797  12.163  1.00 70.91  ? 385 GLN A CB  1 
ATOM   1161 C  CG  . GLN A 1 148 ? -3.728  11.335  12.068  1.00 76.31  ? 385 GLN A CG  1 
ATOM   1162 C  CD  . GLN A 1 148 ? -2.384  11.029  12.703  1.00 78.74  ? 385 GLN A CD  1 
ATOM   1163 O  OE1 . GLN A 1 148 ? -2.142  11.358  13.865  1.00 80.98  ? 385 GLN A OE1 1 
ATOM   1164 N  NE2 . GLN A 1 148 ? -1.503  10.385  11.943  1.00 78.87  ? 385 GLN A NE2 1 
ATOM   1165 N  N   . TRP A 1 149 ? -7.060  14.531  11.657  1.00 73.56  ? 386 TRP A N   1 
ATOM   1166 C  CA  . TRP A 1 149 ? -7.834  15.717  12.027  1.00 77.82  ? 386 TRP A CA  1 
ATOM   1167 C  C   . TRP A 1 149 ? -7.604  15.820  13.531  1.00 79.12  ? 386 TRP A C   1 
ATOM   1168 O  O   . TRP A 1 149 ? -8.129  15.004  14.298  1.00 79.51  ? 386 TRP A O   1 
ATOM   1169 C  CB  . TRP A 1 149 ? -9.329  15.484  11.747  1.00 80.81  ? 386 TRP A CB  1 
ATOM   1170 C  CG  . TRP A 1 149 ? -10.238 16.659  12.032  1.00 85.87  ? 386 TRP A CG  1 
ATOM   1171 C  CD1 . TRP A 1 149 ? -10.276 17.848  11.361  1.00 88.08  ? 386 TRP A CD1 1 
ATOM   1172 C  CD2 . TRP A 1 149 ? -11.265 16.736  13.036  1.00 88.58  ? 386 TRP A CD2 1 
ATOM   1173 N  NE1 . TRP A 1 149 ? -11.264 18.656  11.876  1.00 89.71  ? 386 TRP A NE1 1 
ATOM   1174 C  CE2 . TRP A 1 149 ? -11.886 17.997  12.905  1.00 89.87  ? 386 TRP A CE2 1 
ATOM   1175 C  CE3 . TRP A 1 149 ? -11.721 15.860  14.034  1.00 89.60  ? 386 TRP A CE3 1 
ATOM   1176 C  CZ2 . TRP A 1 149 ? -12.944 18.407  13.736  1.00 89.94  ? 386 TRP A CZ2 1 
ATOM   1177 C  CZ3 . TRP A 1 149 ? -12.775 16.272  14.866  1.00 89.21  ? 386 TRP A CZ3 1 
ATOM   1178 C  CH2 . TRP A 1 149 ? -13.371 17.531  14.707  1.00 88.98  ? 386 TRP A CH2 1 
ATOM   1179 N  N   . ASN A 1 150 ? -6.814  16.803  13.952  1.00 79.18  ? 387 ASN A N   1 
ATOM   1180 C  CA  . ASN A 1 150 ? -6.504  16.967  15.368  1.00 80.35  ? 387 ASN A CA  1 
ATOM   1181 C  C   . ASN A 1 150 ? -5.636  15.786  15.777  1.00 81.18  ? 387 ASN A C   1 
ATOM   1182 O  O   . ASN A 1 150 ? -4.411  15.885  15.772  1.00 83.22  ? 387 ASN A O   1 
ATOM   1183 C  CB  . ASN A 1 150 ? -7.784  16.992  16.217  1.00 80.53  ? 387 ASN A CB  1 
ATOM   1184 C  CG  . ASN A 1 150 ? -8.609  18.249  15.994  1.00 80.82  ? 387 ASN A CG  1 
ATOM   1185 O  OD1 . ASN A 1 150 ? -8.093  19.367  16.113  1.00 80.02  ? 387 ASN A OD1 1 
ATOM   1186 N  ND2 . ASN A 1 150 ? -9.899  18.074  15.677  1.00 76.05  ? 387 ASN A ND2 1 
ATOM   1187 N  N   . GLY A 1 151 ? -6.263  14.666  16.121  1.00 80.07  ? 388 GLY A N   1 
ATOM   1188 C  CA  . GLY A 1 151 ? -5.497  13.497  16.506  1.00 80.28  ? 388 GLY A CA  1 
ATOM   1189 C  C   . GLY A 1 151 ? -6.227  12.227  16.137  1.00 80.63  ? 388 GLY A C   1 
ATOM   1190 O  O   . GLY A 1 151 ? -5.780  11.124  16.445  1.00 79.57  ? 388 GLY A O   1 
ATOM   1191 N  N   . GLN A 1 152 ? -7.359  12.385  15.464  1.00 80.46  ? 389 GLN A N   1 
ATOM   1192 C  CA  . GLN A 1 152 ? -8.169  11.248  15.064  1.00 80.76  ? 389 GLN A CA  1 
ATOM   1193 C  C   . GLN A 1 152 ? -8.022  10.999  13.569  1.00 81.03  ? 389 GLN A C   1 
ATOM   1194 O  O   . GLN A 1 152 ? -7.612  11.880  12.809  1.00 80.10  ? 389 GLN A O   1 
ATOM   1195 C  CB  . GLN A 1 152 ? -9.642  11.521  15.425  1.00 81.40  ? 389 GLN A CB  1 
ATOM   1196 C  CG  . GLN A 1 152 ? -10.650 10.381  15.188  1.00 83.14  ? 389 GLN A CG  1 
ATOM   1197 C  CD  . GLN A 1 152 ? -10.720 9.354   16.331  1.00 85.57  ? 389 GLN A CD  1 
ATOM   1198 O  OE1 . GLN A 1 152 ? -9.883  8.451   16.437  1.00 85.18  ? 389 GLN A OE1 1 
ATOM   1199 N  NE2 . GLN A 1 152 ? -11.728 9.499   17.190  1.00 86.25  ? 389 GLN A NE2 1 
ATOM   1200 N  N   . PRO A 1 153 ? -8.311  9.770   13.134  1.00 82.17  ? 390 PRO A N   1 
ATOM   1201 C  CA  . PRO A 1 153 ? -8.217  9.413   11.721  1.00 82.47  ? 390 PRO A CA  1 
ATOM   1202 C  C   . PRO A 1 153 ? -9.002  10.363  10.830  1.00 82.33  ? 390 PRO A C   1 
ATOM   1203 O  O   . PRO A 1 153 ? -9.760  11.203  11.314  1.00 83.07  ? 390 PRO A O   1 
ATOM   1204 C  CB  . PRO A 1 153 ? -8.787  8.002   11.699  1.00 82.20  ? 390 PRO A CB  1 
ATOM   1205 C  CG  . PRO A 1 153 ? -8.220  7.434   12.950  1.00 82.41  ? 390 PRO A CG  1 
ATOM   1206 C  CD  . PRO A 1 153 ? -8.403  8.555   13.966  1.00 81.93  ? 390 PRO A CD  1 
ATOM   1207 N  N   . ALA A 1 154 ? -8.792  10.218  9.523   1.00 81.23  ? 391 ALA A N   1 
ATOM   1208 C  CA  . ALA A 1 154 ? -9.464  11.004  8.495   1.00 78.79  ? 391 ALA A CA  1 
ATOM   1209 C  C   . ALA A 1 154 ? -9.534  10.062  7.301   1.00 78.04  ? 391 ALA A C   1 
ATOM   1210 O  O   . ALA A 1 154 ? -8.513  9.557   6.850   1.00 77.11  ? 391 ALA A O   1 
ATOM   1211 C  CB  . ALA A 1 154 ? -8.651  12.247  8.156   1.00 77.25  ? 391 ALA A CB  1 
ATOM   1212 N  N   . GLU A 1 155 ? -10.735 9.802   6.803   1.00 78.33  ? 392 GLU A N   1 
ATOM   1213 C  CA  . GLU A 1 155 ? -10.890 8.891   5.676   1.00 80.08  ? 392 GLU A CA  1 
ATOM   1214 C  C   . GLU A 1 155 ? -11.172 9.648   4.385   1.00 79.32  ? 392 GLU A C   1 
ATOM   1215 O  O   . GLU A 1 155 ? -11.283 9.054   3.306   1.00 80.93  ? 392 GLU A O   1 
ATOM   1216 C  CB  . GLU A 1 155 ? -12.025 7.896   5.958   1.00 83.41  ? 392 GLU A CB  1 
ATOM   1217 C  CG  . GLU A 1 155 ? -13.447 8.462   5.768   1.00 86.50  ? 392 GLU A CG  1 
ATOM   1218 C  CD  . GLU A 1 155 ? -14.543 7.496   6.228   1.00 87.71  ? 392 GLU A CD  1 
ATOM   1219 O  OE1 . GLU A 1 155 ? -14.788 7.400   7.456   1.00 88.35  ? 392 GLU A OE1 1 
ATOM   1220 O  OE2 . GLU A 1 155 ? -15.150 6.825   5.362   1.00 87.55  ? 392 GLU A OE2 1 
ATOM   1221 N  N   . ASN A 1 156 ? -11.289 10.964  4.504   1.00 77.79  ? 393 ASN A N   1 
ATOM   1222 C  CA  . ASN A 1 156 ? -11.553 11.818  3.357   1.00 74.90  ? 393 ASN A CA  1 
ATOM   1223 C  C   . ASN A 1 156 ? -10.242 12.324  2.731   1.00 72.04  ? 393 ASN A C   1 
ATOM   1224 O  O   . ASN A 1 156 ? -9.980  13.537  2.703   1.00 73.94  ? 393 ASN A O   1 
ATOM   1225 C  CB  . ASN A 1 156 ? -12.421 13.005  3.791   1.00 77.66  ? 393 ASN A CB  1 
ATOM   1226 C  CG  . ASN A 1 156 ? -12.889 13.862  2.617   1.00 79.71  ? 393 ASN A CG  1 
ATOM   1227 O  OD1 . ASN A 1 156 ? -13.568 13.374  1.704   1.00 78.50  ? 393 ASN A OD1 1 
ATOM   1228 N  ND2 . ASN A 1 156 ? -12.534 15.149  2.643   1.00 80.42  ? 393 ASN A ND2 1 
ATOM   1229 N  N   . TYR A 1 157 ? -9.409  11.397  2.254   1.00 65.14  ? 394 TYR A N   1 
ATOM   1230 C  CA  . TYR A 1 157 ? -8.149  11.763  1.610   1.00 59.49  ? 394 TYR A CA  1 
ATOM   1231 C  C   . TYR A 1 157 ? -7.769  10.749  0.548   1.00 54.70  ? 394 TYR A C   1 
ATOM   1232 O  O   . TYR A 1 157 ? -8.217  9.598   0.585   1.00 52.94  ? 394 TYR A O   1 
ATOM   1233 C  CB  . TYR A 1 157 ? -7.001  11.882  2.620   1.00 62.37  ? 394 TYR A CB  1 
ATOM   1234 C  CG  . TYR A 1 157 ? -6.461  10.560  3.129   1.00 65.03  ? 394 TYR A CG  1 
ATOM   1235 C  CD1 . TYR A 1 157 ? -6.806  10.086  4.396   1.00 65.07  ? 394 TYR A CD1 1 
ATOM   1236 C  CD2 . TYR A 1 157 ? -5.621  9.772   2.335   1.00 64.86  ? 394 TYR A CD2 1 
ATOM   1237 C  CE1 . TYR A 1 157 ? -6.335  8.863   4.857   1.00 63.95  ? 394 TYR A CE1 1 
ATOM   1238 C  CE2 . TYR A 1 157 ? -5.146  8.548   2.792   1.00 65.37  ? 394 TYR A CE2 1 
ATOM   1239 C  CZ  . TYR A 1 157 ? -5.510  8.103   4.055   1.00 63.54  ? 394 TYR A CZ  1 
ATOM   1240 O  OH  . TYR A 1 157 ? -5.047  6.903   4.523   1.00 65.87  ? 394 TYR A OH  1 
ATOM   1241 N  N   . LYS A 1 158 ? -6.951  11.192  -0.406  1.00 48.50  ? 395 LYS A N   1 
ATOM   1242 C  CA  . LYS A 1 158 ? -6.491  10.329  -1.484  1.00 42.17  ? 395 LYS A CA  1 
ATOM   1243 C  C   . LYS A 1 158 ? -5.003  10.483  -1.723  1.00 38.67  ? 395 LYS A C   1 
ATOM   1244 O  O   . LYS A 1 158 ? -4.480  11.596  -1.769  1.00 40.18  ? 395 LYS A O   1 
ATOM   1245 C  CB  . LYS A 1 158 ? -7.230  10.659  -2.760  1.00 39.10  ? 395 LYS A CB  1 
ATOM   1246 C  CG  . LYS A 1 158 ? -8.672  10.319  -2.704  1.00 42.62  ? 395 LYS A CG  1 
ATOM   1247 C  CD  . LYS A 1 158 ? -8.891  8.817   -2.758  1.00 46.82  ? 395 LYS A CD  1 
ATOM   1248 C  CE  . LYS A 1 158 ? -10.363 8.503   -3.060  1.00 46.30  ? 395 LYS A CE  1 
ATOM   1249 N  NZ  . LYS A 1 158 ? -10.667 7.034   -3.115  1.00 47.97  ? 395 LYS A NZ  1 
ATOM   1250 N  N   . ASN A 1 159 ? -4.314  9.362   -1.847  1.00 32.95  ? 396 ASN A N   1 
ATOM   1251 C  CA  . ASN A 1 159 ? -2.877  9.389   -2.114  1.00 29.10  ? 396 ASN A CA  1 
ATOM   1252 C  C   . ASN A 1 159 ? -2.655  8.978   -3.577  1.00 29.69  ? 396 ASN A C   1 
ATOM   1253 O  O   . ASN A 1 159 ? -3.280  8.033   -4.058  1.00 29.15  ? 396 ASN A O   1 
ATOM   1254 C  CB  . ASN A 1 159 ? -2.144  8.360   -1.265  1.00 28.63  ? 396 ASN A CB  1 
ATOM   1255 C  CG  . ASN A 1 159 ? -2.236  8.623   0.211   1.00 29.68  ? 396 ASN A CG  1 
ATOM   1256 O  OD1 . ASN A 1 159 ? -2.289  7.686   1.005   1.00 30.58  ? 396 ASN A OD1 1 
ATOM   1257 N  ND2 . ASN A 1 159 ? -2.228  9.884   0.592   1.00 24.39  ? 396 ASN A ND2 1 
ATOM   1258 N  N   . THR A 1 160 ? -1.792  9.678   -4.292  1.00 25.86  ? 397 THR A N   1 
ATOM   1259 C  CA  . THR A 1 160 ? -1.503  9.247   -5.647  1.00 28.36  ? 397 THR A CA  1 
ATOM   1260 C  C   . THR A 1 160 ? -0.496  8.135   -5.479  1.00 27.10  ? 397 THR A C   1 
ATOM   1261 O  O   . THR A 1 160 ? 0.204   8.093   -4.479  1.00 33.50  ? 397 THR A O   1 
ATOM   1262 C  CB  . THR A 1 160 ? -0.811  10.318  -6.492  1.00 27.65  ? 397 THR A CB  1 
ATOM   1263 O  OG1 . THR A 1 160 ? 0.438   10.667  -5.894  1.00 26.36  ? 397 THR A OG1 1 
ATOM   1264 C  CG2 . THR A 1 160 ? -1.680  11.519  -6.611  1.00 24.06  ? 397 THR A CG2 1 
ATOM   1265 N  N   . GLN A 1 161 ? -0.459  7.224   -6.432  1.00 27.18  ? 398 GLN A N   1 
ATOM   1266 C  CA  . GLN A 1 161 ? 0.504   6.141   -6.439  1.00 30.80  ? 398 GLN A CA  1 
ATOM   1267 C  C   . GLN A 1 161 ? 1.909   6.761   -6.591  1.00 28.68  ? 398 GLN A C   1 
ATOM   1268 O  O   . GLN A 1 161 ? 2.100   7.682   -7.350  1.00 32.30  ? 398 GLN A O   1 
ATOM   1269 C  CB  . GLN A 1 161 ? 0.241   5.215   -7.642  1.00 29.60  ? 398 GLN A CB  1 
ATOM   1270 C  CG  . GLN A 1 161 ? -0.833  4.204   -7.420  1.00 34.36  ? 398 GLN A CG  1 
ATOM   1271 C  CD  . GLN A 1 161 ? -0.584  3.385   -6.166  1.00 41.35  ? 398 GLN A CD  1 
ATOM   1272 O  OE1 . GLN A 1 161 ? 0.399   2.635   -6.086  1.00 37.72  ? 398 GLN A OE1 1 
ATOM   1273 N  NE2 . GLN A 1 161 ? -1.471  3.536   -5.167  1.00 44.75  ? 398 GLN A NE2 1 
ATOM   1274 N  N   . PRO A 1 162 ? 2.911   6.228   -5.905  1.00 31.82  ? 399 PRO A N   1 
ATOM   1275 C  CA  . PRO A 1 162 ? 4.271   6.788   -6.015  1.00 33.42  ? 399 PRO A CA  1 
ATOM   1276 C  C   . PRO A 1 162 ? 4.791   6.802   -7.444  1.00 35.52  ? 399 PRO A C   1 
ATOM   1277 O  O   . PRO A 1 162 ? 4.519   5.892   -8.214  1.00 38.97  ? 399 PRO A O   1 
ATOM   1278 C  CB  . PRO A 1 162 ? 5.099   5.884   -5.100  1.00 34.36  ? 399 PRO A CB  1 
ATOM   1279 C  CG  . PRO A 1 162 ? 4.068   5.384   -4.080  1.00 33.25  ? 399 PRO A CG  1 
ATOM   1280 C  CD  . PRO A 1 162 ? 2.846   5.118   -4.938  1.00 31.64  ? 399 PRO A CD  1 
ATOM   1281 N  N   . ILE A 1 163 ? 5.517   7.849   -7.805  1.00 36.68  ? 400 ILE A N   1 
ATOM   1282 C  CA  . ILE A 1 163 ? 6.057   7.969   -9.153  1.00 36.53  ? 400 ILE A CA  1 
ATOM   1283 C  C   . ILE A 1 163 ? 7.554   8.127   -9.021  1.00 38.33  ? 400 ILE A C   1 
ATOM   1284 O  O   . ILE A 1 163 ? 8.020   8.786   -8.094  1.00 38.48  ? 400 ILE A O   1 
ATOM   1285 C  CB  . ILE A 1 163 ? 5.574   9.245   -9.898  1.00 39.43  ? 400 ILE A CB  1 
ATOM   1286 C  CG1 . ILE A 1 163 ? 4.050   9.329   -9.966  1.00 36.37  ? 400 ILE A CG1 1 
ATOM   1287 C  CG2 . ILE A 1 163 ? 6.177   9.249   -11.288 1.00 33.24  ? 400 ILE A CG2 1 
ATOM   1288 C  CD1 . ILE A 1 163 ? 3.430   8.470   -11.033 1.00 37.79  ? 400 ILE A CD1 1 
ATOM   1289 N  N   . MET A 1 164 ? 8.305   7.549   -9.953  1.00 38.37  ? 401 MET A N   1 
ATOM   1290 C  CA  . MET A 1 164 ? 9.752   7.655   -9.912  1.00 38.42  ? 401 MET A CA  1 
ATOM   1291 C  C   . MET A 1 164 ? 10.216  8.923   -10.590 1.00 38.57  ? 401 MET A C   1 
ATOM   1292 O  O   . MET A 1 164 ? 9.910   9.144   -11.755 1.00 41.89  ? 401 MET A O   1 
ATOM   1293 C  CB  . MET A 1 164 ? 10.391  6.474   -10.624 1.00 39.78  ? 401 MET A CB  1 
ATOM   1294 C  CG  . MET A 1 164 ? 11.901  6.551   -10.653 1.00 45.41  ? 401 MET A CG  1 
ATOM   1295 S  SD  . MET A 1 164 ? 12.637  5.088   -11.370 1.00 52.27  ? 401 MET A SD  1 
ATOM   1296 C  CE  . MET A 1 164 ? 12.392  3.911   -10.076 1.00 51.39  ? 401 MET A CE  1 
ATOM   1297 N  N   . ASP A 1 165 ? 10.926  9.779   -9.876  1.00 39.17  ? 402 ASP A N   1 
ATOM   1298 C  CA  . ASP A 1 165 ? 11.424  10.985  -10.524 1.00 41.84  ? 402 ASP A CA  1 
ATOM   1299 C  C   . ASP A 1 165 ? 12.598  10.572  -11.380 1.00 43.93  ? 402 ASP A C   1 
ATOM   1300 O  O   . ASP A 1 165 ? 13.002  9.397   -11.393 1.00 39.21  ? 402 ASP A O   1 
ATOM   1301 C  CB  . ASP A 1 165 ? 11.907  12.018  -9.517  1.00 40.23  ? 402 ASP A CB  1 
ATOM   1302 C  CG  . ASP A 1 165 ? 10.891  13.092  -9.269  1.00 40.07  ? 402 ASP A CG  1 
ATOM   1303 O  OD1 . ASP A 1 165 ? 10.430  13.717  -10.246 1.00 37.80  ? 402 ASP A OD1 1 
ATOM   1304 O  OD2 . ASP A 1 165 ? 10.550  13.325  -8.096  1.00 41.26  ? 402 ASP A OD2 1 
ATOM   1305 N  N   . THR A 1 166 ? 13.154  11.547  -12.087 1.00 47.50  ? 403 THR A N   1 
ATOM   1306 C  CA  . THR A 1 166 ? 14.297  11.294  -12.962 1.00 51.06  ? 403 THR A CA  1 
ATOM   1307 C  C   . THR A 1 166 ? 15.489  10.648  -12.251 1.00 52.56  ? 403 THR A C   1 
ATOM   1308 O  O   . THR A 1 166 ? 16.064  9.694   -12.760 1.00 54.22  ? 403 THR A O   1 
ATOM   1309 C  CB  . THR A 1 166 ? 14.752  12.591  -13.595 1.00 52.82  ? 403 THR A CB  1 
ATOM   1310 O  OG1 . THR A 1 166 ? 14.158  13.686  -12.874 1.00 58.08  ? 403 THR A OG1 1 
ATOM   1311 C  CG2 . THR A 1 166 ? 14.341  12.646  -15.059 1.00 54.06  ? 403 THR A CG2 1 
ATOM   1312 N  N   . ASP A 1 167 ? 15.825  11.156  -11.067 1.00 54.33  ? 404 ASP A N   1 
ATOM   1313 C  CA  . ASP A 1 167 ? 16.960  10.684  -10.270 1.00 56.52  ? 404 ASP A CA  1 
ATOM   1314 C  C   . ASP A 1 167 ? 16.871  9.301   -9.591  1.00 57.73  ? 404 ASP A C   1 
ATOM   1315 O  O   . ASP A 1 167 ? 17.756  8.941   -8.809  1.00 60.98  ? 404 ASP A O   1 
ATOM   1316 C  CB  . ASP A 1 167 ? 17.259  11.714  -9.183  1.00 56.97  ? 404 ASP A CB  1 
ATOM   1317 C  CG  . ASP A 1 167 ? 16.193  11.723  -8.109  1.00 57.92  ? 404 ASP A CG  1 
ATOM   1318 O  OD1 . ASP A 1 167 ? 16.321  12.488  -7.133  1.00 56.56  ? 404 ASP A OD1 1 
ATOM   1319 O  OD2 . ASP A 1 167 ? 15.219  10.949  -8.260  1.00 57.69  ? 404 ASP A OD2 1 
ATOM   1320 N  N   . GLY A 1 168 ? 15.818  8.536   -9.842  1.00 57.75  ? 405 GLY A N   1 
ATOM   1321 C  CA  . GLY A 1 168 ? 15.724  7.225   -9.209  1.00 54.58  ? 405 GLY A CA  1 
ATOM   1322 C  C   . GLY A 1 168 ? 14.879  7.166   -7.936  1.00 53.46  ? 405 GLY A C   1 
ATOM   1323 O  O   . GLY A 1 168 ? 14.488  6.087   -7.475  1.00 52.73  ? 405 GLY A O   1 
ATOM   1324 N  N   . SER A 1 169 ? 14.595  8.323   -7.352  1.00 51.55  ? 406 SER A N   1 
ATOM   1325 C  CA  . SER A 1 169 ? 13.778  8.362   -6.149  1.00 49.33  ? 406 SER A CA  1 
ATOM   1326 C  C   . SER A 1 169 ? 12.310  8.414   -6.568  1.00 47.64  ? 406 SER A C   1 
ATOM   1327 O  O   . SER A 1 169 ? 11.997  8.343   -7.767  1.00 45.97  ? 406 SER A O   1 
ATOM   1328 C  CB  . SER A 1 169 ? 14.127  9.595   -5.307  1.00 47.69  ? 406 SER A CB  1 
ATOM   1329 O  OG  . SER A 1 169 ? 13.554  10.764  -5.855  1.00 48.31  ? 406 SER A OG  1 
ATOM   1330 N  N   . TYR A 1 170 ? 11.416  8.520   -5.577  1.00 44.64  ? 407 TYR A N   1 
ATOM   1331 C  CA  . TYR A 1 170 ? 9.967   8.602   -5.836  1.00 41.84  ? 407 TYR A CA  1 
ATOM   1332 C  C   . TYR A 1 170 ? 9.317   9.752   -5.088  1.00 38.07  ? 407 TYR A C   1 
ATOM   1333 O  O   . TYR A 1 170 ? 9.869   10.279  -4.126  1.00 37.40  ? 407 TYR A O   1 
ATOM   1334 C  CB  . TYR A 1 170 ? 9.239   7.319   -5.415  1.00 37.16  ? 407 TYR A CB  1 
ATOM   1335 C  CG  . TYR A 1 170 ? 9.638   6.083   -6.165  1.00 42.62  ? 407 TYR A CG  1 
ATOM   1336 C  CD1 . TYR A 1 170 ? 10.850  5.458   -5.907  1.00 41.19  ? 407 TYR A CD1 1 
ATOM   1337 C  CD2 . TYR A 1 170 ? 8.775   5.496   -7.101  1.00 44.55  ? 407 TYR A CD2 1 
ATOM   1338 C  CE1 . TYR A 1 170 ? 11.202  4.286   -6.542  1.00 42.25  ? 407 TYR A CE1 1 
ATOM   1339 C  CE2 . TYR A 1 170 ? 9.123   4.298   -7.748  1.00 44.46  ? 407 TYR A CE2 1 
ATOM   1340 C  CZ  . TYR A 1 170 ? 10.345  3.701   -7.455  1.00 45.18  ? 407 TYR A CZ  1 
ATOM   1341 O  OH  . TYR A 1 170 ? 10.718  2.497   -8.045  1.00 48.82  ? 407 TYR A OH  1 
ATOM   1342 N  N   . PHE A 1 171 ? 8.116   10.106  -5.520  1.00 34.03  ? 408 PHE A N   1 
ATOM   1343 C  CA  . PHE A 1 171 ? 7.350   11.161  -4.885  1.00 29.14  ? 408 PHE A CA  1 
ATOM   1344 C  C   . PHE A 1 171 ? 5.896   10.724  -4.833  1.00 31.75  ? 408 PHE A C   1 
ATOM   1345 O  O   . PHE A 1 171 ? 5.479   9.784   -5.538  1.00 30.05  ? 408 PHE A O   1 
ATOM   1346 C  CB  . PHE A 1 171 ? 7.507   12.499  -5.636  1.00 26.34  ? 408 PHE A CB  1 
ATOM   1347 C  CG  . PHE A 1 171 ? 6.805   12.570  -6.982  1.00 26.66  ? 408 PHE A CG  1 
ATOM   1348 C  CD1 . PHE A 1 171 ? 5.467   12.977  -7.075  1.00 27.72  ? 408 PHE A CD1 1 
ATOM   1349 C  CD2 . PHE A 1 171 ? 7.511   12.343  -8.169  1.00 26.66  ? 408 PHE A CD2 1 
ATOM   1350 C  CE1 . PHE A 1 171 ? 4.840   13.177  -8.339  1.00 23.95  ? 408 PHE A CE1 1 
ATOM   1351 C  CE2 . PHE A 1 171 ? 6.889   12.538  -9.437  1.00 27.70  ? 408 PHE A CE2 1 
ATOM   1352 C  CZ  . PHE A 1 171 ? 5.548   12.961  -9.515  1.00 22.77  ? 408 PHE A CZ  1 
ATOM   1353 N  N   . VAL A 1 172 ? 5.139   11.395  -3.974  1.00 29.94  ? 409 VAL A N   1 
ATOM   1354 C  CA  . VAL A 1 172 ? 3.736   11.105  -3.803  1.00 31.50  ? 409 VAL A CA  1 
ATOM   1355 C  C   . VAL A 1 172 ? 3.060   12.360  -3.267  1.00 31.87  ? 409 VAL A C   1 
ATOM   1356 O  O   . VAL A 1 172 ? 3.679   13.139  -2.542  1.00 31.51  ? 409 VAL A O   1 
ATOM   1357 C  CB  . VAL A 1 172 ? 3.491   9.954   -2.745  1.00 29.15  ? 409 VAL A CB  1 
ATOM   1358 C  CG1 . VAL A 1 172 ? 2.043   9.869   -2.429  1.00 32.19  ? 409 VAL A CG1 1 
ATOM   1359 C  CG2 . VAL A 1 172 ? 3.907   8.616   -3.271  1.00 28.18  ? 409 VAL A CG2 1 
ATOM   1360 N  N   . TYR A 1 173 ? 1.793   12.542  -3.630  1.00 31.49  ? 410 TYR A N   1 
ATOM   1361 C  CA  . TYR A 1 173 ? 1.007   13.649  -3.137  1.00 33.89  ? 410 TYR A CA  1 
ATOM   1362 C  C   . TYR A 1 173 ? -0.219  13.065  -2.465  1.00 35.26  ? 410 TYR A C   1 
ATOM   1363 O  O   . TYR A 1 173 ? -0.778  12.085  -2.931  1.00 37.89  ? 410 TYR A O   1 
ATOM   1364 C  CB  . TYR A 1 173 ? 0.550   14.562  -4.260  1.00 34.44  ? 410 TYR A CB  1 
ATOM   1365 C  CG  . TYR A 1 173 ? 1.641   15.408  -4.866  1.00 38.27  ? 410 TYR A CG  1 
ATOM   1366 C  CD1 . TYR A 1 173 ? 2.564   14.867  -5.776  1.00 38.58  ? 410 TYR A CD1 1 
ATOM   1367 C  CD2 . TYR A 1 173 ? 1.725   16.772  -4.572  1.00 40.98  ? 410 TYR A CD2 1 
ATOM   1368 C  CE1 . TYR A 1 173 ? 3.533   15.678  -6.371  1.00 39.52  ? 410 TYR A CE1 1 
ATOM   1369 C  CE2 . TYR A 1 173 ? 2.692   17.591  -5.168  1.00 38.38  ? 410 TYR A CE2 1 
ATOM   1370 C  CZ  . TYR A 1 173 ? 3.582   17.045  -6.055  1.00 37.21  ? 410 TYR A CZ  1 
ATOM   1371 O  OH  . TYR A 1 173 ? 4.525   17.859  -6.619  1.00 43.23  ? 410 TYR A OH  1 
ATOM   1372 N  N   . SER A 1 174 ? -0.626  13.653  -1.351  1.00 37.01  ? 411 SER A N   1 
ATOM   1373 C  CA  . SER A 1 174 ? -1.819  13.188  -0.666  1.00 36.74  ? 411 SER A CA  1 
ATOM   1374 C  C   . SER A 1 174 ? -2.738  14.381  -0.572  1.00 37.18  ? 411 SER A C   1 
ATOM   1375 O  O   . SER A 1 174 ? -2.322  15.453  -0.137  1.00 38.54  ? 411 SER A O   1 
ATOM   1376 C  CB  . SER A 1 174 ? -1.500  12.699  0.735   1.00 34.88  ? 411 SER A CB  1 
ATOM   1377 O  OG  . SER A 1 174 ? -2.696  12.246  1.341   1.00 37.25  ? 411 SER A OG  1 
ATOM   1378 N  N   . LYS A 1 175 ? -3.989  14.208  -0.965  1.00 38.68  ? 412 LYS A N   1 
ATOM   1379 C  CA  . LYS A 1 175 ? -4.901  15.326  -0.938  1.00 41.02  ? 412 LYS A CA  1 
ATOM   1380 C  C   . LYS A 1 175 ? -5.988  15.113  0.075   1.00 44.18  ? 412 LYS A C   1 
ATOM   1381 O  O   . LYS A 1 175 ? -6.772  14.164  -0.019  1.00 43.32  ? 412 LYS A O   1 
ATOM   1382 C  CB  . LYS A 1 175 ? -5.502  15.547  -2.328  1.00 41.01  ? 412 LYS A CB  1 
ATOM   1383 C  CG  . LYS A 1 175 ? -6.367  16.810  -2.477  1.00 39.41  ? 412 LYS A CG  1 
ATOM   1384 C  CD  . LYS A 1 175 ? -6.804  17.014  -3.930  1.00 38.14  ? 412 LYS A CD  1 
ATOM   1385 C  CE  . LYS A 1 175 ? -8.296  16.785  -4.108  1.00 40.46  ? 412 LYS A CE  1 
ATOM   1386 N  NZ  . LYS A 1 175 ? -8.725  15.539  -3.436  1.00 49.58  ? 412 LYS A NZ  1 
ATOM   1387 N  N   . LEU A 1 176 ? -6.005  15.990  1.071   1.00 48.81  ? 413 LEU A N   1 
ATOM   1388 C  CA  . LEU A 1 176 ? -7.020  15.931  2.102   1.00 55.87  ? 413 LEU A CA  1 
ATOM   1389 C  C   . LEU A 1 176 ? -8.010  17.055  1.860   1.00 59.15  ? 413 LEU A C   1 
ATOM   1390 O  O   . LEU A 1 176 ? -7.630  18.224  1.814   1.00 58.57  ? 413 LEU A O   1 
ATOM   1391 C  CB  . LEU A 1 176 ? -6.410  16.084  3.494   1.00 54.97  ? 413 LEU A CB  1 
ATOM   1392 C  CG  . LEU A 1 176 ? -7.481  16.187  4.588   1.00 55.33  ? 413 LEU A CG  1 
ATOM   1393 C  CD1 . LEU A 1 176 ? -8.436  15.011  4.514   1.00 52.76  ? 413 LEU A CD1 1 
ATOM   1394 C  CD2 . LEU A 1 176 ? -6.809  16.249  5.938   1.00 56.83  ? 413 LEU A CD2 1 
ATOM   1395 N  N   . ASN A 1 177 ? -9.271  16.681  1.691   1.00 63.65  ? 414 ASN A N   1 
ATOM   1396 C  CA  . ASN A 1 177 ? -10.333 17.642  1.460   1.00 71.51  ? 414 ASN A CA  1 
ATOM   1397 C  C   . ASN A 1 177 ? -11.003 17.982  2.789   1.00 74.42  ? 414 ASN A C   1 
ATOM   1398 O  O   . ASN A 1 177 ? -11.087 17.143  3.684   1.00 75.26  ? 414 ASN A O   1 
ATOM   1399 C  CB  . ASN A 1 177 ? -11.369 17.062  0.489   1.00 74.23  ? 414 ASN A CB  1 
ATOM   1400 C  CG  . ASN A 1 177 ? -10.813 16.865  -0.926  1.00 77.94  ? 414 ASN A CG  1 
ATOM   1401 O  OD1 . ASN A 1 177 ? -10.307 17.802  -1.553  1.00 76.31  ? 414 ASN A OD1 1 
ATOM   1402 N  ND2 . ASN A 1 177 ? -10.919 15.641  -1.435  1.00 80.27  ? 414 ASN A ND2 1 
ATOM   1403 N  N   . VAL A 1 178 ? -11.474 19.219  2.915   1.00 77.84  ? 415 VAL A N   1 
ATOM   1404 C  CA  . VAL A 1 178 ? -12.141 19.672  4.132   1.00 79.99  ? 415 VAL A CA  1 
ATOM   1405 C  C   . VAL A 1 178 ? -13.192 20.724  3.787   1.00 81.51  ? 415 VAL A C   1 
ATOM   1406 O  O   . VAL A 1 178 ? -12.833 21.801  3.301   1.00 80.80  ? 415 VAL A O   1 
ATOM   1407 C  CB  . VAL A 1 178 ? -11.128 20.290  5.092   1.00 80.27  ? 415 VAL A CB  1 
ATOM   1408 C  CG1 . VAL A 1 178 ? -10.171 19.224  5.584   1.00 81.97  ? 415 VAL A CG1 1 
ATOM   1409 C  CG2 . VAL A 1 178 ? -10.356 21.381  4.382   1.00 80.87  ? 415 VAL A CG2 1 
ATOM   1410 N  N   . GLN A 1 179 ? -14.476 20.423  4.030   1.00 82.53  ? 416 GLN A N   1 
ATOM   1411 C  CA  . GLN A 1 179 ? -15.538 21.382  3.713   1.00 81.75  ? 416 GLN A CA  1 
ATOM   1412 C  C   . GLN A 1 179 ? -15.247 22.702  4.411   1.00 82.14  ? 416 GLN A C   1 
ATOM   1413 O  O   . GLN A 1 179 ? -15.237 22.778  5.634   1.00 81.26  ? 416 GLN A O   1 
ATOM   1414 C  CB  . GLN A 1 179 ? -16.938 20.864  4.103   1.00 79.77  ? 416 GLN A CB  1 
ATOM   1415 C  CG  . GLN A 1 179 ? -17.300 20.922  5.575   1.00 79.59  ? 416 GLN A CG  1 
ATOM   1416 C  CD  . GLN A 1 179 ? -18.815 20.860  5.829   1.00 79.75  ? 416 GLN A CD  1 
ATOM   1417 O  OE1 . GLN A 1 179 ? -19.553 21.791  5.488   1.00 79.57  ? 416 GLN A OE1 1 
ATOM   1418 N  NE2 . GLN A 1 179 ? -19.278 19.764  6.429   1.00 74.72  ? 416 GLN A NE2 1 
ATOM   1419 N  N   . LYS A 1 180 ? -14.982 23.720  3.589   1.00 83.38  ? 417 LYS A N   1 
ATOM   1420 C  CA  . LYS A 1 180 ? -14.651 25.081  4.008   1.00 83.93  ? 417 LYS A CA  1 
ATOM   1421 C  C   . LYS A 1 180 ? -14.252 25.191  5.478   1.00 84.00  ? 417 LYS A C   1 
ATOM   1422 O  O   . LYS A 1 180 ? -13.374 24.457  5.936   1.00 86.49  ? 417 LYS A O   1 
ATOM   1423 C  CB  . LYS A 1 180 ? -15.824 26.025  3.685   1.00 83.58  ? 417 LYS A CB  1 
ATOM   1424 C  CG  . LYS A 1 180 ? -15.511 27.505  3.900   1.00 82.14  ? 417 LYS A CG  1 
ATOM   1425 C  CD  . LYS A 1 180 ? -14.163 27.868  3.283   1.00 82.46  ? 417 LYS A CD  1 
ATOM   1426 C  CE  . LYS A 1 180 ? -13.375 28.830  4.169   1.00 80.47  ? 417 LYS A CE  1 
ATOM   1427 N  NZ  . LYS A 1 180 ? -12.013 29.026  3.614   1.00 76.49  ? 417 LYS A NZ  1 
ATOM   1428 N  N   . SER A 1 181 ? -14.879 26.128  6.188   1.00 83.12  ? 418 SER A N   1 
ATOM   1429 C  CA  . SER A 1 181 ? -14.664 26.379  7.616   1.00 82.67  ? 418 SER A CA  1 
ATOM   1430 C  C   . SER A 1 181 ? -13.294 25.989  8.162   1.00 81.54  ? 418 SER A C   1 
ATOM   1431 O  O   . SER A 1 181 ? -12.306 26.719  8.021   1.00 79.95  ? 418 SER A O   1 
ATOM   1432 C  CB  . SER A 1 181 ? -15.736 25.632  8.423   1.00 82.11  ? 418 SER A CB  1 
ATOM   1433 O  OG  . SER A 1 181 ? -16.983 25.634  7.747   1.00 84.16  ? 418 SER A OG  1 
ATOM   1434 N  N   . ASN A 1 182 ? -13.300 24.817  8.799   1.00 80.18  ? 419 ASN A N   1 
ATOM   1435 C  CA  . ASN A 1 182 ? -12.164 24.162  9.427   1.00 78.59  ? 419 ASN A CA  1 
ATOM   1436 C  C   . ASN A 1 182 ? -10.836 24.817  9.202   1.00 77.59  ? 419 ASN A C   1 
ATOM   1437 O  O   . ASN A 1 182 ? -10.277 25.432  10.100  1.00 76.62  ? 419 ASN A O   1 
ATOM   1438 C  CB  . ASN A 1 182 ? -12.052 22.708  8.959   1.00 79.09  ? 419 ASN A CB  1 
ATOM   1439 C  CG  . ASN A 1 182 ? -13.369 21.955  9.048   1.00 81.88  ? 419 ASN A CG  1 
ATOM   1440 O  OD1 . ASN A 1 182 ? -13.394 20.721  9.097   1.00 81.03  ? 419 ASN A OD1 1 
ATOM   1441 N  ND2 . ASN A 1 182 ? -14.477 22.691  9.047   1.00 84.06  ? 419 ASN A ND2 1 
ATOM   1442 N  N   . TRP A 1 183 ? -10.326 24.669  7.990   1.00 77.86  ? 420 TRP A N   1 
ATOM   1443 C  CA  . TRP A 1 183 ? -9.021  25.209  7.638   1.00 78.37  ? 420 TRP A CA  1 
ATOM   1444 C  C   . TRP A 1 183 ? -8.454  26.367  8.496   1.00 81.42  ? 420 TRP A C   1 
ATOM   1445 O  O   . TRP A 1 183 ? -7.664  26.139  9.431   1.00 81.76  ? 420 TRP A O   1 
ATOM   1446 C  CB  . TRP A 1 183 ? -9.009  25.605  6.162   1.00 71.31  ? 420 TRP A CB  1 
ATOM   1447 C  CG  . TRP A 1 183 ? -7.719  26.225  5.761   1.00 67.67  ? 420 TRP A CG  1 
ATOM   1448 C  CD1 . TRP A 1 183 ? -7.548  27.387  5.062   1.00 68.56  ? 420 TRP A CD1 1 
ATOM   1449 C  CD2 . TRP A 1 183 ? -6.406  25.759  6.095   1.00 65.78  ? 420 TRP A CD2 1 
ATOM   1450 N  NE1 . TRP A 1 183 ? -6.208  27.678  4.947   1.00 69.59  ? 420 TRP A NE1 1 
ATOM   1451 C  CE2 . TRP A 1 183 ? -5.485  26.695  5.571   1.00 67.53  ? 420 TRP A CE2 1 
ATOM   1452 C  CE3 . TRP A 1 183 ? -5.917  24.644  6.787   1.00 62.85  ? 420 TRP A CE3 1 
ATOM   1453 C  CZ2 . TRP A 1 183 ? -4.098  26.547  5.718   1.00 65.88  ? 420 TRP A CZ2 1 
ATOM   1454 C  CZ3 . TRP A 1 183 ? -4.541  24.498  6.931   1.00 63.38  ? 420 TRP A CZ3 1 
ATOM   1455 C  CH2 . TRP A 1 183 ? -3.648  25.446  6.396   1.00 62.41  ? 420 TRP A CH2 1 
ATOM   1456 N  N   . GLU A 1 184 ? -8.845  27.602  8.179   1.00 84.60  ? 421 GLU A N   1 
ATOM   1457 C  CA  . GLU A 1 184 ? -8.326  28.769  8.891   1.00 86.47  ? 421 GLU A CA  1 
ATOM   1458 C  C   . GLU A 1 184 ? -8.812  28.870  10.331  1.00 87.14  ? 421 GLU A C   1 
ATOM   1459 O  O   . GLU A 1 184 ? -8.021  29.138  11.244  1.00 88.81  ? 421 GLU A O   1 
ATOM   1460 C  CB  . GLU A 1 184 ? -8.663  30.054  8.127   1.00 86.97  ? 421 GLU A CB  1 
ATOM   1461 C  CG  . GLU A 1 184 ? -7.757  31.231  8.499   1.00 90.16  ? 421 GLU A CG  1 
ATOM   1462 C  CD  . GLU A 1 184 ? -6.263  30.965  8.229   1.00 92.38  ? 421 GLU A CD  1 
ATOM   1463 O  OE1 . GLU A 1 184 ? -5.671  30.054  8.860   1.00 91.80  ? 421 GLU A OE1 1 
ATOM   1464 O  OE2 . GLU A 1 184 ? -5.680  31.678  7.381   1.00 93.14  ? 421 GLU A OE2 1 
ATOM   1465 N  N   . ALA A 1 185 ? -10.107 28.662  10.536  1.00 85.77  ? 422 ALA A N   1 
ATOM   1466 C  CA  . ALA A 1 185 ? -10.674 28.709  11.875  1.00 84.34  ? 422 ALA A CA  1 
ATOM   1467 C  C   . ALA A 1 185 ? -11.126 27.296  12.240  1.00 83.84  ? 422 ALA A C   1 
ATOM   1468 O  O   . ALA A 1 185 ? -12.272 26.906  11.963  1.00 85.69  ? 422 ALA A O   1 
ATOM   1469 C  CB  . ALA A 1 185 ? -11.855 29.680  11.919  1.00 85.63  ? 422 ALA A CB  1 
ATOM   1470 N  N   . GLY A 1 186 ? -10.223 26.521  12.842  1.00 80.67  ? 423 GLY A N   1 
ATOM   1471 C  CA  . GLY A 1 186 ? -10.576 25.162  13.209  1.00 76.90  ? 423 GLY A CA  1 
ATOM   1472 C  C   . GLY A 1 186 ? -9.478  24.215  13.671  1.00 74.45  ? 423 GLY A C   1 
ATOM   1473 O  O   . GLY A 1 186 ? -8.351  24.607  14.005  1.00 71.20  ? 423 GLY A O   1 
ATOM   1474 N  N   . ASN A 1 187 ? -9.834  22.940  13.669  1.00 72.43  ? 424 ASN A N   1 
ATOM   1475 C  CA  . ASN A 1 187 ? -8.962  21.866  14.109  1.00 73.20  ? 424 ASN A CA  1 
ATOM   1476 C  C   . ASN A 1 187 ? -7.688  21.713  13.296  1.00 72.25  ? 424 ASN A C   1 
ATOM   1477 O  O   . ASN A 1 187 ? -7.631  22.124  12.134  1.00 72.46  ? 424 ASN A O   1 
ATOM   1478 C  CB  . ASN A 1 187 ? -9.766  20.581  14.100  1.00 75.28  ? 424 ASN A CB  1 
ATOM   1479 C  CG  . ASN A 1 187 ? -11.192 20.813  14.536  1.00 76.50  ? 424 ASN A CG  1 
ATOM   1480 O  OD1 . ASN A 1 187 ? -12.020 21.260  13.747  1.00 74.79  ? 424 ASN A OD1 1 
ATOM   1481 N  ND2 . ASN A 1 187 ? -11.481 20.544  15.808  1.00 77.93  ? 424 ASN A ND2 1 
ATOM   1482 N  N   . THR A 1 188 ? -6.668  21.115  13.916  1.00 70.56  ? 425 THR A N   1 
ATOM   1483 C  CA  . THR A 1 188 ? -5.371  20.922  13.258  1.00 69.09  ? 425 THR A CA  1 
ATOM   1484 C  C   . THR A 1 188 ? -5.313  19.704  12.322  1.00 64.20  ? 425 THR A C   1 
ATOM   1485 O  O   . THR A 1 188 ? -5.955  18.677  12.567  1.00 60.06  ? 425 THR A O   1 
ATOM   1486 C  CB  . THR A 1 188 ? -4.236  20.813  14.290  1.00 71.03  ? 425 THR A CB  1 
ATOM   1487 O  OG1 . THR A 1 188 ? -4.598  21.549  15.464  1.00 74.65  ? 425 THR A OG1 1 
ATOM   1488 C  CG2 . THR A 1 188 ? -2.939  21.407  13.718  1.00 71.27  ? 425 THR A CG2 1 
ATOM   1489 N  N   . PHE A 1 189 ? -4.546  19.848  11.240  1.00 60.09  ? 426 PHE A N   1 
ATOM   1490 C  CA  . PHE A 1 189 ? -4.399  18.793  10.245  1.00 53.71  ? 426 PHE A CA  1 
ATOM   1491 C  C   . PHE A 1 189 ? -2.964  18.327  10.168  1.00 51.13  ? 426 PHE A C   1 
ATOM   1492 O  O   . PHE A 1 189 ? -2.034  19.128  10.025  1.00 47.11  ? 426 PHE A O   1 
ATOM   1493 C  CB  . PHE A 1 189 ? -4.886  19.296  8.893   1.00 52.41  ? 426 PHE A CB  1 
ATOM   1494 C  CG  . PHE A 1 189 ? -6.332  19.663  8.893   1.00 49.06  ? 426 PHE A CG  1 
ATOM   1495 C  CD1 . PHE A 1 189 ? -6.732  20.960  9.190   1.00 47.90  ? 426 PHE A CD1 1 
ATOM   1496 C  CD2 . PHE A 1 189 ? -7.302  18.693  8.677   1.00 47.99  ? 426 PHE A CD2 1 
ATOM   1497 C  CE1 . PHE A 1 189 ? -8.080  21.279  9.272   1.00 49.34  ? 426 PHE A CE1 1 
ATOM   1498 C  CE2 . PHE A 1 189 ? -8.660  19.003  8.760   1.00 48.60  ? 426 PHE A CE2 1 
ATOM   1499 C  CZ  . PHE A 1 189 ? -9.049  20.294  9.058   1.00 50.03  ? 426 PHE A CZ  1 
ATOM   1500 N  N   . THR A 1 190 ? -2.795  17.014  10.284  1.00 50.74  ? 427 THR A N   1 
ATOM   1501 C  CA  . THR A 1 190 ? -1.473  16.414  10.275  1.00 47.18  ? 427 THR A CA  1 
ATOM   1502 C  C   . THR A 1 190 ? -1.300  15.373  9.215   1.00 43.37  ? 427 THR A C   1 
ATOM   1503 O  O   . THR A 1 190 ? -2.171  14.532  9.001   1.00 43.87  ? 427 THR A O   1 
ATOM   1504 C  CB  . THR A 1 190 ? -1.150  15.723  11.615  1.00 48.90  ? 427 THR A CB  1 
ATOM   1505 O  OG1 . THR A 1 190 ? -1.312  16.653  12.688  1.00 50.15  ? 427 THR A OG1 1 
ATOM   1506 C  CG2 . THR A 1 190 ? 0.316   15.235  11.627  1.00 52.31  ? 427 THR A CG2 1 
ATOM   1507 N  N   . CYS A 1 191 ? -0.148  15.437  8.564   1.00 41.24  ? 428 CYS A N   1 
ATOM   1508 C  CA  . CYS A 1 191 ? 0.229   14.476  7.545   1.00 39.45  ? 428 CYS A CA  1 
ATOM   1509 C  C   . CYS A 1 191 ? 1.234   13.491  8.185   1.00 38.30  ? 428 CYS A C   1 
ATOM   1510 O  O   . CYS A 1 191 ? 2.403   13.837  8.406   1.00 38.19  ? 428 CYS A O   1 
ATOM   1511 C  CB  . CYS A 1 191 ? 0.889   15.172  6.352   1.00 37.08  ? 428 CYS A CB  1 
ATOM   1512 S  SG  . CYS A 1 191 ? 1.442   13.985  5.082   1.00 37.78  ? 428 CYS A SG  1 
ATOM   1513 N  N   . SER A 1 192 ? 0.770   12.276  8.463   1.00 33.66  ? 429 SER A N   1 
ATOM   1514 C  CA  . SER A 1 192 ? 1.594   11.215  9.061   1.00 34.70  ? 429 SER A CA  1 
ATOM   1515 C  C   . SER A 1 192 ? 2.146   10.262  7.982   1.00 33.43  ? 429 SER A C   1 
ATOM   1516 O  O   . SER A 1 192 ? 1.399   9.626   7.256   1.00 37.69  ? 429 SER A O   1 
ATOM   1517 C  CB  . SER A 1 192 ? 0.739   10.428  10.054  1.00 32.51  ? 429 SER A CB  1 
ATOM   1518 O  OG  . SER A 1 192 ? 1.362   9.226   10.434  1.00 38.03  ? 429 SER A OG  1 
ATOM   1519 N  N   . VAL A 1 193 ? 3.454   10.161  7.882   1.00 31.46  ? 430 VAL A N   1 
ATOM   1520 C  CA  . VAL A 1 193 ? 4.068   9.311   6.872   1.00 28.88  ? 430 VAL A CA  1 
ATOM   1521 C  C   . VAL A 1 193 ? 4.940   8.258   7.521   1.00 30.47  ? 430 VAL A C   1 
ATOM   1522 O  O   . VAL A 1 193 ? 5.679   8.559   8.459   1.00 27.70  ? 430 VAL A O   1 
ATOM   1523 C  CB  . VAL A 1 193 ? 5.012   10.124  5.958   1.00 31.81  ? 430 VAL A CB  1 
ATOM   1524 C  CG1 . VAL A 1 193 ? 5.709   9.204   4.982   1.00 30.09  ? 430 VAL A CG1 1 
ATOM   1525 C  CG2 . VAL A 1 193 ? 4.246   11.229  5.262   1.00 26.46  ? 430 VAL A CG2 1 
ATOM   1526 N  N   . LEU A 1 194 ? 4.860   7.025   7.026   1.00 30.71  ? 431 LEU A N   1 
ATOM   1527 C  CA  . LEU A 1 194 ? 5.717   5.973   7.542   1.00 31.41  ? 431 LEU A CA  1 
ATOM   1528 C  C   . LEU A 1 194 ? 6.622   5.452   6.403   1.00 31.60  ? 431 LEU A C   1 
ATOM   1529 O  O   . LEU A 1 194 ? 6.148   5.071   5.317   1.00 28.55  ? 431 LEU A O   1 
ATOM   1530 C  CB  . LEU A 1 194 ? 4.902   4.823   8.115   1.00 34.45  ? 431 LEU A CB  1 
ATOM   1531 C  CG  . LEU A 1 194 ? 4.046   5.013   9.368   1.00 46.20  ? 431 LEU A CG  1 
ATOM   1532 C  CD1 . LEU A 1 194 ? 2.800   5.911   9.090   1.00 48.75  ? 431 LEU A CD1 1 
ATOM   1533 C  CD2 . LEU A 1 194 ? 3.598   3.621   9.831   1.00 47.29  ? 431 LEU A CD2 1 
ATOM   1534 N  N   . HIS A 1 195 ? 7.925   5.425   6.651   1.00 29.24  ? 432 HIS A N   1 
ATOM   1535 C  CA  . HIS A 1 195 ? 8.857   4.943   5.640   1.00 31.36  ? 432 HIS A CA  1 
ATOM   1536 C  C   . HIS A 1 195 ? 10.112  4.423   6.321   1.00 30.90  ? 432 HIS A C   1 
ATOM   1537 O  O   . HIS A 1 195 ? 10.535  4.978   7.326   1.00 30.49  ? 432 HIS A O   1 
ATOM   1538 C  CB  . HIS A 1 195 ? 9.220   6.082   4.672   1.00 29.84  ? 432 HIS A CB  1 
ATOM   1539 C  CG  . HIS A 1 195 ? 9.996   5.637   3.481   1.00 29.80  ? 432 HIS A CG  1 
ATOM   1540 N  ND1 . HIS A 1 195 ? 9.392   5.110   2.356   1.00 29.76  ? 432 HIS A ND1 1 
ATOM   1541 C  CD2 . HIS A 1 195 ? 11.329  5.628   3.239   1.00 24.26  ? 432 HIS A CD2 1 
ATOM   1542 C  CE1 . HIS A 1 195 ? 10.324  4.799   1.470   1.00 27.26  ? 432 HIS A CE1 1 
ATOM   1543 N  NE2 . HIS A 1 195 ? 11.507  5.102   1.983   1.00 28.35  ? 432 HIS A NE2 1 
ATOM   1544 N  N   . GLU A 1 196 ? 10.704  3.373   5.757   1.00 30.09  ? 433 GLU A N   1 
ATOM   1545 C  CA  . GLU A 1 196 ? 11.905  2.755   6.307   1.00 35.73  ? 433 GLU A CA  1 
ATOM   1546 C  C   . GLU A 1 196 ? 13.102  3.687   6.396   1.00 37.08  ? 433 GLU A C   1 
ATOM   1547 O  O   . GLU A 1 196 ? 14.035  3.444   7.164   1.00 38.08  ? 433 GLU A O   1 
ATOM   1548 C  CB  . GLU A 1 196 ? 12.295  1.538   5.465   1.00 40.24  ? 433 GLU A CB  1 
ATOM   1549 C  CG  . GLU A 1 196 ? 13.606  0.880   5.904   1.00 43.22  ? 433 GLU A CG  1 
ATOM   1550 C  CD  . GLU A 1 196 ? 14.126  -0.156  4.918   1.00 43.78  ? 433 GLU A CD  1 
ATOM   1551 O  OE1 . GLU A 1 196 ? 15.122  -0.818  5.260   1.00 46.77  ? 433 GLU A OE1 1 
ATOM   1552 O  OE2 . GLU A 1 196 ? 13.562  -0.304  3.810   1.00 42.05  ? 433 GLU A OE2 1 
ATOM   1553 N  N   . GLY A 1 197 ? 13.079  4.739   5.587   1.00 37.87  ? 434 GLY A N   1 
ATOM   1554 C  CA  . GLY A 1 197 ? 14.176  5.686   5.558   1.00 35.66  ? 434 GLY A CA  1 
ATOM   1555 C  C   . GLY A 1 197 ? 14.103  6.813   6.569   1.00 34.68  ? 434 GLY A C   1 
ATOM   1556 O  O   . GLY A 1 197 ? 15.058  7.568   6.728   1.00 32.98  ? 434 GLY A O   1 
ATOM   1557 N  N   . LEU A 1 198 ? 12.980  6.945   7.262   1.00 34.37  ? 435 LEU A N   1 
ATOM   1558 C  CA  . LEU A 1 198 ? 12.884  8.014   8.252   1.00 35.95  ? 435 LEU A CA  1 
ATOM   1559 C  C   . LEU A 1 198 ? 13.514  7.638   9.588   1.00 39.91  ? 435 LEU A C   1 
ATOM   1560 O  O   . LEU A 1 198 ? 13.684  6.459   9.941   1.00 40.09  ? 435 LEU A O   1 
ATOM   1561 C  CB  . LEU A 1 198 ? 11.436  8.392   8.562   1.00 28.41  ? 435 LEU A CB  1 
ATOM   1562 C  CG  . LEU A 1 198 ? 10.498  8.923   7.484   1.00 32.38  ? 435 LEU A CG  1 
ATOM   1563 C  CD1 . LEU A 1 198 ? 9.095   9.102   8.100   1.00 24.57  ? 435 LEU A CD1 1 
ATOM   1564 C  CD2 . LEU A 1 198 ? 11.059  10.224  6.895   1.00 26.57  ? 435 LEU A CD2 1 
ATOM   1565 N  N   . HIS A 1 199 ? 13.855  8.680   10.329  1.00 42.43  ? 436 HIS A N   1 
ATOM   1566 C  CA  . HIS A 1 199 ? 14.364  8.516   11.664  1.00 43.76  ? 436 HIS A CA  1 
ATOM   1567 C  C   . HIS A 1 199 ? 13.065  8.001   12.354  1.00 41.02  ? 436 HIS A C   1 
ATOM   1568 O  O   . HIS A 1 199 ? 11.970  8.490   12.082  1.00 38.00  ? 436 HIS A O   1 
ATOM   1569 C  CB  . HIS A 1 199 ? 14.809  9.888   12.180  1.00 47.90  ? 436 HIS A CB  1 
ATOM   1570 C  CG  . HIS A 1 199 ? 15.355  9.859   13.565  1.00 57.40  ? 436 HIS A CG  1 
ATOM   1571 N  ND1 . HIS A 1 199 ? 16.435  9.078   13.920  1.00 62.28  ? 436 HIS A ND1 1 
ATOM   1572 C  CD2 . HIS A 1 199 ? 14.950  10.480  14.698  1.00 59.16  ? 436 HIS A CD2 1 
ATOM   1573 C  CE1 . HIS A 1 199 ? 16.669  9.216   15.215  1.00 62.96  ? 436 HIS A CE1 1 
ATOM   1574 N  NE2 . HIS A 1 199 ? 15.782  10.062  15.710  1.00 62.49  ? 436 HIS A NE2 1 
ATOM   1575 N  N   . ASN A 1 200 ? 13.173  6.993   13.204  1.00 38.28  ? 437 ASN A N   1 
ATOM   1576 C  CA  . ASN A 1 200 ? 11.987  6.438   13.850  1.00 40.28  ? 437 ASN A CA  1 
ATOM   1577 C  C   . ASN A 1 200 ? 10.976  5.908   12.840  1.00 41.41  ? 437 ASN A C   1 
ATOM   1578 O  O   . ASN A 1 200 ? 9.838   5.588   13.187  1.00 38.59  ? 437 ASN A O   1 
ATOM   1579 C  CB  . ASN A 1 200 ? 11.344  7.463   14.780  1.00 39.30  ? 437 ASN A CB  1 
ATOM   1580 C  CG  . ASN A 1 200 ? 12.274  7.840   15.924  1.00 46.54  ? 437 ASN A CG  1 
ATOM   1581 O  OD1 . ASN A 1 200 ? 12.953  6.975   16.482  1.00 45.75  ? 437 ASN A OD1 1 
ATOM   1582 N  ND2 . ASN A 1 200 ? 12.323  9.128   16.272  1.00 50.46  ? 437 ASN A ND2 1 
ATOM   1583 N  N   . HIS A 1 201 ? 11.398  5.807   11.582  1.00 40.34  ? 438 HIS A N   1 
ATOM   1584 C  CA  . HIS A 1 201 ? 10.515  5.273   10.567  1.00 40.29  ? 438 HIS A CA  1 
ATOM   1585 C  C   . HIS A 1 201 ? 9.210   6.058   10.392  1.00 41.00  ? 438 HIS A C   1 
ATOM   1586 O  O   . HIS A 1 201 ? 8.323   5.657   9.629   1.00 41.21  ? 438 HIS A O   1 
ATOM   1587 C  CB  . HIS A 1 201 ? 10.182  3.826   10.927  1.00 36.55  ? 438 HIS A CB  1 
ATOM   1588 C  CG  . HIS A 1 201 ? 11.316  2.877   10.715  1.00 37.74  ? 438 HIS A CG  1 
ATOM   1589 N  ND1 . HIS A 1 201 ? 11.349  1.620   11.278  1.00 30.84  ? 438 HIS A ND1 1 
ATOM   1590 C  CD2 . HIS A 1 201 ? 12.454  2.993   9.989   1.00 37.51  ? 438 HIS A CD2 1 
ATOM   1591 C  CE1 . HIS A 1 201 ? 12.456  1.003   10.905  1.00 36.40  ? 438 HIS A CE1 1 
ATOM   1592 N  NE2 . HIS A 1 201 ? 13.146  1.815   10.124  1.00 33.87  ? 438 HIS A NE2 1 
ATOM   1593 N  N   . HIS A 1 202 ? 9.074   7.181   11.070  1.00 39.01  ? 439 HIS A N   1 
ATOM   1594 C  CA  . HIS A 1 202 ? 7.820   7.896   10.943  1.00 41.61  ? 439 HIS A CA  1 
ATOM   1595 C  C   . HIS A 1 202 ? 8.016   9.384   11.164  1.00 42.08  ? 439 HIS A C   1 
ATOM   1596 O  O   . HIS A 1 202 ? 9.033   9.799   11.731  1.00 40.73  ? 439 HIS A O   1 
ATOM   1597 C  CB  . HIS A 1 202 ? 6.824   7.291   11.938  1.00 41.61  ? 439 HIS A CB  1 
ATOM   1598 C  CG  . HIS A 1 202 ? 5.592   8.105   12.150  1.00 46.88  ? 439 HIS A CG  1 
ATOM   1599 N  ND1 . HIS A 1 202 ? 5.511   9.092   13.108  1.00 47.88  ? 439 HIS A ND1 1 
ATOM   1600 C  CD2 . HIS A 1 202 ? 4.370   8.047   11.568  1.00 49.20  ? 439 HIS A CD2 1 
ATOM   1601 C  CE1 . HIS A 1 202 ? 4.292   9.600   13.114  1.00 46.29  ? 439 HIS A CE1 1 
ATOM   1602 N  NE2 . HIS A 1 202 ? 3.579   8.984   12.191  1.00 48.97  ? 439 HIS A NE2 1 
ATOM   1603 N  N   . THR A 1 203 ? 7.060   10.178  10.687  1.00 41.07  ? 440 THR A N   1 
ATOM   1604 C  CA  . THR A 1 203 ? 7.126   11.622  10.833  1.00 41.44  ? 440 THR A CA  1 
ATOM   1605 C  C   . THR A 1 203 ? 5.795   12.300  10.653  1.00 42.58  ? 440 THR A C   1 
ATOM   1606 O  O   . THR A 1 203 ? 4.876   11.777  10.009  1.00 40.46  ? 440 THR A O   1 
ATOM   1607 C  CB  . THR A 1 203 ? 8.112   12.281  9.850   1.00 42.52  ? 440 THR A CB  1 
ATOM   1608 O  OG1 . THR A 1 203 ? 8.457   13.579  10.347  1.00 39.49  ? 440 THR A OG1 1 
ATOM   1609 C  CG2 . THR A 1 203 ? 7.478   12.433  8.465   1.00 41.62  ? 440 THR A CG2 1 
ATOM   1610 N  N   . GLU A 1 204 ? 5.710   13.493  11.225  1.00 45.66  ? 441 GLU A N   1 
ATOM   1611 C  CA  . GLU A 1 204 ? 4.488   14.253  11.162  1.00 51.35  ? 441 GLU A CA  1 
ATOM   1612 C  C   . GLU A 1 204 ? 4.729   15.704  10.855  1.00 54.50  ? 441 GLU A C   1 
ATOM   1613 O  O   . GLU A 1 204 ? 5.734   16.292  11.272  1.00 56.63  ? 441 GLU A O   1 
ATOM   1614 C  CB  . GLU A 1 204 ? 3.720   14.110  12.470  1.00 52.10  ? 441 GLU A CB  1 
ATOM   1615 C  CG  . GLU A 1 204 ? 3.423   12.664  12.810  1.00 53.69  ? 441 GLU A CG  1 
ATOM   1616 C  CD  . GLU A 1 204 ? 2.694   12.510  14.126  1.00 53.99  ? 441 GLU A CD  1 
ATOM   1617 O  OE1 . GLU A 1 204 ? 2.975   13.289  15.060  1.00 53.29  ? 441 GLU A OE1 1 
ATOM   1618 O  OE2 . GLU A 1 204 ? 1.846   11.597  14.223  1.00 57.46  ? 441 GLU A OE2 1 
ATOM   1619 N  N   . LYS A 1 205 ? 3.798   16.253  10.080  1.00 57.22  ? 442 LYS A N   1 
ATOM   1620 C  CA  . LYS A 1 205 ? 3.806   17.650  9.680   1.00 58.79  ? 442 LYS A CA  1 
ATOM   1621 C  C   . LYS A 1 205 ? 2.353   18.084  9.804   1.00 58.38  ? 442 LYS A C   1 
ATOM   1622 O  O   . LYS A 1 205 ? 1.457   17.377  9.353   1.00 55.35  ? 442 LYS A O   1 
ATOM   1623 C  CB  . LYS A 1 205 ? 4.273   17.786  8.234   1.00 59.58  ? 442 LYS A CB  1 
ATOM   1624 C  CG  . LYS A 1 205 ? 5.619   17.146  7.958   1.00 61.43  ? 442 LYS A CG  1 
ATOM   1625 C  CD  . LYS A 1 205 ? 6.746   17.825  8.715   1.00 63.03  ? 442 LYS A CD  1 
ATOM   1626 C  CE  . LYS A 1 205 ? 8.102   17.284  8.270   1.00 63.24  ? 442 LYS A CE  1 
ATOM   1627 N  NZ  . LYS A 1 205 ? 9.227   17.952  8.979   1.00 64.95  ? 442 LYS A NZ  1 
ATOM   1628 N  N   . SER A 1 206 ? 2.103   19.225  10.435  1.00 61.26  ? 443 SER A N   1 
ATOM   1629 C  CA  . SER A 1 206 ? 0.720   19.662  10.566  1.00 63.02  ? 443 SER A CA  1 
ATOM   1630 C  C   . SER A 1 206 ? 0.440   21.056  10.014  1.00 63.36  ? 443 SER A C   1 
ATOM   1631 O  O   . SER A 1 206 ? 1.346   21.881  9.868   1.00 62.72  ? 443 SER A O   1 
ATOM   1632 C  CB  . SER A 1 206 ? 0.281   19.544  12.019  1.00 62.67  ? 443 SER A CB  1 
ATOM   1633 O  OG  . SER A 1 206 ? 0.360   18.193  12.427  1.00 60.82  ? 443 SER A OG  1 
ATOM   1634 N  N   . LEU A 1 207 ? -0.830  21.284  9.684   1.00 65.66  ? 444 LEU A N   1 
ATOM   1635 C  CA  . LEU A 1 207 ? -1.300  22.546  9.115   1.00 67.18  ? 444 LEU A CA  1 
ATOM   1636 C  C   . LEU A 1 207 ? -2.552  23.074  9.788   1.00 67.58  ? 444 LEU A C   1 
ATOM   1637 O  O   . LEU A 1 207 ? -3.397  22.314  10.283  1.00 68.22  ? 444 LEU A O   1 
ATOM   1638 C  CB  . LEU A 1 207 ? -1.676  22.396  7.634   1.00 67.94  ? 444 LEU A CB  1 
ATOM   1639 C  CG  . LEU A 1 207 ? -0.742  22.340  6.429   1.00 68.40  ? 444 LEU A CG  1 
ATOM   1640 C  CD1 . LEU A 1 207 ? -1.620  22.336  5.190   1.00 69.83  ? 444 LEU A CD1 1 
ATOM   1641 C  CD2 . LEU A 1 207 ? 0.196   23.528  6.386   1.00 70.30  ? 444 LEU A CD2 1 
ATOM   1642 N  N   . SER A 1 208 ? -2.654  24.399  9.725   1.00 68.20  ? 445 SER A N   1 
ATOM   1643 C  CA  . SER A 1 208 ? -3.762  25.221  10.220  1.00 65.21  ? 445 SER A CA  1 
ATOM   1644 C  C   . SER A 1 208 ? -3.357  26.671  9.848   1.00 64.07  ? 445 SER A C   1 
ATOM   1645 O  O   . SER A 1 208 ? -2.137  26.880  9.625   1.00 59.58  ? 445 SER A O   1 
ATOM   1646 C  CB  . SER A 1 208 ? -3.951  25.055  11.744  1.00 64.56  ? 445 SER A CB  1 
ATOM   1647 O  OG  . SER A 1 208 ? -5.034  24.173  12.055  1.00 57.34  ? 445 SER A OG  1 
HETATM 1648 MG MG  . MG  B 2 .   ? -24.578 -11.738 -9.546  1.00 44.26  ? 1   MG  A MG  1 
HETATM 1649 CL CL  . CL  C 3 .   ? 7.567   2.661   14.292  0.50 97.10  ? 2   CL  A CL  1 
HETATM 1650 O  O   . HOH D 4 .   ? 2.838   10.225  -7.119  1.00 21.18  ? 3   HOH A O   1 
HETATM 1651 O  O   . HOH D 4 .   ? 11.466  -8.866  0.270   1.00 32.88  ? 4   HOH A O   1 
HETATM 1652 O  O   . HOH D 4 .   ? -0.530  4.881   2.392   1.00 32.82  ? 5   HOH A O   1 
HETATM 1653 O  O   . HOH D 4 .   ? 11.542  16.313  -5.546  1.00 56.57  ? 6   HOH A O   1 
HETATM 1654 O  O   . HOH D 4 .   ? 9.829   0.070   12.924  1.00 33.09  ? 7   HOH A O   1 
HETATM 1655 O  O   . HOH D 4 .   ? 5.638   -8.647  -8.713  1.00 27.70  ? 8   HOH A O   1 
HETATM 1656 O  O   . HOH D 4 .   ? 8.575   -14.207 6.666   1.00 27.35  ? 9   HOH A O   1 
HETATM 1657 O  O   . HOH D 4 .   ? -1.793  27.262  -1.613  1.00 47.55  ? 10  HOH A O   1 
HETATM 1658 O  O   . HOH D 4 .   ? 10.897  -9.657  15.681  1.00 34.84  ? 11  HOH A O   1 
HETATM 1659 O  O   . HOH D 4 .   ? 11.320  -0.003  2.765   1.00 34.48  ? 12  HOH A O   1 
HETATM 1660 O  O   . HOH D 4 .   ? 14.731  -4.724  -6.793  1.00 34.65  ? 13  HOH A O   1 
HETATM 1661 O  O   . HOH D 4 .   ? -3.212  -5.273  6.736   1.00 43.87  ? 14  HOH A O   1 
HETATM 1662 O  O   . HOH D 4 .   ? 10.327  -17.392 -2.985  1.00 36.95  ? 15  HOH A O   1 
HETATM 1663 O  O   . HOH D 4 .   ? 16.958  -8.680  10.753  1.00 34.61  ? 16  HOH A O   1 
HETATM 1664 O  O   . HOH D 4 .   ? 3.809   2.310   -1.486  1.00 38.51  ? 17  HOH A O   1 
HETATM 1665 O  O   . HOH D 4 .   ? 15.963  -13.633 -2.398  1.00 42.04  ? 18  HOH A O   1 
HETATM 1666 O  O   . HOH D 4 .   ? -3.403  5.378   -0.185  1.00 45.46  ? 19  HOH A O   1 
HETATM 1667 O  O   . HOH D 4 .   ? -6.972  -18.878 -17.348 1.00 55.98  ? 20  HOH A O   1 
HETATM 1668 O  O   . HOH D 4 .   ? 7.484   -0.902  4.108   1.00 41.73  ? 21  HOH A O   1 
HETATM 1669 O  O   . HOH D 4 .   ? 10.785  11.315  12.576  1.00 40.01  ? 22  HOH A O   1 
HETATM 1670 O  O   . HOH D 4 .   ? -8.340  28.719  13.822  1.00 46.51  ? 23  HOH A O   1 
HETATM 1671 O  O   . HOH D 4 .   ? -5.502  -10.945 7.938   1.00 47.25  ? 24  HOH A O   1 
HETATM 1672 O  O   . HOH D 4 .   ? 9.510   -23.524 -7.107  1.00 45.75  ? 25  HOH A O   1 
HETATM 1673 O  O   . HOH D 4 .   ? -5.693  6.874   -1.485  1.00 46.56  ? 26  HOH A O   1 
HETATM 1674 O  O   . HOH D 4 .   ? -15.370 17.936  6.044   1.00 38.73  ? 27  HOH A O   1 
HETATM 1675 O  O   . HOH D 4 .   ? -4.803  8.130   9.912   1.00 52.51  ? 28  HOH A O   1 
HETATM 1676 O  O   . HOH D 4 .   ? -14.117 20.927  16.553  1.00 57.09  ? 29  HOH A O   1 
HETATM 1677 O  O   . HOH D 4 .   ? 18.605  4.279   -3.807  1.00 38.74  ? 30  HOH A O   1 
HETATM 1678 O  O   . HOH D 4 .   ? 14.866  -10.849 -3.530  1.00 40.39  ? 31  HOH A O   1 
HETATM 1679 O  O   . HOH D 4 .   ? -6.024  30.687  12.270  1.00 59.22  ? 32  HOH A O   1 
HETATM 1680 O  O   . HOH D 4 .   ? -2.434  -14.487 10.301  1.00 60.31  ? 33  HOH A O   1 
HETATM 1681 O  O   . HOH D 4 .   ? 0.365   -6.403  5.144   1.00 35.03  ? 34  HOH A O   1 
HETATM 1682 O  O   . HOH D 4 .   ? 9.156   -2.147  2.342   1.00 56.44  ? 35  HOH A O   1 
HETATM 1683 O  O   . HOH D 4 .   ? 16.400  -0.842  -7.396  1.00 43.68  ? 36  HOH A O   1 
HETATM 1684 O  O   . HOH D 4 .   ? -10.987 -21.836 -0.845  1.00 53.02  ? 37  HOH A O   1 
HETATM 1685 O  O   . HOH D 4 .   ? -2.270  -8.132  7.962   1.00 67.88  ? 38  HOH A O   1 
HETATM 1686 O  O   . HOH D 4 .   ? 14.546  -18.439 -7.897  1.00 51.37  ? 39  HOH A O   1 
HETATM 1687 O  O   . HOH D 4 .   ? 3.701   21.102  9.342   1.00 49.34  ? 40  HOH A O   1 
HETATM 1688 O  O   . HOH D 4 .   ? 15.411  -0.898  -0.893  1.00 37.15  ? 41  HOH A O   1 
HETATM 1689 O  O   . HOH D 4 .   ? 17.021  -20.979 -0.083  1.00 45.45  ? 42  HOH A O   1 
HETATM 1690 O  O   . HOH D 4 .   ? 16.063  -5.839  10.202  1.00 47.01  ? 43  HOH A O   1 
HETATM 1691 O  O   . HOH D 4 .   ? 4.631   19.813  11.760  1.00 50.85  ? 44  HOH A O   1 
HETATM 1692 O  O   . HOH D 4 .   ? -2.305  -5.959  10.798  1.00 41.98  ? 45  HOH A O   1 
HETATM 1693 O  O   . HOH D 4 .   ? -6.113  6.802   8.059   1.00 40.88  ? 46  HOH A O   1 
HETATM 1694 O  O   . HOH D 4 .   ? -3.238  -19.342 1.133   1.00 43.20  ? 47  HOH A O   1 
HETATM 1695 O  O   . HOH D 4 .   ? -5.614  18.399  17.898  1.00 69.62  ? 48  HOH A O   1 
HETATM 1696 O  O   . HOH D 4 .   ? 9.318   1.792   3.834   1.00 47.75  ? 49  HOH A O   1 
HETATM 1697 O  O   . HOH D 4 .   ? 16.367  5.128   8.637   1.00 59.81  ? 50  HOH A O   1 
HETATM 1698 O  O   . HOH D 4 .   ? -1.421  -7.500  13.921  1.00 57.00  ? 51  HOH A O   1 
HETATM 1699 O  O   . HOH D 4 .   ? -9.298  -19.611 -12.779 1.00 68.23  ? 52  HOH A O   1 
HETATM 1700 O  O   . HOH D 4 .   ? -9.136  6.318   8.776   1.00 49.56  ? 53  HOH A O   1 
HETATM 1701 O  O   . HOH D 4 .   ? 3.002   17.465  14.216  1.00 62.89  ? 54  HOH A O   1 
HETATM 1702 O  O   . HOH D 4 .   ? 18.206  8.718   3.478   1.00 46.96  ? 55  HOH A O   1 
HETATM 1703 O  O   . HOH D 4 .   ? -8.330  19.982  19.274  1.00 57.67  ? 56  HOH A O   1 
HETATM 1704 O  O   . HOH D 4 .   ? -11.563 12.167  6.723   1.00 54.20  ? 57  HOH A O   1 
HETATM 1705 O  O   . HOH D 4 .   ? 3.801   -0.328  -1.329  1.00 49.97  ? 58  HOH A O   1 
HETATM 1706 O  O   . HOH D 4 .   ? 14.452  -24.394 -1.611  1.00 75.28  ? 59  HOH A O   1 
HETATM 1707 O  O   . HOH D 4 .   ? -18.716 -15.365 -13.572 1.00 77.90  ? 60  HOH A O   1 
HETATM 1708 O  O   . HOH D 4 .   ? 12.735  18.499  -1.779  1.00 45.42  ? 61  HOH A O   1 
HETATM 1709 O  O   . HOH D 4 .   ? -14.386 10.372  2.733   1.00 71.18  ? 62  HOH A O   1 
HETATM 1710 O  O   . HOH D 4 .   ? 18.123  -3.054  -1.181  1.00 32.21  ? 452 HOH A O   1 
HETATM 1711 O  O   . HOH D 4 .   ? 15.841  1.342   9.125   1.00 40.18  ? 453 HOH A O   1 
# 
